data_4HIO
# 
_entry.id   4HIO 
# 
_audit_conform.dict_name       mmcif_pdbx.dic 
_audit_conform.dict_version    5.379 
_audit_conform.dict_location   http://mmcif.pdb.org/dictionaries/ascii/mmcif_pdbx.dic 
# 
loop_
_database_2.database_id 
_database_2.database_code 
_database_2.pdbx_database_accession 
_database_2.pdbx_DOI 
PDB   4HIO         pdb_00004hio 10.2210/pdb4hio/pdb 
NDB   NA2080       ?            ?                   
RCSB  RCSB075514   ?            ?                   
WWPDB D_1000075514 ?            ?                   
# 
loop_
_pdbx_database_related.db_name 
_pdbx_database_related.db_id 
_pdbx_database_related.details 
_pdbx_database_related.content_type 
PDB 4HIM 'The same protein bound to a different ssDNA sequence' unspecified 
PDB 4HIK 'The same protein bound to a different ssDNA sequence' unspecified 
PDB 4HID 'The same protein bound to a different ssDNA sequence' unspecified 
PDB 4HJ5 'The same protein bound to a different ssDNA sequence' unspecified 
PDB 4HJ7 'The same protein bound to a different ssDNA sequence' unspecified 
PDB 4HJ8 'The same protein bound to a different ssDNA sequence' unspecified 
PDB 4HJ9 'The same protein bound to a different ssDNA sequence' unspecified 
PDB 4HJA 'The same protein bound to a different ssDNA sequence' unspecified 
# 
_pdbx_database_status.entry_id                        4HIO 
_pdbx_database_status.status_code                     REL 
_pdbx_database_status.deposit_site                    RCSB 
_pdbx_database_status.process_site                    RCSB 
_pdbx_database_status.recvd_initial_deposition_date   2012-10-11 
_pdbx_database_status.status_code_sf                  REL 
_pdbx_database_status.status_code_mr                  ? 
_pdbx_database_status.SG_entry                        ? 
_pdbx_database_status.status_code_cs                  ? 
_pdbx_database_status.methods_development_category    ? 
_pdbx_database_status.pdb_format_compatible           Y 
_pdbx_database_status.status_code_nmr_data            ? 
# 
loop_
_audit_author.name 
_audit_author.pdbx_ordinal 
'Dickey, T.H.'    1 
'McKercher, M.A.' 2 
'Wuttke, D.S.'    3 
# 
_citation.id                        primary 
_citation.title                     'Nonspecific Recognition Is Achieved in Pot1pC through the Use of Multiple Binding Modes.' 
_citation.journal_abbrev            Structure 
_citation.journal_volume            21 
_citation.page_first                121 
_citation.page_last                 132 
_citation.year                      2013 
_citation.journal_id_ASTM           STRUE6 
_citation.country                   UK 
_citation.journal_id_ISSN           0969-2126 
_citation.journal_id_CSD            2005 
_citation.book_publisher            ? 
_citation.pdbx_database_id_PubMed   23201273 
_citation.pdbx_database_id_DOI      10.1016/j.str.2012.10.015 
# 
loop_
_citation_author.citation_id 
_citation_author.name 
_citation_author.ordinal 
_citation_author.identifier_ORCID 
primary 'Dickey, T.H.'    1 ? 
primary 'McKercher, M.A.' 2 ? 
primary 'Wuttke, D.S.'    3 ? 
# 
_cell.length_a           41.340 
_cell.length_b           59.866 
_cell.length_c           66.282 
_cell.angle_alpha        90.000 
_cell.angle_beta         90.000 
_cell.angle_gamma        90.000 
_cell.entry_id           4HIO 
_cell.pdbx_unique_axis   ? 
_cell.Z_PDB              4 
_cell.length_a_esd       ? 
_cell.length_b_esd       ? 
_cell.length_c_esd       ? 
_cell.angle_alpha_esd    ? 
_cell.angle_beta_esd     ? 
_cell.angle_gamma_esd    ? 
# 
_symmetry.space_group_name_H-M             'P 21 21 21' 
_symmetry.entry_id                         4HIO 
_symmetry.Int_Tables_number                19 
_symmetry.pdbx_full_space_group_name_H-M   ? 
_symmetry.cell_setting                     ? 
_symmetry.space_group_name_Hall            ? 
# 
loop_
_entity.id 
_entity.type 
_entity.src_method 
_entity.pdbx_description 
_entity.formula_weight 
_entity.pdbx_number_of_molecules 
_entity.pdbx_ec 
_entity.pdbx_mutation 
_entity.pdbx_fragment 
_entity.details 
1 polymer man 'Protection of telomeres protein 1'         17182.414 1   ? V199D 
'Pot1pC, partial DNA binding domain, residues 198-339' ?                                            
2 polymer syn 
;DNA (5'-D(*GP*GP*TP*AP*AP*CP*GP*GP*T)-3')
;
2795.847  1   ? ?     ?                                                      'telomeric single-stranded DNA, T4A variant' 
3 water   nat water                                       18.015    192 ? ?     ? ?                                            
# 
loop_
_entity_poly.entity_id 
_entity_poly.type 
_entity_poly.nstd_linkage 
_entity_poly.nstd_monomer 
_entity_poly.pdbx_seq_one_letter_code 
_entity_poly.pdbx_seq_one_letter_code_can 
_entity_poly.pdbx_strand_id 
_entity_poly.pdbx_target_identifier 
1 'polypeptide(L)'        no no 
;MSDSFSLLSQITPHQRCSFYAQVIKTWYSDKNFTLYVTDYTENELFFPMSPYTSSSRWRGPFGRFSIRCILWDEHDFYCR
NYIKEGDYVVMKNVRTKIDHLGYLECILHGDSAKRYNMSIEKVDSEEPELNEIKSRKRLYVQN
;
;MSDSFSLLSQITPHQRCSFYAQVIKTWYSDKNFTLYVTDYTENELFFPMSPYTSSSRWRGPFGRFSIRCILWDEHDFYCR
NYIKEGDYVVMKNVRTKIDHLGYLECILHGDSAKRYNMSIEKVDSEEPELNEIKSRKRLYVQN
;
A ? 
2 polydeoxyribonucleotide no no '(DG)(DG)(DT)(DA)(DA)(DC)(DG)(DG)(DT)' GGTAACGGT B ? 
# 
loop_
_entity_poly_seq.entity_id 
_entity_poly_seq.num 
_entity_poly_seq.mon_id 
_entity_poly_seq.hetero 
1 1   MET n 
1 2   SER n 
1 3   ASP n 
1 4   SER n 
1 5   PHE n 
1 6   SER n 
1 7   LEU n 
1 8   LEU n 
1 9   SER n 
1 10  GLN n 
1 11  ILE n 
1 12  THR n 
1 13  PRO n 
1 14  HIS n 
1 15  GLN n 
1 16  ARG n 
1 17  CYS n 
1 18  SER n 
1 19  PHE n 
1 20  TYR n 
1 21  ALA n 
1 22  GLN n 
1 23  VAL n 
1 24  ILE n 
1 25  LYS n 
1 26  THR n 
1 27  TRP n 
1 28  TYR n 
1 29  SER n 
1 30  ASP n 
1 31  LYS n 
1 32  ASN n 
1 33  PHE n 
1 34  THR n 
1 35  LEU n 
1 36  TYR n 
1 37  VAL n 
1 38  THR n 
1 39  ASP n 
1 40  TYR n 
1 41  THR n 
1 42  GLU n 
1 43  ASN n 
1 44  GLU n 
1 45  LEU n 
1 46  PHE n 
1 47  PHE n 
1 48  PRO n 
1 49  MET n 
1 50  SER n 
1 51  PRO n 
1 52  TYR n 
1 53  THR n 
1 54  SER n 
1 55  SER n 
1 56  SER n 
1 57  ARG n 
1 58  TRP n 
1 59  ARG n 
1 60  GLY n 
1 61  PRO n 
1 62  PHE n 
1 63  GLY n 
1 64  ARG n 
1 65  PHE n 
1 66  SER n 
1 67  ILE n 
1 68  ARG n 
1 69  CYS n 
1 70  ILE n 
1 71  LEU n 
1 72  TRP n 
1 73  ASP n 
1 74  GLU n 
1 75  HIS n 
1 76  ASP n 
1 77  PHE n 
1 78  TYR n 
1 79  CYS n 
1 80  ARG n 
1 81  ASN n 
1 82  TYR n 
1 83  ILE n 
1 84  LYS n 
1 85  GLU n 
1 86  GLY n 
1 87  ASP n 
1 88  TYR n 
1 89  VAL n 
1 90  VAL n 
1 91  MET n 
1 92  LYS n 
1 93  ASN n 
1 94  VAL n 
1 95  ARG n 
1 96  THR n 
1 97  LYS n 
1 98  ILE n 
1 99  ASP n 
1 100 HIS n 
1 101 LEU n 
1 102 GLY n 
1 103 TYR n 
1 104 LEU n 
1 105 GLU n 
1 106 CYS n 
1 107 ILE n 
1 108 LEU n 
1 109 HIS n 
1 110 GLY n 
1 111 ASP n 
1 112 SER n 
1 113 ALA n 
1 114 LYS n 
1 115 ARG n 
1 116 TYR n 
1 117 ASN n 
1 118 MET n 
1 119 SER n 
1 120 ILE n 
1 121 GLU n 
1 122 LYS n 
1 123 VAL n 
1 124 ASP n 
1 125 SER n 
1 126 GLU n 
1 127 GLU n 
1 128 PRO n 
1 129 GLU n 
1 130 LEU n 
1 131 ASN n 
1 132 GLU n 
1 133 ILE n 
1 134 LYS n 
1 135 SER n 
1 136 ARG n 
1 137 LYS n 
1 138 ARG n 
1 139 LEU n 
1 140 TYR n 
1 141 VAL n 
1 142 GLN n 
1 143 ASN n 
2 1   DG  n 
2 2   DG  n 
2 3   DT  n 
2 4   DA  n 
2 5   DA  n 
2 6   DC  n 
2 7   DG  n 
2 8   DG  n 
2 9   DT  n 
# 
_entity_src_gen.entity_id                          1 
_entity_src_gen.pdbx_src_id                        1 
_entity_src_gen.pdbx_alt_source_flag               sample 
_entity_src_gen.pdbx_seq_type                      ? 
_entity_src_gen.pdbx_beg_seq_num                   ? 
_entity_src_gen.pdbx_end_seq_num                   ? 
_entity_src_gen.gene_src_common_name               'Fission yeast' 
_entity_src_gen.gene_src_genus                     ? 
_entity_src_gen.pdbx_gene_src_gene                 'pot1, SPAC26H5.06' 
_entity_src_gen.gene_src_species                   ? 
_entity_src_gen.gene_src_strain                    972h- 
_entity_src_gen.gene_src_tissue                    ? 
_entity_src_gen.gene_src_tissue_fraction           ? 
_entity_src_gen.gene_src_details                   ? 
_entity_src_gen.pdbx_gene_src_fragment             ? 
_entity_src_gen.pdbx_gene_src_scientific_name      'Schizosaccharomyces pombe' 
_entity_src_gen.pdbx_gene_src_ncbi_taxonomy_id     284812 
_entity_src_gen.pdbx_gene_src_variant              ? 
_entity_src_gen.pdbx_gene_src_cell_line            ? 
_entity_src_gen.pdbx_gene_src_atcc                 ? 
_entity_src_gen.pdbx_gene_src_organ                ? 
_entity_src_gen.pdbx_gene_src_organelle            ? 
_entity_src_gen.pdbx_gene_src_cell                 ? 
_entity_src_gen.pdbx_gene_src_cellular_location    ? 
_entity_src_gen.host_org_common_name               ? 
_entity_src_gen.pdbx_host_org_scientific_name      'Escherichia coli' 
_entity_src_gen.pdbx_host_org_ncbi_taxonomy_id     469008 
_entity_src_gen.host_org_genus                     ? 
_entity_src_gen.pdbx_host_org_gene                 ? 
_entity_src_gen.pdbx_host_org_organ                ? 
_entity_src_gen.host_org_species                   ? 
_entity_src_gen.pdbx_host_org_tissue               ? 
_entity_src_gen.pdbx_host_org_tissue_fraction      ? 
_entity_src_gen.pdbx_host_org_strain               'BL21 (DE3)' 
_entity_src_gen.pdbx_host_org_variant              ? 
_entity_src_gen.pdbx_host_org_cell_line            ? 
_entity_src_gen.pdbx_host_org_atcc                 ? 
_entity_src_gen.pdbx_host_org_culture_collection   ? 
_entity_src_gen.pdbx_host_org_cell                 ? 
_entity_src_gen.pdbx_host_org_organelle            ? 
_entity_src_gen.pdbx_host_org_cellular_location    ? 
_entity_src_gen.pdbx_host_org_vector_type          plasmid 
_entity_src_gen.pdbx_host_org_vector               ? 
_entity_src_gen.host_org_details                   ? 
_entity_src_gen.expression_system_id               ? 
_entity_src_gen.plasmid_name                       pTXB1 
_entity_src_gen.plasmid_details                    ? 
_entity_src_gen.pdbx_description                   ? 
# 
_pdbx_entity_src_syn.entity_id              2 
_pdbx_entity_src_syn.pdbx_src_id            1 
_pdbx_entity_src_syn.pdbx_alt_source_flag   sample 
_pdbx_entity_src_syn.pdbx_beg_seq_num       ? 
_pdbx_entity_src_syn.pdbx_end_seq_num       ? 
_pdbx_entity_src_syn.organism_scientific    'Schizosaccharomyces pombe' 
_pdbx_entity_src_syn.organism_common_name   ? 
_pdbx_entity_src_syn.ncbi_taxonomy_id       284812 
_pdbx_entity_src_syn.details                ? 
# 
loop_
_struct_ref.id 
_struct_ref.db_name 
_struct_ref.db_code 
_struct_ref.pdbx_db_accession 
_struct_ref.entity_id 
_struct_ref.pdbx_seq_one_letter_code 
_struct_ref.pdbx_align_begin 
_struct_ref.pdbx_db_isoform 
1 UNP POT1_SCHPO O13988 1 
;SVSFSLLSQITPHQRCSFYAQVIKTWYSDKNFTLYVTDYTENELFFPMSPYTSSSRWRGPFGRFSIRCILWDEHDFYCRN
YIKEGDYVVMKNVRTKIDHLGYLECILHGDSAKRYNMSIEKVDSEEPELNEIKSRKRLYVQN
;
198 ? 
2 PDB 4HIO       4HIO   2 ? ?   ? 
# 
loop_
_struct_ref_seq.align_id 
_struct_ref_seq.ref_id 
_struct_ref_seq.pdbx_PDB_id_code 
_struct_ref_seq.pdbx_strand_id 
_struct_ref_seq.seq_align_beg 
_struct_ref_seq.pdbx_seq_align_beg_ins_code 
_struct_ref_seq.seq_align_end 
_struct_ref_seq.pdbx_seq_align_end_ins_code 
_struct_ref_seq.pdbx_db_accession 
_struct_ref_seq.db_align_beg 
_struct_ref_seq.pdbx_db_align_beg_ins_code 
_struct_ref_seq.db_align_end 
_struct_ref_seq.pdbx_db_align_end_ins_code 
_struct_ref_seq.pdbx_auth_seq_align_beg 
_struct_ref_seq.pdbx_auth_seq_align_end 
1 1 4HIO A 2 ? 143 ? O13988 198 ? 339 ? 2 143 
2 2 4HIO B 1 ? 9   ? 4HIO   1   ? 9   ? 1 9   
# 
loop_
_struct_ref_seq_dif.align_id 
_struct_ref_seq_dif.pdbx_pdb_id_code 
_struct_ref_seq_dif.mon_id 
_struct_ref_seq_dif.pdbx_pdb_strand_id 
_struct_ref_seq_dif.seq_num 
_struct_ref_seq_dif.pdbx_pdb_ins_code 
_struct_ref_seq_dif.pdbx_seq_db_name 
_struct_ref_seq_dif.pdbx_seq_db_accession_code 
_struct_ref_seq_dif.db_mon_id 
_struct_ref_seq_dif.pdbx_seq_db_seq_num 
_struct_ref_seq_dif.details 
_struct_ref_seq_dif.pdbx_auth_seq_num 
_struct_ref_seq_dif.pdbx_ordinal 
1 4HIO MET A 1 ? UNP O13988 ?   ?   'expression tag'      1 1 
1 4HIO ASP A 3 ? UNP O13988 VAL 199 'engineered mutation' 3 2 
# 
loop_
_chem_comp.id 
_chem_comp.type 
_chem_comp.mon_nstd_flag 
_chem_comp.name 
_chem_comp.pdbx_synonyms 
_chem_comp.formula 
_chem_comp.formula_weight 
ALA 'L-peptide linking' y ALANINE                              ? 'C3 H7 N O2'      89.093  
ARG 'L-peptide linking' y ARGININE                             ? 'C6 H15 N4 O2 1'  175.209 
ASN 'L-peptide linking' y ASPARAGINE                           ? 'C4 H8 N2 O3'     132.118 
ASP 'L-peptide linking' y 'ASPARTIC ACID'                      ? 'C4 H7 N O4'      133.103 
CYS 'L-peptide linking' y CYSTEINE                             ? 'C3 H7 N O2 S'    121.158 
DA  'DNA linking'       y "2'-DEOXYADENOSINE-5'-MONOPHOSPHATE" ? 'C10 H14 N5 O6 P' 331.222 
DC  'DNA linking'       y "2'-DEOXYCYTIDINE-5'-MONOPHOSPHATE"  ? 'C9 H14 N3 O7 P'  307.197 
DG  'DNA linking'       y "2'-DEOXYGUANOSINE-5'-MONOPHOSPHATE" ? 'C10 H14 N5 O7 P' 347.221 
DT  'DNA linking'       y "THYMIDINE-5'-MONOPHOSPHATE"         ? 'C10 H15 N2 O8 P' 322.208 
GLN 'L-peptide linking' y GLUTAMINE                            ? 'C5 H10 N2 O3'    146.144 
GLU 'L-peptide linking' y 'GLUTAMIC ACID'                      ? 'C5 H9 N O4'      147.129 
GLY 'peptide linking'   y GLYCINE                              ? 'C2 H5 N O2'      75.067  
HIS 'L-peptide linking' y HISTIDINE                            ? 'C6 H10 N3 O2 1'  156.162 
HOH non-polymer         . WATER                                ? 'H2 O'            18.015  
ILE 'L-peptide linking' y ISOLEUCINE                           ? 'C6 H13 N O2'     131.173 
LEU 'L-peptide linking' y LEUCINE                              ? 'C6 H13 N O2'     131.173 
LYS 'L-peptide linking' y LYSINE                               ? 'C6 H15 N2 O2 1'  147.195 
MET 'L-peptide linking' y METHIONINE                           ? 'C5 H11 N O2 S'   149.211 
PHE 'L-peptide linking' y PHENYLALANINE                        ? 'C9 H11 N O2'     165.189 
PRO 'L-peptide linking' y PROLINE                              ? 'C5 H9 N O2'      115.130 
SER 'L-peptide linking' y SERINE                               ? 'C3 H7 N O3'      105.093 
THR 'L-peptide linking' y THREONINE                            ? 'C4 H9 N O3'      119.119 
TRP 'L-peptide linking' y TRYPTOPHAN                           ? 'C11 H12 N2 O2'   204.225 
TYR 'L-peptide linking' y TYROSINE                             ? 'C9 H11 N O3'     181.189 
VAL 'L-peptide linking' y VALINE                               ? 'C5 H11 N O2'     117.146 
# 
_exptl.crystals_number   1 
_exptl.entry_id          4HIO 
_exptl.method            'X-RAY DIFFRACTION' 
# 
_exptl_crystal.id                    1 
_exptl_crystal.density_Matthews      2.05 
_exptl_crystal.density_meas          ? 
_exptl_crystal.density_percent_sol   40.08 
_exptl_crystal.description           ? 
_exptl_crystal.F_000                 ? 
_exptl_crystal.preparation           ? 
# 
_exptl_crystal_grow.crystal_id      1 
_exptl_crystal_grow.method          'VAPOR DIFFUSION, HANGING DROP' 
_exptl_crystal_grow.pH              7 
_exptl_crystal_grow.temp            290 
_exptl_crystal_grow.pdbx_details    '30% PEG 6000, 0.2M sodium formate, pH 7, VAPOR DIFFUSION, HANGING DROP, temperature 290K' 
_exptl_crystal_grow.temp_details    ? 
_exptl_crystal_grow.pdbx_pH_range   ? 
# 
_diffrn.id                     1 
_diffrn.ambient_temp           100 
_diffrn.ambient_temp_details   ? 
_diffrn.crystal_id             1 
# 
_diffrn_detector.diffrn_id              1 
_diffrn_detector.detector               'IMAGE PLATE' 
_diffrn_detector.type                   'RIGAKU RAXIS IV++' 
_diffrn_detector.pdbx_collection_date   2012-01-04 
_diffrn_detector.details                ? 
# 
_diffrn_radiation.diffrn_id                        1 
_diffrn_radiation.pdbx_diffrn_protocol             'SINGLE WAVELENGTH' 
_diffrn_radiation.monochromator                    'osmic mirrors' 
_diffrn_radiation.wavelength_id                    1 
_diffrn_radiation.pdbx_monochromatic_or_laue_m_l   M 
_diffrn_radiation.pdbx_scattering_type             x-ray 
# 
_diffrn_radiation_wavelength.id           1 
_diffrn_radiation_wavelength.wavelength   1.54 
_diffrn_radiation_wavelength.wt           1.0 
# 
_diffrn_source.diffrn_id                   1 
_diffrn_source.source                      'ROTATING ANODE' 
_diffrn_source.type                        'RIGAKU RUH2R' 
_diffrn_source.pdbx_wavelength_list        1.54 
_diffrn_source.pdbx_wavelength             ? 
_diffrn_source.pdbx_synchrotron_site       ? 
_diffrn_source.pdbx_synchrotron_beamline   ? 
# 
_reflns.entry_id                     4HIO 
_reflns.d_resolution_high            1.7530 
_reflns.d_resolution_low             50.000 
_reflns.number_obs                   16782 
_reflns.pdbx_Rmerge_I_obs            0.057 
_reflns.pdbx_netI_over_sigmaI        12.000 
_reflns.pdbx_chi_squared             1.060 
_reflns.pdbx_redundancy              3.300 
_reflns.percent_possible_obs         98.500 
_reflns.observed_criterion_sigma_F   -3 
_reflns.observed_criterion_sigma_I   -3 
_reflns.number_all                   17039 
_reflns.pdbx_Rsym_value              ? 
_reflns.B_iso_Wilson_estimate        ? 
_reflns.R_free_details               ? 
_reflns.limit_h_max                  ? 
_reflns.limit_h_min                  ? 
_reflns.limit_k_max                  ? 
_reflns.limit_k_min                  ? 
_reflns.limit_l_max                  ? 
_reflns.limit_l_min                  ? 
_reflns.observed_criterion_F_max     ? 
_reflns.observed_criterion_F_min     ? 
_reflns.pdbx_scaling_rejects         ? 
_reflns.pdbx_ordinal                 1 
_reflns.pdbx_diffrn_id               1 
# 
loop_
_reflns_shell.d_res_high 
_reflns_shell.d_res_low 
_reflns_shell.number_measured_obs 
_reflns_shell.number_measured_all 
_reflns_shell.number_unique_obs 
_reflns_shell.Rmerge_I_obs 
_reflns_shell.meanI_over_sigI_obs 
_reflns_shell.pdbx_Rsym_value 
_reflns_shell.pdbx_chi_squared 
_reflns_shell.pdbx_redundancy 
_reflns_shell.percent_possible_obs 
_reflns_shell.number_unique_all 
_reflns_shell.percent_possible_all 
_reflns_shell.pdbx_ordinal 
_reflns_shell.pdbx_diffrn_id 
1.760 1.820  ? ? ? 0.366 ? ? 0.660 3.000 ? 1610 95.700 1  1 
1.820 1.900  ? ? ? 0.255 ? ? 0.721 3.300 ? 1629 97.900 2  1 
1.900 1.980  ? ? ? 0.175 ? ? 0.762 3.300 ? 1627 98.200 3  1 
1.980 2.090  ? ? ? 0.118 ? ? 0.821 3.300 ? 1647 98.200 4  1 
2.090 2.220  ? ? ? 0.102 ? ? 0.903 3.300 ? 1656 98.500 5  1 
2.220 2.390  ? ? ? 0.088 ? ? 1.007 3.300 ? 1669 99.200 6  1 
2.390 2.630  ? ? ? 0.070 ? ? 1.098 3.300 ? 1685 99.200 7  1 
2.630 3.010  ? ? ? 0.053 ? ? 1.238 3.400 ? 1711 99.700 8  1 
3.010 3.790  ? ? ? 0.036 ? ? 1.480 3.300 ? 1731 99.600 9  1 
3.790 50.000 ? ? ? 0.034 ? ? 1.759 3.200 ? 1817 98.800 10 1 
# 
_refine.entry_id                                 4HIO 
_refine.ls_d_res_high                            1.7530 
_refine.ls_d_res_low                             30.2640 
_refine.pdbx_ls_sigma_F                          0.000 
_refine.pdbx_data_cutoff_high_absF               ? 
_refine.pdbx_data_cutoff_low_absF                ? 
_refine.ls_percent_reflns_obs                    96.1300 
_refine.ls_number_reflns_obs                     16430 
_refine.ls_number_reflns_all                     16745 
_refine.pdbx_ls_cross_valid_method               ? 
_refine.pdbx_R_Free_selection_details            random 
_refine.details                                  ? 
_refine.ls_R_factor_all                          .2169 
_refine.ls_R_factor_obs                          0.2169 
_refine.ls_R_factor_R_work                       0.2146 
_refine.ls_wR_factor_R_work                      ? 
_refine.ls_R_factor_R_free                       0.2360 
_refine.ls_wR_factor_R_free                      ? 
_refine.ls_percent_reflns_R_free                 9.9900 
_refine.ls_number_reflns_R_free                  1641 
_refine.ls_R_factor_R_free_error                 ? 
_refine.B_iso_mean                               21.5903 
_refine.solvent_model_param_bsol                 57.0090 
_refine.solvent_model_param_ksol                 0.4290 
_refine.pdbx_isotropic_thermal_model             ? 
_refine.aniso_B[1][1]                            1.4752 
_refine.aniso_B[2][2]                            -2.0784 
_refine.aniso_B[3][3]                            -2.0728 
_refine.aniso_B[1][2]                            -0.0000 
_refine.aniso_B[1][3]                            -0.0000 
_refine.aniso_B[2][3]                            0.0000 
_refine.correlation_coeff_Fo_to_Fc               ? 
_refine.correlation_coeff_Fo_to_Fc_free          ? 
_refine.overall_SU_R_Cruickshank_DPI             ? 
_refine.overall_SU_R_free                        ? 
_refine.pdbx_overall_ESU_R                       ? 
_refine.pdbx_overall_ESU_R_Free                  ? 
_refine.overall_SU_ML                            0.1500 
_refine.overall_SU_B                             ? 
_refine.solvent_model_details                    'FLAT BULK SOLVENT MODEL' 
_refine.pdbx_solvent_vdw_probe_radii             0.4000 
_refine.pdbx_solvent_ion_probe_radii             ? 
_refine.pdbx_solvent_shrinkage_radii             0.0400 
_refine.ls_number_parameters                     ? 
_refine.ls_number_restraints                     ? 
_refine.pdbx_starting_model                      4HIK 
_refine.pdbx_method_to_determine_struct          'MOLECULAR REPLACEMENT' 
_refine.pdbx_stereochemistry_target_values       'Engh & Huber' 
_refine.pdbx_stereochem_target_val_spec_case     ? 
_refine.overall_FOM_work_R_set                   ? 
_refine.B_iso_max                                61.440 
_refine.B_iso_min                                9.930 
_refine.pdbx_overall_phase_error                 21.3400 
_refine.occupancy_max                            1.000 
_refine.occupancy_min                            0.000 
_refine.pdbx_ls_sigma_I                          ? 
_refine.ls_redundancy_reflns_obs                 ? 
_refine.ls_R_factor_R_free_error_details         ? 
_refine.pdbx_data_cutoff_high_rms_absF           ? 
_refine.overall_FOM_free_R_set                   ? 
_refine.pdbx_diffrn_id                           1 
_refine.pdbx_refine_id                           'X-RAY DIFFRACTION' 
_refine.pdbx_TLS_residual_ADP_flag               ? 
_refine.pdbx_overall_SU_R_free_Cruickshank_DPI   ? 
_refine.pdbx_overall_SU_R_Blow_DPI               ? 
_refine.pdbx_overall_SU_R_free_Blow_DPI          ? 
# 
_refine_hist.pdbx_refine_id                   'X-RAY DIFFRACTION' 
_refine_hist.cycle_id                         LAST 
_refine_hist.pdbx_number_atoms_protein        1177 
_refine_hist.pdbx_number_atoms_nucleic_acid   186 
_refine_hist.pdbx_number_atoms_ligand         0 
_refine_hist.number_atoms_solvent             192 
_refine_hist.number_atoms_total               1555 
_refine_hist.d_res_high                       1.7530 
_refine_hist.d_res_low                        30.2640 
# 
loop_
_refine_ls_restr.type 
_refine_ls_restr.number 
_refine_ls_restr.dev_ideal 
_refine_ls_restr.dev_ideal_target 
_refine_ls_restr.weight 
_refine_ls_restr.pdbx_restraint_function 
_refine_ls_restr.pdbx_refine_id 
f_bond_d           1419 0.009  ? ? ? 'X-RAY DIFFRACTION' 
f_angle_d          1956 0.877  ? ? ? 'X-RAY DIFFRACTION' 
f_chiral_restr     202  0.061  ? ? ? 'X-RAY DIFFRACTION' 
f_plane_restr      216  0.005  ? ? ? 'X-RAY DIFFRACTION' 
f_dihedral_angle_d 536  18.754 ? ? ? 'X-RAY DIFFRACTION' 
# 
loop_
_refine_ls_shell.d_res_high 
_refine_ls_shell.d_res_low 
_refine_ls_shell.pdbx_total_number_of_bins_used 
_refine_ls_shell.percent_reflns_obs 
_refine_ls_shell.number_reflns_R_work 
_refine_ls_shell.R_factor_all 
_refine_ls_shell.R_factor_R_work 
_refine_ls_shell.R_factor_R_free 
_refine_ls_shell.percent_reflns_R_free 
_refine_ls_shell.number_reflns_R_free 
_refine_ls_shell.R_factor_R_free_error 
_refine_ls_shell.number_reflns_all 
_refine_ls_shell.number_reflns_obs 
_refine_ls_shell.redundancy_reflns_obs 
_refine_ls_shell.pdbx_refine_id 
1.7534 1.8050  12 81.0000  1021 . 0.3221 0.3175 . 110 . 1131 . . 'X-RAY DIFFRACTION' 
1.8050 1.8632  12 92.0000  1181 . 0.2692 0.2708 . 130 . 1311 . . 'X-RAY DIFFRACTION' 
1.8632 1.9298  12 95.0000  1187 . 0.2428 0.2674 . 133 . 1320 . . 'X-RAY DIFFRACTION' 
1.9298 2.0071  12 96.0000  1206 . 0.2243 0.2567 . 136 . 1342 . . 'X-RAY DIFFRACTION' 
2.0071 2.0984  12 97.0000  1224 . 0.2148 0.2291 . 136 . 1360 . . 'X-RAY DIFFRACTION' 
2.0984 2.2090  12 97.0000  1246 . 0.2259 0.2706 . 137 . 1383 . . 'X-RAY DIFFRACTION' 
2.2090 2.3473  12 98.0000  1245 . 0.2219 0.2483 . 138 . 1383 . . 'X-RAY DIFFRACTION' 
2.3473 2.5285  12 98.0000  1250 . 0.2204 0.2221 . 139 . 1389 . . 'X-RAY DIFFRACTION' 
2.5285 2.7828  12 99.0000  1273 . 0.2220 0.2474 . 142 . 1415 . . 'X-RAY DIFFRACTION' 
2.7828 3.1851  12 99.0000  1293 . 0.2264 0.2182 . 143 . 1436 . . 'X-RAY DIFFRACTION' 
3.1851 4.0114  12 100.0000 1290 . 0.1788 0.2049 . 144 . 1434 . . 'X-RAY DIFFRACTION' 
4.0114 30.2689 12 99.0000  1373 . 0.1981 0.2347 . 153 . 1526 . . 'X-RAY DIFFRACTION' 
# 
_struct.entry_id                  4HIO 
_struct.title                     'Crystal Structure of Schizosaccharomyces pombe Pot1pC bound to ssDNA (GGTAACGGT)' 
_struct.pdbx_model_details        ? 
_struct.pdbx_CASP_flag            ? 
_struct.pdbx_model_type_details   ? 
# 
_struct_keywords.entry_id        4HIO 
_struct_keywords.text            
'specificity, plasticity, promiscuity, OB-fold, ssDNA-binding, single-stranded telomeric DNA, DNA BINDING PROTEIN' 
_struct_keywords.pdbx_keywords   'DNA BINDING PROTEIN' 
# 
loop_
_struct_asym.id 
_struct_asym.pdbx_blank_PDB_chainid_flag 
_struct_asym.pdbx_modified 
_struct_asym.entity_id 
_struct_asym.details 
A N N 1 ? 
B N N 2 ? 
C N N 3 ? 
D N N 3 ? 
# 
_struct_biol.id        1 
_struct_biol.details   ? 
# 
loop_
_struct_conf.conf_type_id 
_struct_conf.id 
_struct_conf.pdbx_PDB_helix_id 
_struct_conf.beg_label_comp_id 
_struct_conf.beg_label_asym_id 
_struct_conf.beg_label_seq_id 
_struct_conf.pdbx_beg_PDB_ins_code 
_struct_conf.end_label_comp_id 
_struct_conf.end_label_asym_id 
_struct_conf.end_label_seq_id 
_struct_conf.pdbx_end_PDB_ins_code 
_struct_conf.beg_auth_comp_id 
_struct_conf.beg_auth_asym_id 
_struct_conf.beg_auth_seq_id 
_struct_conf.end_auth_comp_id 
_struct_conf.end_auth_asym_id 
_struct_conf.end_auth_seq_id 
_struct_conf.pdbx_PDB_helix_class 
_struct_conf.details 
_struct_conf.pdbx_PDB_helix_length 
HELX_P HELX_P1 1 ASP A 73  ? ARG A 80  ? ASP A 73  ARG A 80  1 ? 8  
HELX_P HELX_P2 2 GLU A 127 ? GLU A 129 ? GLU A 127 GLU A 129 5 ? 3  
HELX_P HELX_P3 3 LEU A 130 ? VAL A 141 ? LEU A 130 VAL A 141 1 ? 12 
# 
_struct_conf_type.id          HELX_P 
_struct_conf_type.criteria    ? 
_struct_conf_type.reference   ? 
# 
loop_
_struct_conn.id 
_struct_conn.conn_type_id 
_struct_conn.pdbx_leaving_atom_flag 
_struct_conn.pdbx_PDB_id 
_struct_conn.ptnr1_label_asym_id 
_struct_conn.ptnr1_label_comp_id 
_struct_conn.ptnr1_label_seq_id 
_struct_conn.ptnr1_label_atom_id 
_struct_conn.pdbx_ptnr1_label_alt_id 
_struct_conn.pdbx_ptnr1_PDB_ins_code 
_struct_conn.pdbx_ptnr1_standard_comp_id 
_struct_conn.ptnr1_symmetry 
_struct_conn.ptnr2_label_asym_id 
_struct_conn.ptnr2_label_comp_id 
_struct_conn.ptnr2_label_seq_id 
_struct_conn.ptnr2_label_atom_id 
_struct_conn.pdbx_ptnr2_label_alt_id 
_struct_conn.pdbx_ptnr2_PDB_ins_code 
_struct_conn.ptnr1_auth_asym_id 
_struct_conn.ptnr1_auth_comp_id 
_struct_conn.ptnr1_auth_seq_id 
_struct_conn.ptnr2_auth_asym_id 
_struct_conn.ptnr2_auth_comp_id 
_struct_conn.ptnr2_auth_seq_id 
_struct_conn.ptnr2_symmetry 
_struct_conn.pdbx_ptnr3_label_atom_id 
_struct_conn.pdbx_ptnr3_label_seq_id 
_struct_conn.pdbx_ptnr3_label_comp_id 
_struct_conn.pdbx_ptnr3_label_asym_id 
_struct_conn.pdbx_ptnr3_label_alt_id 
_struct_conn.pdbx_ptnr3_PDB_ins_code 
_struct_conn.details 
_struct_conn.pdbx_dist_value 
_struct_conn.pdbx_value_order 
_struct_conn.pdbx_role 
hydrog1 hydrog ? ? B DG 2 N2 ? ? ? 1_555 B DA 4 N7 ? ? B DG 2 B DA 4 1_555 ? ? ? ? ? ? TYPE_11_PAIR ? ? ? 
hydrog2 hydrog ? ? B DG 2 N3 ? ? ? 1_555 B DA 4 N6 ? ? B DG 2 B DA 4 1_555 ? ? ? ? ? ? TYPE_11_PAIR ? ? ? 
# 
_struct_conn_type.id          hydrog 
_struct_conn_type.criteria    ? 
_struct_conn_type.reference   ? 
# 
_struct_sheet.id               A 
_struct_sheet.type             ? 
_struct_sheet.number_strands   7 
_struct_sheet.details          ? 
# 
loop_
_struct_sheet_order.sheet_id 
_struct_sheet_order.range_id_1 
_struct_sheet_order.range_id_2 
_struct_sheet_order.offset 
_struct_sheet_order.sense 
A 1 2 ? anti-parallel 
A 2 3 ? anti-parallel 
A 3 4 ? parallel      
A 4 5 ? anti-parallel 
A 5 6 ? anti-parallel 
A 6 7 ? anti-parallel 
# 
loop_
_struct_sheet_range.sheet_id 
_struct_sheet_range.id 
_struct_sheet_range.beg_label_comp_id 
_struct_sheet_range.beg_label_asym_id 
_struct_sheet_range.beg_label_seq_id 
_struct_sheet_range.pdbx_beg_PDB_ins_code 
_struct_sheet_range.end_label_comp_id 
_struct_sheet_range.end_label_asym_id 
_struct_sheet_range.end_label_seq_id 
_struct_sheet_range.pdbx_end_PDB_ins_code 
_struct_sheet_range.beg_auth_comp_id 
_struct_sheet_range.beg_auth_asym_id 
_struct_sheet_range.beg_auth_seq_id 
_struct_sheet_range.end_auth_comp_id 
_struct_sheet_range.end_auth_asym_id 
_struct_sheet_range.end_auth_seq_id 
A 1 SER A 119 ? VAL A 123 ? SER A 119 VAL A 123 
A 2 TYR A 88  ? ILE A 98  ? TYR A 88  ILE A 98  
A 3 LEU A 104 ? LEU A 108 ? LEU A 104 LEU A 108 
A 4 ILE A 67  ? LEU A 71  ? ILE A 67  LEU A 71  
A 5 PHE A 33  ? THR A 38  ? PHE A 33  THR A 38  
A 6 CYS A 17  ? TYR A 28  ? CYS A 17  TYR A 28  
A 7 TYR A 88  ? ILE A 98  ? TYR A 88  ILE A 98  
# 
loop_
_pdbx_struct_sheet_hbond.sheet_id 
_pdbx_struct_sheet_hbond.range_id_1 
_pdbx_struct_sheet_hbond.range_id_2 
_pdbx_struct_sheet_hbond.range_1_label_atom_id 
_pdbx_struct_sheet_hbond.range_1_label_comp_id 
_pdbx_struct_sheet_hbond.range_1_label_asym_id 
_pdbx_struct_sheet_hbond.range_1_label_seq_id 
_pdbx_struct_sheet_hbond.range_1_PDB_ins_code 
_pdbx_struct_sheet_hbond.range_1_auth_atom_id 
_pdbx_struct_sheet_hbond.range_1_auth_comp_id 
_pdbx_struct_sheet_hbond.range_1_auth_asym_id 
_pdbx_struct_sheet_hbond.range_1_auth_seq_id 
_pdbx_struct_sheet_hbond.range_2_label_atom_id 
_pdbx_struct_sheet_hbond.range_2_label_comp_id 
_pdbx_struct_sheet_hbond.range_2_label_asym_id 
_pdbx_struct_sheet_hbond.range_2_label_seq_id 
_pdbx_struct_sheet_hbond.range_2_PDB_ins_code 
_pdbx_struct_sheet_hbond.range_2_auth_atom_id 
_pdbx_struct_sheet_hbond.range_2_auth_comp_id 
_pdbx_struct_sheet_hbond.range_2_auth_asym_id 
_pdbx_struct_sheet_hbond.range_2_auth_seq_id 
A 1 2 O VAL A 123 ? O VAL A 123 N TYR A 88  ? N TYR A 88  
A 2 3 N ARG A 95  ? N ARG A 95  O ILE A 107 ? O ILE A 107 
A 3 4 O CYS A 106 ? O CYS A 106 N ARG A 68  ? N ARG A 68  
A 4 5 O CYS A 69  ? O CYS A 69  N LEU A 35  ? N LEU A 35  
A 5 6 O THR A 38  ? O THR A 38  N GLN A 22  ? N GLN A 22  
A 6 7 N PHE A 19  ? N PHE A 19  O MET A 91  ? O MET A 91  
# 
_atom_sites.entry_id                    4HIO 
_atom_sites.fract_transf_matrix[1][1]   -0.00686858 
_atom_sites.fract_transf_matrix[1][2]   -0.00113587 
_atom_sites.fract_transf_matrix[1][3]   -0.02316654 
_atom_sites.fract_transf_matrix[2][1]   0.01585954 
_atom_sites.fract_transf_matrix[2][2]   0.00209991 
_atom_sites.fract_transf_matrix[2][3]   -0.00480511 
_atom_sites.fract_transf_matrix[3][1]   0.00202018 
_atom_sites.fract_transf_matrix[3][2]   -0.01495053 
_atom_sites.fract_transf_matrix[3][3]   0.00013408 
_atom_sites.fract_transf_vector[1]      0.229696 
_atom_sites.fract_transf_vector[2]      0.425023 
_atom_sites.fract_transf_vector[3]      0.252617 
# 
loop_
_atom_type.symbol 
C 
N 
O 
P 
S 
# 
loop_
_atom_site.group_PDB 
_atom_site.id 
_atom_site.type_symbol 
_atom_site.label_atom_id 
_atom_site.label_alt_id 
_atom_site.label_comp_id 
_atom_site.label_asym_id 
_atom_site.label_entity_id 
_atom_site.label_seq_id 
_atom_site.pdbx_PDB_ins_code 
_atom_site.Cartn_x 
_atom_site.Cartn_y 
_atom_site.Cartn_z 
_atom_site.occupancy 
_atom_site.B_iso_or_equiv 
_atom_site.pdbx_formal_charge 
_atom_site.auth_seq_id 
_atom_site.auth_comp_id 
_atom_site.auth_asym_id 
_atom_site.auth_atom_id 
_atom_site.pdbx_PDB_model_num 
ATOM   1    N N     . ASP A 1 3   ? -16.211 4.878   7.403   1.00 52.35 ? 3   ASP A N     1 
ATOM   2    C CA    . ASP A 1 3   ? -15.878 3.477   7.178   1.00 46.34 ? 3   ASP A CA    1 
ATOM   3    C C     . ASP A 1 3   ? -14.973 2.927   8.276   1.00 49.56 ? 3   ASP A C     1 
ATOM   4    O O     . ASP A 1 3   ? -14.565 3.652   9.180   1.00 53.89 ? 3   ASP A O     1 
ATOM   5    C CB    . ASP A 1 3   ? -15.209 3.300   5.816   0.00 48.00 ? 3   ASP A CB    1 
ATOM   6    C CG    . ASP A 1 3   ? -15.445 4.477   4.895   0.00 48.31 ? 3   ASP A CG    1 
ATOM   7    O OD1   . ASP A 1 3   ? -14.789 5.522   5.080   0.00 49.01 ? 3   ASP A OD1   1 
ATOM   8    O OD2   . ASP A 1 3   ? -16.289 4.361   3.987   0.00 48.03 ? 3   ASP A OD2   1 
ATOM   9    N N     . SER A 1 4   ? -14.662 1.638   8.187   1.00 43.70 ? 4   SER A N     1 
ATOM   10   C CA    . SER A 1 4   ? -13.775 1.001   9.149   1.00 39.76 ? 4   SER A CA    1 
ATOM   11   C C     . SER A 1 4   ? -12.544 0.456   8.439   1.00 30.53 ? 4   SER A C     1 
ATOM   12   O O     . SER A 1 4   ? -12.526 0.322   7.217   1.00 29.35 ? 4   SER A O     1 
ATOM   13   C CB    . SER A 1 4   ? -14.492 -0.122  9.893   1.00 39.20 ? 4   SER A CB    1 
ATOM   14   O OG    . SER A 1 4   ? -15.116 -1.008  8.985   1.00 45.21 ? 4   SER A OG    1 
ATOM   15   N N     . PHE A 1 5   ? -11.516 0.148   9.213   1.00 26.28 ? 5   PHE A N     1 
ATOM   16   C CA    . PHE A 1 5   ? -10.260 -0.302  8.640   1.00 23.42 ? 5   PHE A CA    1 
ATOM   17   C C     . PHE A 1 5   ? -10.180 -1.817  8.524   1.00 22.16 ? 5   PHE A C     1 
ATOM   18   O O     . PHE A 1 5   ? -10.765 -2.540  9.319   1.00 23.92 ? 5   PHE A O     1 
ATOM   19   C CB    . PHE A 1 5   ? -9.085  0.233   9.466   1.00 22.22 ? 5   PHE A CB    1 
ATOM   20   C CG    . PHE A 1 5   ? -8.942  1.729   9.415   1.00 24.12 ? 5   PHE A CG    1 
ATOM   21   C CD1   . PHE A 1 5   ? -9.442  2.524   10.431  1.00 29.60 ? 5   PHE A CD1   1 
ATOM   22   C CD2   . PHE A 1 5   ? -8.320  2.341   8.346   1.00 19.19 ? 5   PHE A CD2   1 
ATOM   23   C CE1   . PHE A 1 5   ? -9.313  3.895   10.380  1.00 25.58 ? 5   PHE A CE1   1 
ATOM   24   C CE2   . PHE A 1 5   ? -8.197  3.706   8.293   1.00 19.79 ? 5   PHE A CE2   1 
ATOM   25   C CZ    . PHE A 1 5   ? -8.691  4.484   9.313   1.00 26.01 ? 5   PHE A CZ    1 
ATOM   26   N N     . SER A 1 6   ? -9.452  -2.277  7.511   1.00 20.11 ? 6   SER A N     1 
ATOM   27   C CA    . SER A 1 6   ? -9.179  -3.692  7.325   1.00 16.81 ? 6   SER A CA    1 
ATOM   28   C C     . SER A 1 6   ? -7.679  -3.932  7.404   1.00 18.58 ? 6   SER A C     1 
ATOM   29   O O     . SER A 1 6   ? -6.884  -3.071  7.033   1.00 18.10 ? 6   SER A O     1 
ATOM   30   C CB    . SER A 1 6   ? -9.661  -4.165  5.950   1.00 18.70 ? 6   SER A CB    1 
ATOM   31   O OG    . SER A 1 6   ? -11.046 -3.970  5.761   1.00 21.86 ? 6   SER A OG    1 
ATOM   32   N N     . LEU A 1 7   ? -7.301  -5.113  7.871   1.00 16.11 ? 7   LEU A N     1 
ATOM   33   C CA    . LEU A 1 7   ? -5.951  -5.596  7.689   1.00 16.81 ? 7   LEU A CA    1 
ATOM   34   C C     . LEU A 1 7   ? -5.841  -5.977  6.220   1.00 16.93 ? 7   LEU A C     1 
ATOM   35   O O     . LEU A 1 7   ? -6.838  -6.265  5.577   1.00 17.84 ? 7   LEU A O     1 
ATOM   36   C CB    . LEU A 1 7   ? -5.686  -6.809  8.576   1.00 15.50 ? 7   LEU A CB    1 
ATOM   37   C CG    . LEU A 1 7   ? -5.803  -6.563  10.077  1.00 20.06 ? 7   LEU A CG    1 
ATOM   38   C CD1   . LEU A 1 7   ? -5.363  -7.789  10.846  1.00 16.32 ? 7   LEU A CD1   1 
ATOM   39   C CD2   . LEU A 1 7   ? -4.993  -5.353  10.488  1.00 21.49 ? 7   LEU A CD2   1 
ATOM   40   N N     . LEU A 1 8   ? -4.630  -5.959  5.686   1.00 13.71 ? 8   LEU A N     1 
ATOM   41   C CA    . LEU A 1 8   ? -4.423  -6.240  4.276   1.00 13.50 ? 8   LEU A CA    1 
ATOM   42   C C     . LEU A 1 8   ? -4.698  -7.702  3.960   1.00 15.05 ? 8   LEU A C     1 
ATOM   43   O O     . LEU A 1 8   ? -5.000  -8.050  2.824   1.00 15.40 ? 8   LEU A O     1 
ATOM   44   C CB    . LEU A 1 8   ? -3.010  -5.844  3.849   1.00 14.29 ? 8   LEU A CB    1 
ATOM   45   C CG    . LEU A 1 8   ? -2.828  -4.350  3.565   1.00 15.57 ? 8   LEU A CG    1 
ATOM   46   C CD1   . LEU A 1 8   ? -1.456  -4.063  2.978   1.00 16.12 ? 8   LEU A CD1   1 
ATOM   47   C CD2   . LEU A 1 8   ? -3.921  -3.852  2.639   1.00 16.30 ? 8   LEU A CD2   1 
ATOM   48   N N     . SER A 1 9   ? -4.596  -8.555  4.975   1.00 15.77 ? 9   SER A N     1 
ATOM   49   C CA    . SER A 1 9   ? -5.024  -9.941  4.852   1.00 14.46 ? 9   SER A CA    1 
ATOM   50   C C     . SER A 1 9   ? -6.495  -10.048 4.460   1.00 18.59 ? 9   SER A C     1 
ATOM   51   O O     . SER A 1 9   ? -6.919  -11.046 3.884   1.00 18.62 ? 9   SER A O     1 
ATOM   52   C CB    . SER A 1 9   ? -4.774  -10.699 6.154   1.00 18.73 ? 9   SER A CB    1 
ATOM   53   O OG    . SER A 1 9   ? -5.533  -10.161 7.215   1.00 16.70 ? 9   SER A OG    1 
ATOM   54   N N     . GLN A 1 10  ? -7.266  -9.014  4.777   1.00 16.85 ? 10  GLN A N     1 
ATOM   55   C CA    . GLN A 1 10  ? -8.719  -9.124  4.766   1.00 17.09 ? 10  GLN A CA    1 
ATOM   56   C C     . GLN A 1 10  ? -9.333  -8.540  3.495   1.00 21.04 ? 10  GLN A C     1 
ATOM   57   O O     . GLN A 1 10  ? -10.491 -8.807  3.184   1.00 22.92 ? 10  GLN A O     1 
ATOM   58   C CB    . GLN A 1 10  ? -9.318  -8.452  6.005   1.00 18.76 ? 10  GLN A CB    1 
ATOM   59   C CG    . GLN A 1 10  ? -9.156  -9.253  7.284   1.00 27.46 ? 10  GLN A CG    1 
ATOM   60   C CD    . GLN A 1 10  ? -9.252  -8.399  8.534   1.00 32.31 ? 10  GLN A CD    1 
ATOM   61   O OE1   . GLN A 1 10  ? -9.822  -7.311  8.516   1.00 31.03 ? 10  GLN A OE1   1 
ATOM   62   N NE2   . GLN A 1 10  ? -8.690  -8.892  9.631   1.00 36.07 ? 10  GLN A NE2   1 
ATOM   63   N N     . ILE A 1 11  ? -8.566  -7.741  2.758   1.00 16.72 ? 11  ILE A N     1 
ATOM   64   C CA    . ILE A 1 11  ? -9.126  -7.047  1.602   1.00 19.25 ? 11  ILE A CA    1 
ATOM   65   C C     . ILE A 1 11  ? -9.388  -7.978  0.418   1.00 20.27 ? 11  ILE A C     1 
ATOM   66   O O     . ILE A 1 11  ? -8.750  -9.018  0.273   1.00 18.79 ? 11  ILE A O     1 
ATOM   67   C CB    . ILE A 1 11  ? -8.266  -5.839  1.149   1.00 17.75 ? 11  ILE A CB    1 
ATOM   68   C CG1   . ILE A 1 11  ? -6.958  -6.304  0.517   1.00 15.80 ? 11  ILE A CG1   1 
ATOM   69   C CG2   . ILE A 1 11  ? -8.011  -4.891  2.309   1.00 18.42 ? 11  ILE A CG2   1 
ATOM   70   C CD1   . ILE A 1 11  ? -6.221  -5.205  -0.219  1.00 19.38 ? 11  ILE A CD1   1 
ATOM   71   N N     . THR A 1 12  ? -10.311 -7.573  -0.442  1.00 17.25 ? 12  THR A N     1 
ATOM   72   C CA    . THR A 1 12  ? -10.695 -8.366  -1.598  1.00 17.69 ? 12  THR A CA    1 
ATOM   73   C C     . THR A 1 12  ? -10.797 -7.459  -2.814  1.00 21.75 ? 12  THR A C     1 
ATOM   74   O O     . THR A 1 12  ? -10.911 -6.249  -2.668  1.00 20.64 ? 12  THR A O     1 
ATOM   75   C CB    . THR A 1 12  ? -12.046 -9.052  -1.365  1.00 19.23 ? 12  THR A CB    1 
ATOM   76   O OG1   . THR A 1 12  ? -13.061 -8.060  -1.191  1.00 22.91 ? 12  THR A OG1   1 
ATOM   77   C CG2   . THR A 1 12  ? -11.987 -9.914  -0.121  1.00 23.78 ? 12  THR A CG2   1 
ATOM   78   N N     . PRO A 1 13  ? -10.750 -8.040  -4.009  1.00 20.00 ? 13  PRO A N     1 
ATOM   79   C CA    . PRO A 1 13  ? -10.758 -7.230  -5.231  1.00 18.44 ? 13  PRO A CA    1 
ATOM   80   C C     . PRO A 1 13  ? -12.110 -6.572  -5.493  1.00 19.72 ? 13  PRO A C     1 
ATOM   81   O O     . PRO A 1 13  ? -13.155 -7.129  -5.164  1.00 19.86 ? 13  PRO A O     1 
ATOM   82   C CB    . PRO A 1 13  ? -10.443 -8.245  -6.337  1.00 20.98 ? 13  PRO A CB    1 
ATOM   83   C CG    . PRO A 1 13  ? -9.976  -9.478  -5.637  1.00 18.45 ? 13  PRO A CG    1 
ATOM   84   C CD    . PRO A 1 13  ? -10.627 -9.474  -4.304  1.00 19.98 ? 13  PRO A CD    1 
ATOM   85   N N     . HIS A 1 14  ? -12.070 -5.386  -6.089  1.00 18.15 ? 14  HIS A N     1 
ATOM   86   C CA    . HIS A 1 14  ? -13.273 -4.690  -6.519  1.00 19.35 ? 14  HIS A CA    1 
ATOM   87   C C     . HIS A 1 14  ? -14.202 -4.411  -5.342  1.00 19.36 ? 14  HIS A C     1 
ATOM   88   O O     . HIS A 1 14  ? -15.408 -4.260  -5.513  1.00 21.37 ? 14  HIS A O     1 
ATOM   89   C CB    . HIS A 1 14  ? -13.993 -5.489  -7.602  1.00 22.84 ? 14  HIS A CB    1 
ATOM   90   C CG    . HIS A 1 14  ? -13.079 -6.022  -8.661  1.00 20.99 ? 14  HIS A CG    1 
ATOM   91   N ND1   . HIS A 1 14  ? -12.611 -7.317  -8.654  1.00 24.44 ? 14  HIS A ND1   1 
ATOM   92   C CD2   . HIS A 1 14  ? -12.541 -5.431  -9.753  1.00 27.90 ? 14  HIS A CD2   1 
ATOM   93   C CE1   . HIS A 1 14  ? -11.828 -7.504  -9.701  1.00 26.49 ? 14  HIS A CE1   1 
ATOM   94   N NE2   . HIS A 1 14  ? -11.767 -6.374  -10.383 1.00 25.31 ? 14  HIS A NE2   1 
ATOM   95   N N     . GLN A 1 15  ? -13.573 -4.179  -4.194  1.00 21.18 ? 15  GLN A N     1 
ATOM   96   C CA    . GLN A 1 15  ? -14.204 -3.618  -3.010  1.00 20.47 ? 15  GLN A CA    1 
ATOM   97   C C     . GLN A 1 15  ? -13.284 -2.545  -2.427  1.00 25.27 ? 15  GLN A C     1 
ATOM   98   O O     . GLN A 1 15  ? -12.121 -2.823  -2.146  1.00 26.07 ? 15  GLN A O     1 
ATOM   99   C CB    . GLN A 1 15  ? -14.422 -4.706  -1.965  1.00 22.98 ? 15  GLN A CB    1 
ATOM   100  C CG    . GLN A 1 15  ? -15.232 -5.875  -2.461  1.00 25.86 ? 15  GLN A CG    1 
ATOM   101  C CD    . GLN A 1 15  ? -16.642 -5.851  -1.929  1.00 32.41 ? 15  GLN A CD    1 
ATOM   102  O OE1   . GLN A 1 15  ? -17.073 -4.865  -1.343  1.00 38.23 ? 15  GLN A OE1   1 
ATOM   103  N NE2   . GLN A 1 15  ? -17.369 -6.940  -2.127  1.00 35.14 ? 15  GLN A NE2   1 
ATOM   104  N N     . ARG A 1 16  ? -13.791 -1.328  -2.248  1.00 16.60 ? 16  ARG A N     1 
ATOM   105  C CA    . ARG A 1 16  ? -12.978 -0.262  -1.683  1.00 17.07 ? 16  ARG A CA    1 
ATOM   106  C C     . ARG A 1 16  ? -12.648 -0.593  -0.238  1.00 19.13 ? 16  ARG A C     1 
ATOM   107  O O     . ARG A 1 16  ? -13.435 -1.230  0.453   1.00 18.36 ? 16  ARG A O     1 
ATOM   108  C CB    . ARG A 1 16  ? -13.701 1.075   -1.774  1.00 18.51 ? 16  ARG A CB    1 
ATOM   109  C CG    . ARG A 1 16  ? -14.221 1.378   -3.155  1.00 17.91 ? 16  ARG A CG    1 
ATOM   110  C CD    . ARG A 1 16  ? -14.614 2.832   -3.311  1.00 18.79 ? 16  ARG A CD    1 
ATOM   111  N NE    . ARG A 1 16  ? -14.602 3.212   -4.716  1.00 21.29 ? 16  ARG A NE    1 
ATOM   112  C CZ    . ARG A 1 16  ? -13.689 3.999   -5.270  1.00 19.77 ? 16  ARG A CZ    1 
ATOM   113  N NH1   . ARG A 1 16  ? -12.718 4.512   -4.531  1.00 18.95 ? 16  ARG A NH1   1 
ATOM   114  N NH2   . ARG A 1 16  ? -13.754 4.282   -6.562  1.00 18.38 ? 16  ARG A NH2   1 
ATOM   115  N N     . CYS A 1 17  ? -11.478 -0.161  0.210   1.00 15.27 ? 17  CYS A N     1 
ATOM   116  C CA    . CYS A 1 17  ? -10.996 -0.526  1.531   1.00 17.80 ? 17  CYS A CA    1 
ATOM   117  C C     . CYS A 1 17  ? -10.145 0.577   2.141   1.00 14.84 ? 17  CYS A C     1 
ATOM   118  O O     . CYS A 1 17  ? -9.711  1.496   1.452   1.00 16.78 ? 17  CYS A O     1 
ATOM   119  C CB    . CYS A 1 17  ? -10.209 -1.840  1.480   1.00 19.27 ? 17  CYS A CB    1 
ATOM   120  S SG    . CYS A 1 17  ? -8.763  -1.802  0.415   1.00 23.32 ? 17  CYS A SG    1 
ATOM   121  N N     . SER A 1 18  ? -9.938  0.481   3.446   1.00 15.71 ? 18  SER A N     1 
ATOM   122  C CA    . SER A 1 18  ? -9.125  1.441   4.174   1.00 15.15 ? 18  SER A CA    1 
ATOM   123  C C     . SER A 1 18  ? -8.193  0.687   5.107   1.00 15.43 ? 18  SER A C     1 
ATOM   124  O O     . SER A 1 18  ? -8.577  -0.322  5.685   1.00 15.77 ? 18  SER A O     1 
ATOM   125  C CB    . SER A 1 18  ? -10.012 2.392   4.968   1.00 15.64 ? 18  SER A CB    1 
ATOM   126  O OG    . SER A 1 18  ? -10.872 3.111   4.105   1.00 17.54 ? 18  SER A OG    1 
ATOM   127  N N     . PHE A 1 19  ? -6.969  1.179   5.249   1.00 15.47 ? 19  PHE A N     1 
ATOM   128  C CA    . PHE A 1 19  ? -5.967  0.468   6.023   1.00 14.90 ? 19  PHE A CA    1 
ATOM   129  C C     . PHE A 1 19  ? -4.754  1.325   6.354   1.00 15.96 ? 19  PHE A C     1 
ATOM   130  O O     . PHE A 1 19  ? -4.455  2.294   5.663   1.00 13.68 ? 19  PHE A O     1 
ATOM   131  C CB    . PHE A 1 19  ? -5.508  -0.758  5.237   1.00 13.81 ? 19  PHE A CB    1 
ATOM   132  C CG    . PHE A 1 19  ? -4.950  -0.428  3.880   1.00 16.78 ? 19  PHE A CG    1 
ATOM   133  C CD1   . PHE A 1 19  ? -3.670  0.068   3.749   1.00 17.67 ? 19  PHE A CD1   1 
ATOM   134  C CD2   . PHE A 1 19  ? -5.710  -0.598  2.741   1.00 14.33 ? 19  PHE A CD2   1 
ATOM   135  C CE1   . PHE A 1 19  ? -3.154  0.374   2.514   1.00 15.15 ? 19  PHE A CE1   1 
ATOM   136  C CE2   . PHE A 1 19  ? -5.197  -0.288  1.500   1.00 15.76 ? 19  PHE A CE2   1 
ATOM   137  C CZ    . PHE A 1 19  ? -3.916  0.196   1.389   1.00 16.14 ? 19  PHE A CZ    1 
ATOM   138  N N     . TYR A 1 20  ? -4.054  0.944   7.415   1.00 13.66 ? 20  TYR A N     1 
ATOM   139  C CA    . TYR A 1 20  ? -2.742  1.492   7.715   1.00 13.52 ? 20  TYR A CA    1 
ATOM   140  C C     . TYR A 1 20  ? -1.698  0.561   7.100   1.00 15.39 ? 20  TYR A C     1 
ATOM   141  O O     . TYR A 1 20  ? -1.893  -0.647  7.051   1.00 13.91 ? 20  TYR A O     1 
ATOM   142  C CB    . TYR A 1 20  ? -2.513  1.559   9.226   1.00 17.77 ? 20  TYR A CB    1 
ATOM   143  C CG    . TYR A 1 20  ? -3.438  2.495   9.963   1.00 15.09 ? 20  TYR A CG    1 
ATOM   144  C CD1   . TYR A 1 20  ? -3.212  3.859   9.971   1.00 17.12 ? 20  TYR A CD1   1 
ATOM   145  C CD2   . TYR A 1 20  ? -4.532  2.011   10.658  1.00 22.71 ? 20  TYR A CD2   1 
ATOM   146  C CE1   . TYR A 1 20  ? -4.054  4.715   10.640  1.00 17.67 ? 20  TYR A CE1   1 
ATOM   147  C CE2   . TYR A 1 20  ? -5.377  2.859   11.337  1.00 22.54 ? 20  TYR A CE2   1 
ATOM   148  C CZ    . TYR A 1 20  ? -5.136  4.211   11.320  1.00 24.52 ? 20  TYR A CZ    1 
ATOM   149  O OH    . TYR A 1 20  ? -5.979  5.052   11.993  1.00 25.26 ? 20  TYR A OH    1 
ATOM   150  N N     . ALA A 1 21  ? -0.587  1.118   6.641   1.00 15.51 ? 21  ALA A N     1 
ATOM   151  C CA    . ALA A 1 21  ? 0.515   0.293   6.160   1.00 13.25 ? 21  ALA A CA    1 
ATOM   152  C C     . ALA A 1 21  ? 1.852   1.029   6.239   1.00 16.71 ? 21  ALA A C     1 
ATOM   153  O O     . ALA A 1 21  ? 1.894   2.246   6.395   1.00 15.27 ? 21  ALA A O     1 
ATOM   154  C CB    . ALA A 1 21  ? 0.243   -0.173  4.746   1.00 13.52 ? 21  ALA A CB    1 
ATOM   155  N N     . GLN A 1 22  ? 2.940   0.273   6.133   1.00 14.55 ? 22  GLN A N     1 
ATOM   156  C CA    . GLN A 1 22  ? 4.255   0.847   5.878   1.00 13.91 ? 22  GLN A CA    1 
ATOM   157  C C     . GLN A 1 22  ? 4.636   0.790   4.404   1.00 16.78 ? 22  GLN A C     1 
ATOM   158  O O     . GLN A 1 22  ? 4.486   -0.237  3.751   1.00 13.76 ? 22  GLN A O     1 
ATOM   159  C CB    . GLN A 1 22  ? 5.328   0.157   6.722   1.00 15.42 ? 22  GLN A CB    1 
ATOM   160  C CG    . GLN A 1 22  ? 6.678   0.846   6.658   1.00 15.47 ? 22  GLN A CG    1 
ATOM   161  C CD    . GLN A 1 22  ? 7.610   0.410   7.768   1.00 15.68 ? 22  GLN A CD    1 
ATOM   162  O OE1   . GLN A 1 22  ? 7.578   -0.738  8.205   1.00 15.59 ? 22  GLN A OE1   1 
ATOM   163  N NE2   . GLN A 1 22  ? 8.448   1.330   8.230   1.00 17.50 ? 22  GLN A NE2   1 
ATOM   164  N N     . VAL A 1 23  ? 5.128   1.913   3.894   1.00 12.85 ? 23  VAL A N     1 
ATOM   165  C CA    . VAL A 1 23  ? 5.689   1.979   2.553   1.00 13.93 ? 23  VAL A CA    1 
ATOM   166  C C     . VAL A 1 23  ? 7.064   1.322   2.489   1.00 12.30 ? 23  VAL A C     1 
ATOM   167  O O     . VAL A 1 23  ? 7.975   1.696   3.220   1.00 16.50 ? 23  VAL A O     1 
ATOM   168  C CB    . VAL A 1 23  ? 5.800   3.435   2.070   1.00 12.42 ? 23  VAL A CB    1 
ATOM   169  C CG1   . VAL A 1 23  ? 6.455   3.493   0.702   1.00 12.25 ? 23  VAL A CG1   1 
ATOM   170  C CG2   . VAL A 1 23  ? 4.430   4.086   2.040   1.00 12.99 ? 23  VAL A CG2   1 
ATOM   171  N N     . ILE A 1 24  ? 7.184   0.329   1.616   1.00 11.41 ? 24  ILE A N     1 
ATOM   172  C CA    . ILE A 1 24  ? 8.448   -0.358  1.409   1.00 14.80 ? 24  ILE A CA    1 
ATOM   173  C C     . ILE A 1 24  ? 9.188   0.230   0.212   1.00 15.91 ? 24  ILE A C     1 
ATOM   174  O O     . ILE A 1 24  ? 10.385  0.476   0.278   1.00 15.13 ? 24  ILE A O     1 
ATOM   175  C CB    . ILE A 1 24  ? 8.242   -1.870  1.187   1.00 12.90 ? 24  ILE A CB    1 
ATOM   176  C CG1   . ILE A 1 24  ? 7.463   -2.479  2.355   1.00 14.20 ? 24  ILE A CG1   1 
ATOM   177  C CG2   . ILE A 1 24  ? 9.575   -2.568  1.018   1.00 16.23 ? 24  ILE A CG2   1 
ATOM   178  C CD1   . ILE A 1 24  ? 8.163   -2.376  3.690   1.00 10.94 ? 24  ILE A CD1   1 
ATOM   179  N N     . LYS A 1 25  ? 8.460   0.454   -0.877  1.00 11.49 ? 25  LYS A N     1 
ATOM   180  C CA    . LYS A 1 25  ? 9.053   0.963   -2.099  1.00 12.19 ? 25  LYS A CA    1 
ATOM   181  C C     . LYS A 1 25  ? 8.209   2.050   -2.741  1.00 13.95 ? 25  LYS A C     1 
ATOM   182  O O     . LYS A 1 25  ? 6.990   1.972   -2.757  1.00 14.04 ? 25  LYS A O     1 
ATOM   183  C CB    . LYS A 1 25  ? 9.261   -0.164  -3.106  1.00 14.89 ? 25  LYS A CB    1 
ATOM   184  C CG    . LYS A 1 25  ? 10.094  0.239   -4.308  1.00 16.63 ? 25  LYS A CG    1 
ATOM   185  C CD    . LYS A 1 25  ? 9.798   -0.629  -5.512  1.00 19.19 ? 25  LYS A CD    1 
ATOM   186  C CE    . LYS A 1 25  ? 10.438  -0.065  -6.767  1.00 17.92 ? 25  LYS A CE    1 
ATOM   187  N NZ    . LYS A 1 25  ? 11.139  -1.118  -7.541  1.00 17.38 ? 25  LYS A NZ    1 
ATOM   188  N N     . THR A 1 26  ? 8.882   3.059   -3.280  1.00 13.61 ? 26  THR A N     1 
ATOM   189  C CA    . THR A 1 26  ? 8.232   4.064   -4.103  1.00 12.66 ? 26  THR A CA    1 
ATOM   190  C C     . THR A 1 26  ? 8.876   4.133   -5.481  1.00 15.12 ? 26  THR A C     1 
ATOM   191  O O     . THR A 1 26  ? 10.069  3.899   -5.623  1.00 15.55 ? 26  THR A O     1 
ATOM   192  C CB    . THR A 1 26  ? 8.307   5.446   -3.445  1.00 15.86 ? 26  THR A CB    1 
ATOM   193  O OG1   . THR A 1 26  ? 9.658   5.917   -3.469  1.00 15.29 ? 26  THR A OG1   1 
ATOM   194  C CG2   . THR A 1 26  ? 7.823   5.372   -2.003  1.00 13.14 ? 26  THR A CG2   1 
ATOM   195  N N     . TRP A 1 27  ? 8.077   4.462   -6.489  1.00 11.25 ? 27  TRP A N     1 
ATOM   196  C CA    . TRP A 1 27  ? 8.604   4.840   -7.795  1.00 13.45 ? 27  TRP A CA    1 
ATOM   197  C C     . TRP A 1 27  ? 7.673   5.814   -8.512  1.00 13.61 ? 27  TRP A C     1 
ATOM   198  O O     . TRP A 1 27  ? 6.531   5.480   -8.811  1.00 12.03 ? 27  TRP A O     1 
ATOM   199  C CB    . TRP A 1 27  ? 8.815   3.598   -8.662  1.00 14.76 ? 27  TRP A CB    1 
ATOM   200  C CG    . TRP A 1 27  ? 9.530   3.900   -9.926  1.00 16.04 ? 27  TRP A CG    1 
ATOM   201  C CD1   . TRP A 1 27  ? 8.998   3.948   -11.175 1.00 17.56 ? 27  TRP A CD1   1 
ATOM   202  C CD2   . TRP A 1 27  ? 10.914  4.227   -10.063 1.00 18.93 ? 27  TRP A CD2   1 
ATOM   203  N NE1   . TRP A 1 27  ? 9.969   4.276   -12.088 1.00 17.37 ? 27  TRP A NE1   1 
ATOM   204  C CE2   . TRP A 1 27  ? 11.156  4.453   -11.428 1.00 17.50 ? 27  TRP A CE2   1 
ATOM   205  C CE3   . TRP A 1 27  ? 11.975  4.349   -9.162  1.00 16.90 ? 27  TRP A CE3   1 
ATOM   206  C CZ2   . TRP A 1 27  ? 12.410  4.790   -11.914 1.00 18.77 ? 27  TRP A CZ2   1 
ATOM   207  C CZ3   . TRP A 1 27  ? 13.214  4.682   -9.646  1.00 16.53 ? 27  TRP A CZ3   1 
ATOM   208  C CH2   . TRP A 1 27  ? 13.425  4.898   -11.010 1.00 18.00 ? 27  TRP A CH2   1 
ATOM   209  N N     . TYR A 1 28  ? 8.161   7.017   -8.792  1.00 14.24 ? 28  TYR A N     1 
ATOM   210  C CA    . TYR A 1 28  ? 7.403   7.945   -9.625  1.00 15.34 ? 28  TYR A CA    1 
ATOM   211  C C     . TYR A 1 28  ? 7.798   7.852   -11.094 1.00 15.64 ? 28  TYR A C     1 
ATOM   212  O O     . TYR A 1 28  ? 8.958   7.634   -11.424 1.00 16.47 ? 28  TYR A O     1 
ATOM   213  C CB    . TYR A 1 28  ? 7.519   9.385   -9.114  1.00 16.25 ? 28  TYR A CB    1 
ATOM   214  C CG    . TYR A 1 28  ? 8.897   9.999   -9.221  1.00 19.91 ? 28  TYR A CG    1 
ATOM   215  C CD1   . TYR A 1 28  ? 9.359   10.518  -10.424 1.00 22.03 ? 28  TYR A CD1   1 
ATOM   216  C CD2   . TYR A 1 28  ? 9.725   10.077  -8.115  1.00 15.77 ? 28  TYR A CD2   1 
ATOM   217  C CE1   . TYR A 1 28  ? 10.612  11.084  -10.517 1.00 18.92 ? 28  TYR A CE1   1 
ATOM   218  C CE2   . TYR A 1 28  ? 10.971  10.639  -8.199  1.00 22.49 ? 28  TYR A CE2   1 
ATOM   219  C CZ    . TYR A 1 28  ? 11.415  11.141  -9.401  1.00 24.42 ? 28  TYR A CZ    1 
ATOM   220  O OH    . TYR A 1 28  ? 12.668  11.704  -9.477  1.00 21.53 ? 28  TYR A OH    1 
ATOM   221  N N     . SER A 1 29  ? 6.807   8.005   -11.963 1.00 15.22 ? 29  SER A N     1 
ATOM   222  C CA    . SER A 1 29  ? 7.020   7.960   -13.400 1.00 19.12 ? 29  SER A CA    1 
ATOM   223  C C     . SER A 1 29  ? 6.269   9.101   -14.073 1.00 20.10 ? 29  SER A C     1 
ATOM   224  O O     . SER A 1 29  ? 5.592   9.883   -13.414 1.00 18.07 ? 29  SER A O     1 
ATOM   225  C CB    . SER A 1 29  ? 6.553   6.621   -13.968 1.00 20.93 ? 29  SER A CB    1 
ATOM   226  O OG    . SER A 1 29  ? 5.142   6.570   -14.054 1.00 20.21 ? 29  SER A OG    1 
ATOM   227  N N     . ASP A 1 30  ? 6.390   9.182   -15.390 1.00 19.93 ? 30  ASP A N     1 
ATOM   228  C CA    . ASP A 1 30  ? 5.759   10.249  -16.151 1.00 22.78 ? 30  ASP A CA    1 
ATOM   229  C C     . ASP A 1 30  ? 4.246   10.078  -16.245 1.00 21.71 ? 30  ASP A C     1 
ATOM   230  O O     . ASP A 1 30  ? 3.555   10.927  -16.800 1.00 24.57 ? 30  ASP A O     1 
ATOM   231  C CB    . ASP A 1 30  ? 6.364   10.332  -17.553 1.00 28.25 ? 30  ASP A CB    1 
ATOM   232  C CG    . ASP A 1 30  ? 6.179   9.055   -18.344 1.00 30.48 ? 30  ASP A CG    1 
ATOM   233  O OD1   . ASP A 1 30  ? 6.050   7.984   -17.726 1.00 35.27 ? 30  ASP A OD1   1 
ATOM   234  O OD2   . ASP A 1 30  ? 6.166   9.124   -19.589 1.00 40.59 ? 30  ASP A OD2   1 
ATOM   235  N N     . LYS A 1 31  ? 3.743   8.970   -15.730 1.00 20.00 ? 31  LYS A N     1 
ATOM   236  C CA    . LYS A 1 31  ? 2.330   8.609   -15.815 1.00 20.34 ? 31  LYS A CA    1 
ATOM   237  C C     . LYS A 1 31  ? 1.640   8.587   -14.444 1.00 17.65 ? 31  LYS A C     1 
ATOM   238  O O     . LYS A 1 31  ? 0.514   8.966   -14.331 1.00 17.48 ? 31  LYS A O     1 
ATOM   239  C CB    . LYS A 1 31  ? 2.167   7.248   -16.469 1.00 22.00 ? 31  LYS A CB    1 
ATOM   240  C CG    . LYS A 1 31  ? 2.569   7.188   -17.949 1.00 28.81 ? 31  LYS A CG    1 
ATOM   241  C CD    . LYS A 1 31  ? 1.743   8.170   -18.748 1.00 34.03 ? 31  LYS A CD    1 
ATOM   242  C CE    . LYS A 1 31  ? 2.194   8.254   -20.240 1.00 39.10 ? 31  LYS A CE    1 
ATOM   243  N NZ    . LYS A 1 31  ? 2.308   6.894   -20.866 1.00 39.31 ? 31  LYS A NZ    1 
ATOM   244  N N     . ASN A 1 32  ? 2.353   8.092   -13.439 1.00 15.85 ? 32  ASN A N     1 
ATOM   245  C CA    . ASN A 1 32  ? 1.785   7.920   -12.110 1.00 14.60 ? 32  ASN A CA    1 
ATOM   246  C C     . ASN A 1 32  ? 2.837   7.824   -11.003 1.00 16.79 ? 32  ASN A C     1 
ATOM   247  O O     . ASN A 1 32  ? 4.033   7.945   -11.255 1.00 14.95 ? 32  ASN A O     1 
ATOM   248  C CB    . ASN A 1 32  ? 0.863   6.701   -12.077 1.00 15.25 ? 32  ASN A CB    1 
ATOM   249  C CG    . ASN A 1 32  ? 1.500   5.471   -12.690 1.00 17.66 ? 32  ASN A CG    1 
ATOM   250  O OD1   . ASN A 1 32  ? 2.639   5.132   -12.386 1.00 17.17 ? 32  ASN A OD1   1 
ATOM   251  N ND2   . ASN A 1 32  ? 0.762   4.794   -13.564 1.00 20.07 ? 32  ASN A ND2   1 
ATOM   252  N N     . PHE A 1 33  ? 2.368   7.609   -9.779  1.00 14.48 ? 33  PHE A N     1 
ATOM   253  C CA    . PHE A 1 33  ? 3.230   7.348   -8.635  1.00 13.72 ? 33  PHE A CA    1 
ATOM   254  C C     . PHE A 1 33  ? 2.852   6.012   -8.009  1.00 13.54 ? 33  PHE A C     1 
ATOM   255  O O     . PHE A 1 33  ? 1.703   5.795   -7.652  1.00 13.08 ? 33  PHE A O     1 
ATOM   256  C CB    . PHE A 1 33  ? 3.073   8.460   -7.602  1.00 11.47 ? 33  PHE A CB    1 
ATOM   257  C CG    . PHE A 1 33  ? 4.003   8.344   -6.427  1.00 10.04 ? 33  PHE A CG    1 
ATOM   258  C CD1   . PHE A 1 33  ? 5.364   8.194   -6.614  1.00 9.93  ? 33  PHE A CD1   1 
ATOM   259  C CD2   . PHE A 1 33  ? 3.512   8.400   -5.135  1.00 12.06 ? 33  PHE A CD2   1 
ATOM   260  C CE1   . PHE A 1 33  ? 6.214   8.096   -5.537  1.00 12.26 ? 33  PHE A CE1   1 
ATOM   261  C CE2   . PHE A 1 33  ? 4.357   8.302   -4.057  1.00 12.88 ? 33  PHE A CE2   1 
ATOM   262  C CZ    . PHE A 1 33  ? 5.711   8.154   -4.258  1.00 10.82 ? 33  PHE A CZ    1 
ATOM   263  N N     . THR A 1 34  ? 3.821   5.115   -7.884  1.00 12.03 ? 34  THR A N     1 
ATOM   264  C CA    . THR A 1 34  ? 3.530   3.762   -7.431  1.00 11.76 ? 34  THR A CA    1 
ATOM   265  C C     . THR A 1 34  ? 4.150   3.498   -6.068  1.00 13.34 ? 34  THR A C     1 
ATOM   266  O O     . THR A 1 34  ? 5.323   3.785   -5.845  1.00 12.33 ? 34  THR A O     1 
ATOM   267  C CB    . THR A 1 34  ? 3.999   2.708   -8.451  1.00 11.28 ? 34  THR A CB    1 
ATOM   268  O OG1   . THR A 1 34  ? 3.347   2.944   -9.705  1.00 13.81 ? 34  THR A OG1   1 
ATOM   269  C CG2   . THR A 1 34  ? 3.655   1.311   -7.975  1.00 15.00 ? 34  THR A CG2   1 
ATOM   270  N N     . LEU A 1 35  ? 3.357   2.924   -5.171  1.00 11.02 ? 35  LEU A N     1 
ATOM   271  C CA    . LEU A 1 35  ? 3.833   2.509   -3.866  1.00 11.38 ? 35  LEU A CA    1 
ATOM   272  C C     . LEU A 1 35  ? 3.718   1.007   -3.739  1.00 14.17 ? 35  LEU A C     1 
ATOM   273  O O     . LEU A 1 35  ? 2.819   0.398   -4.302  1.00 13.61 ? 35  LEU A O     1 
ATOM   274  C CB    . LEU A 1 35  ? 2.984   3.125   -2.755  1.00 12.98 ? 35  LEU A CB    1 
ATOM   275  C CG    . LEU A 1 35  ? 2.786   4.634   -2.679  1.00 15.31 ? 35  LEU A CG    1 
ATOM   276  C CD1   . LEU A 1 35  ? 1.779   4.945   -1.587  1.00 19.13 ? 35  LEU A CD1   1 
ATOM   277  C CD2   . LEU A 1 35  ? 4.097   5.320   -2.396  1.00 14.44 ? 35  LEU A CD2   1 
ATOM   278  N N     . TYR A 1 36  ? 4.595   0.410   -2.944  1.00 11.89 ? 36  TYR A N     1 
ATOM   279  C CA    . TYR A 1 36  ? 4.443   -0.981  -2.542  1.00 12.63 ? 36  TYR A CA    1 
ATOM   280  C C     . TYR A 1 36  ? 4.476   -1.007  -1.018  1.00 12.61 ? 36  TYR A C     1 
ATOM   281  O O     . TYR A 1 36  ? 5.464   -0.614  -0.419  1.00 12.06 ? 36  TYR A O     1 
ATOM   282  C CB    . TYR A 1 36  ? 5.545   -1.847  -3.149  1.00 10.68 ? 36  TYR A CB    1 
ATOM   283  C CG    . TYR A 1 36  ? 5.602   -1.763  -4.660  1.00 12.44 ? 36  TYR A CG    1 
ATOM   284  C CD1   . TYR A 1 36  ? 6.195   -0.685  -5.292  1.00 13.27 ? 36  TYR A CD1   1 
ATOM   285  C CD2   . TYR A 1 36  ? 5.056   -2.762  -5.453  1.00 14.56 ? 36  TYR A CD2   1 
ATOM   286  C CE1   . TYR A 1 36  ? 6.249   -0.603  -6.669  1.00 13.69 ? 36  TYR A CE1   1 
ATOM   287  C CE2   . TYR A 1 36  ? 5.104   -2.689  -6.826  1.00 16.14 ? 36  TYR A CE2   1 
ATOM   288  C CZ    . TYR A 1 36  ? 5.700   -1.606  -7.431  1.00 18.06 ? 36  TYR A CZ    1 
ATOM   289  O OH    . TYR A 1 36  ? 5.747   -1.530  -8.800  1.00 16.60 ? 36  TYR A OH    1 
ATOM   290  N N     . VAL A 1 37  ? 3.379   -1.444  -0.402  1.00 12.00 ? 37  VAL A N     1 
ATOM   291  C CA    . VAL A 1 37  ? 3.174   -1.286  1.032   1.00 11.89 ? 37  VAL A CA    1 
ATOM   292  C C     . VAL A 1 37  ? 2.802   -2.604  1.696   1.00 14.04 ? 37  VAL A C     1 
ATOM   293  O O     . VAL A 1 37  ? 2.297   -3.515  1.052   1.00 12.64 ? 37  VAL A O     1 
ATOM   294  C CB    . VAL A 1 37  ? 2.075   -0.248  1.360   1.00 12.91 ? 37  VAL A CB    1 
ATOM   295  C CG1   . VAL A 1 37  ? 2.258   1.012   0.533   1.00 12.20 ? 37  VAL A CG1   1 
ATOM   296  C CG2   . VAL A 1 37  ? 0.695   -0.846  1.144   1.00 12.27 ? 37  VAL A CG2   1 
ATOM   297  N N     . THR A 1 38  ? 3.057   -2.690  2.993   1.00 12.04 ? 38  THR A N     1 
ATOM   298  C CA    . THR A 1 38  ? 2.721   -3.878  3.762   1.00 13.58 ? 38  THR A CA    1 
ATOM   299  C C     . THR A 1 38  ? 2.233   -3.499  5.158   1.00 11.74 ? 38  THR A C     1 
ATOM   300  O O     . THR A 1 38  ? 2.576   -2.443  5.677   1.00 12.73 ? 38  THR A O     1 
ATOM   301  C CB    . THR A 1 38  ? 3.927   -4.822  3.875   1.00 14.15 ? 38  THR A CB    1 
ATOM   302  O OG1   . THR A 1 38  ? 3.550   -6.006  4.590   1.00 11.95 ? 38  THR A OG1   1 
ATOM   303  C CG2   . THR A 1 38  ? 5.071   -4.132  4.594   1.00 14.18 ? 38  THR A CG2   1 
ATOM   304  N N     . ASP A 1 39  ? 1.422   -4.365  5.755   1.00 13.85 ? 39  ASP A N     1 
ATOM   305  C CA    . ASP A 1 39  ? 1.209   -4.340  7.197   1.00 13.79 ? 39  ASP A CA    1 
ATOM   306  C C     . ASP A 1 39  ? 1.616   -5.666  7.829   1.00 15.82 ? 39  ASP A C     1 
ATOM   307  O O     . ASP A 1 39  ? 1.224   -5.978  8.949   1.00 17.57 ? 39  ASP A O     1 
ATOM   308  C CB    . ASP A 1 39  ? -0.247  -3.985  7.539   1.00 15.09 ? 39  ASP A CB    1 
ATOM   309  C CG    . ASP A 1 39  ? -1.234  -5.062  7.125   1.00 15.44 ? 39  ASP A CG    1 
ATOM   310  O OD1   . ASP A 1 39  ? -0.801  -6.103  6.598   1.00 16.05 ? 39  ASP A OD1   1 
ATOM   311  O OD2   . ASP A 1 39  ? -2.448  -4.860  7.331   1.00 15.24 ? 39  ASP A OD2   1 
ATOM   312  N N     . TYR A 1 40  ? 2.416   -6.425  7.097   1.00 15.07 ? 40  TYR A N     1 
ATOM   313  C CA    . TYR A 1 40  ? 2.962   -7.674  7.598   1.00 16.90 ? 40  TYR A CA    1 
ATOM   314  C C     . TYR A 1 40  ? 1.899   -8.709  7.939   1.00 17.29 ? 40  TYR A C     1 
ATOM   315  O O     . TYR A 1 40  ? 2.093   -9.557  8.800   1.00 17.80 ? 40  TYR A O     1 
ATOM   316  C CB    . TYR A 1 40  ? 3.908   -7.408  8.765   1.00 15.30 ? 40  TYR A CB    1 
ATOM   317  C CG    . TYR A 1 40  ? 5.195   -6.774  8.291   1.00 15.39 ? 40  TYR A CG    1 
ATOM   318  C CD1   . TYR A 1 40  ? 6.243   -7.555  7.834   1.00 15.70 ? 40  TYR A CD1   1 
ATOM   319  C CD2   . TYR A 1 40  ? 5.346   -5.396  8.267   1.00 15.88 ? 40  TYR A CD2   1 
ATOM   320  C CE1   . TYR A 1 40  ? 7.412   -6.989  7.386   1.00 17.63 ? 40  TYR A CE1   1 
ATOM   321  C CE2   . TYR A 1 40  ? 6.515   -4.818  7.819   1.00 17.51 ? 40  TYR A CE2   1 
ATOM   322  C CZ    . TYR A 1 40  ? 7.545   -5.618  7.379   1.00 17.88 ? 40  TYR A CZ    1 
ATOM   323  O OH    . TYR A 1 40  ? 8.712   -5.055  6.930   1.00 18.24 ? 40  TYR A OH    1 
ATOM   324  N N     . THR A 1 41  ? 0.779   -8.630  7.234   1.00 17.25 ? 41  THR A N     1 
ATOM   325  C CA    . THR A 1 41  ? -0.210  -9.696  7.223   1.00 17.96 ? 41  THR A CA    1 
ATOM   326  C C     . THR A 1 41  ? -0.277  -10.232 5.802   1.00 18.73 ? 41  THR A C     1 
ATOM   327  O O     . THR A 1 41  ? -0.055  -9.495  4.851   1.00 18.02 ? 41  THR A O     1 
ATOM   328  C CB    . THR A 1 41  ? -1.602  -9.217  7.644   1.00 17.65 ? 41  THR A CB    1 
ATOM   329  O OG1   . THR A 1 41  ? -2.134  -8.353  6.639   1.00 17.38 ? 41  THR A OG1   1 
ATOM   330  C CG2   . THR A 1 41  ? -1.538  -8.479  8.969   1.00 17.61 ? 41  THR A CG2   1 
ATOM   331  N N     . GLU A 1 42  ? -0.572  -11.519 5.677   1.00 14.05 ? 42  GLU A N     1 
ATOM   332  C CA    . GLU A 1 42  ? -0.509  -12.220 4.402   1.00 18.02 ? 42  GLU A CA    1 
ATOM   333  C C     . GLU A 1 42  ? -1.848  -12.234 3.666   1.00 17.73 ? 42  GLU A C     1 
ATOM   334  O O     . GLU A 1 42  ? -2.901  -12.318 4.284   1.00 15.96 ? 42  GLU A O     1 
ATOM   335  C CB    . GLU A 1 42  ? -0.039  -13.656 4.652   1.00 16.62 ? 42  GLU A CB    1 
ATOM   336  C CG    . GLU A 1 42  ? 0.504   -14.379 3.447   1.00 17.28 ? 42  GLU A CG    1 
ATOM   337  C CD    . GLU A 1 42  ? 1.052   -15.751 3.806   1.00 21.15 ? 42  GLU A CD    1 
ATOM   338  O OE1   . GLU A 1 42  ? 1.026   -16.111 4.996   1.00 22.63 ? 42  GLU A OE1   1 
ATOM   339  O OE2   . GLU A 1 42  ? 1.506   -16.463 2.898   1.00 20.07 ? 42  GLU A OE2   1 
ATOM   340  N N     . ASN A 1 43  ? -1.795  -12.154 2.341   1.00 15.81 ? 43  ASN A N     1 
ATOM   341  C CA    . ASN A 1 43  ? -2.993  -12.209 1.514   1.00 17.32 ? 43  ASN A CA    1 
ATOM   342  C C     . ASN A 1 43  ? -2.744  -13.094 0.301   1.00 17.19 ? 43  ASN A C     1 
ATOM   343  O O     . ASN A 1 43  ? -1.829  -12.846 -0.472  1.00 17.00 ? 43  ASN A O     1 
ATOM   344  C CB    . ASN A 1 43  ? -3.420  -10.805 1.074   1.00 16.42 ? 43  ASN A CB    1 
ATOM   345  C CG    . ASN A 1 43  ? -4.781  -10.789 0.404   1.00 19.29 ? 43  ASN A CG    1 
ATOM   346  O OD1   . ASN A 1 43  ? -5.051  -11.578 -0.494  1.00 18.26 ? 43  ASN A OD1   1 
ATOM   347  N ND2   . ASN A 1 43  ? -5.644  -9.884  0.842   1.00 15.77 ? 43  ASN A ND2   1 
ATOM   348  N N     . GLU A 1 44  ? -3.559  -14.133 0.152   1.00 19.15 ? 44  GLU A N     1 
ATOM   349  C CA    . GLU A 1 44  ? -3.351  -15.135 -0.890  1.00 22.77 ? 44  GLU A CA    1 
ATOM   350  C C     . GLU A 1 44  ? -3.398  -14.589 -2.317  1.00 19.69 ? 44  GLU A C     1 
ATOM   351  O O     . GLU A 1 44  ? -2.974  -15.266 -3.245  1.00 21.13 ? 44  GLU A O     1 
ATOM   352  C CB    . GLU A 1 44  ? -4.342  -16.295 -0.729  1.00 25.48 ? 44  GLU A CB    1 
ATOM   353  C CG    . GLU A 1 44  ? -4.215  -17.032 0.592   1.00 30.55 ? 44  GLU A CG    1 
ATOM   354  C CD    . GLU A 1 44  ? -4.428  -18.531 0.465   1.00 46.67 ? 44  GLU A CD    1 
ATOM   355  O OE1   . GLU A 1 44  ? -4.284  -19.071 -0.653  1.00 48.16 ? 44  GLU A OE1   1 
ATOM   356  O OE2   . GLU A 1 44  ? -4.740  -19.171 1.488   1.00 47.09 ? 44  GLU A OE2   1 
ATOM   357  N N     . LEU A 1 45  ? -3.905  -13.373 -2.491  1.00 19.99 ? 45  LEU A N     1 
ATOM   358  C CA    . LEU A 1 45  ? -4.010  -12.778 -3.816  1.00 19.66 ? 45  LEU A CA    1 
ATOM   359  C C     . LEU A 1 45  ? -2.899  -11.766 -4.054  1.00 18.31 ? 45  LEU A C     1 
ATOM   360  O O     . LEU A 1 45  ? -2.860  -11.107 -5.088  1.00 18.73 ? 45  LEU A O     1 
ATOM   361  C CB    . LEU A 1 45  ? -5.376  -12.118 -4.006  1.00 23.62 ? 45  LEU A CB    1 
ATOM   362  C CG    . LEU A 1 45  ? -6.610  -12.978 -3.734  1.00 24.83 ? 45  LEU A CG    1 
ATOM   363  C CD1   . LEU A 1 45  ? -7.867  -12.123 -3.788  1.00 25.51 ? 45  LEU A CD1   1 
ATOM   364  C CD2   . LEU A 1 45  ? -6.698  -14.124 -4.719  1.00 24.82 ? 45  LEU A CD2   1 
ATOM   365  N N     . PHE A 1 46  ? -1.994  -11.644 -3.091  1.00 16.22 ? 46  PHE A N     1 
ATOM   366  C CA    . PHE A 1 46  ? -0.841  -10.768 -3.250  1.00 15.69 ? 46  PHE A CA    1 
ATOM   367  C C     . PHE A 1 46  ? 0.258   -11.466 -4.043  1.00 15.55 ? 46  PHE A C     1 
ATOM   368  O O     . PHE A 1 46  ? 0.399   -12.681 -3.988  1.00 16.09 ? 46  PHE A O     1 
ATOM   369  C CB    . PHE A 1 46  ? -0.285  -10.356 -1.890  1.00 15.61 ? 46  PHE A CB    1 
ATOM   370  C CG    . PHE A 1 46  ? -1.107  -9.319  -1.182  1.00 16.74 ? 46  PHE A CG    1 
ATOM   371  C CD1   . PHE A 1 46  ? -2.268  -8.835  -1.741  1.00 17.38 ? 46  PHE A CD1   1 
ATOM   372  C CD2   . PHE A 1 46  ? -0.713  -8.832  0.051   1.00 17.06 ? 46  PHE A CD2   1 
ATOM   373  C CE1   . PHE A 1 46  ? -3.019  -7.883  -1.086  1.00 16.66 ? 46  PHE A CE1   1 
ATOM   374  C CE2   . PHE A 1 46  ? -1.460  -7.886  0.707   1.00 15.85 ? 46  PHE A CE2   1 
ATOM   375  C CZ    . PHE A 1 46  ? -2.615  -7.411  0.138   1.00 16.49 ? 46  PHE A CZ    1 
ATOM   376  N N     . PHE A 1 47  ? 1.033   -10.680 -4.778  1.00 15.39 ? 47  PHE A N     1 
ATOM   377  C CA    . PHE A 1 47  ? 2.232   -11.158 -5.440  1.00 17.75 ? 47  PHE A CA    1 
ATOM   378  C C     . PHE A 1 47  ? 3.204   -11.790 -4.452  1.00 14.99 ? 47  PHE A C     1 
ATOM   379  O O     . PHE A 1 47  ? 3.557   -11.180 -3.447  1.00 16.64 ? 47  PHE A O     1 
ATOM   380  C CB    . PHE A 1 47  ? 2.921   -10.015 -6.180  1.00 19.64 ? 47  PHE A CB    1 
ATOM   381  C CG    . PHE A 1 47  ? 4.132   -10.442 -6.944  1.00 19.02 ? 47  PHE A CG    1 
ATOM   382  C CD1   . PHE A 1 47  ? 5.400   -10.202 -6.448  1.00 21.40 ? 47  PHE A CD1   1 
ATOM   383  C CD2   . PHE A 1 47  ? 4.005   -11.093 -8.151  1.00 18.83 ? 47  PHE A CD2   1 
ATOM   384  C CE1   . PHE A 1 47  ? 6.512   -10.597 -7.148  1.00 18.74 ? 47  PHE A CE1   1 
ATOM   385  C CE2   . PHE A 1 47  ? 5.113   -11.489 -8.852  1.00 22.85 ? 47  PHE A CE2   1 
ATOM   386  C CZ    . PHE A 1 47  ? 6.368   -11.242 -8.351  1.00 20.03 ? 47  PHE A CZ    1 
ATOM   387  N N     . PRO A 1 48  ? 3.647   -13.021 -4.748  1.00 17.13 ? 48  PRO A N     1 
ATOM   388  C CA    . PRO A 1 48  ? 4.764   -13.625 -4.020  1.00 15.59 ? 48  PRO A CA    1 
ATOM   389  C C     . PRO A 1 48  ? 6.090   -12.980 -4.402  1.00 16.64 ? 48  PRO A C     1 
ATOM   390  O O     . PRO A 1 48  ? 6.638   -13.261 -5.464  1.00 16.51 ? 48  PRO A O     1 
ATOM   391  C CB    . PRO A 1 48  ? 4.730   -15.080 -4.483  1.00 16.62 ? 48  PRO A CB    1 
ATOM   392  C CG    . PRO A 1 48  ? 4.147   -15.014 -5.845  1.00 18.12 ? 48  PRO A CG    1 
ATOM   393  C CD    . PRO A 1 48  ? 3.148   -13.896 -5.821  1.00 17.38 ? 48  PRO A CD    1 
ATOM   394  N N     . MET A 1 49  ? 6.598   -12.122 -3.529  1.00 15.47 ? 49  MET A N     1 
ATOM   395  C CA    . MET A 1 49  ? 7.880   -11.478 -3.758  1.00 15.84 ? 49  MET A CA    1 
ATOM   396  C C     . MET A 1 49  ? 9.030   -12.454 -3.535  1.00 13.64 ? 49  MET A C     1 
ATOM   397  O O     . MET A 1 49  ? 9.130   -13.069 -2.480  1.00 13.45 ? 49  MET A O     1 
ATOM   398  C CB    . MET A 1 49  ? 8.034   -10.272 -2.841  1.00 15.96 ? 49  MET A CB    1 
ATOM   399  C CG    . MET A 1 49  ? 9.141   -9.345  -3.245  1.00 19.62 ? 49  MET A CG    1 
ATOM   400  S SD    . MET A 1 49  ? 8.809   -8.542  -4.813  1.00 25.97 ? 49  MET A SD    1 
ATOM   401  C CE    . MET A 1 49  ? 9.930   -7.152  -4.704  1.00 20.55 ? 49  MET A CE    1 
ATOM   402  N N     . SER A 1 50  ? 9.892   -12.588 -4.536  1.00 13.28 ? 50  SER A N     1 
ATOM   403  C CA    . SER A 1 50  ? 11.021  -13.511 -4.459  1.00 13.91 ? 50  SER A CA    1 
ATOM   404  C C     . SER A 1 50  ? 12.160  -12.940 -3.623  1.00 16.00 ? 50  SER A C     1 
ATOM   405  O O     . SER A 1 50  ? 12.581  -11.812 -3.837  1.00 14.31 ? 50  SER A O     1 
ATOM   406  C CB    . SER A 1 50  ? 11.525  -13.864 -5.857  1.00 15.56 ? 50  SER A CB    1 
ATOM   407  O OG    . SER A 1 50  ? 12.671  -14.689 -5.791  1.00 14.67 ? 50  SER A OG    1 
ATOM   408  N N     . PRO A 1 51  ? 12.685  -13.759 -2.724  1.00 15.74 ? 51  PRO A N     1 
ATOM   409  C CA    . PRO A 1 51  ? 13.899  -13.416 -1.983  1.00 14.97 ? 51  PRO A CA    1 
ATOM   410  C C     . PRO A 1 51  ? 15.123  -13.516 -2.885  1.00 14.21 ? 51  PRO A C     1 
ATOM   411  O O     . PRO A 1 51  ? 16.200  -13.083 -2.499  1.00 16.82 ? 51  PRO A O     1 
ATOM   412  C CB    . PRO A 1 51  ? 13.978  -14.503 -0.901  1.00 14.59 ? 51  PRO A CB    1 
ATOM   413  C CG    . PRO A 1 51  ? 12.668  -15.200 -0.918  1.00 13.25 ? 51  PRO A CG    1 
ATOM   414  C CD    . PRO A 1 51  ? 12.109  -15.037 -2.281  1.00 14.25 ? 51  PRO A CD    1 
ATOM   415  N N     . TYR A 1 52  ? 14.953  -14.089 -4.071  1.00 12.47 ? 52  TYR A N     1 
ATOM   416  C CA    . TYR A 1 52  ? 16.085  -14.457 -4.906  1.00 17.61 ? 52  TYR A CA    1 
ATOM   417  C C     . TYR A 1 52  ? 16.290  -13.436 -6.020  1.00 17.29 ? 52  TYR A C     1 
ATOM   418  O O     . TYR A 1 52  ? 17.418  -13.069 -6.342  1.00 22.86 ? 52  TYR A O     1 
ATOM   419  C CB    . TYR A 1 52  ? 15.897  -15.866 -5.472  1.00 16.97 ? 52  TYR A CB    1 
ATOM   420  C CG    . TYR A 1 52  ? 15.299  -16.831 -4.471  1.00 14.68 ? 52  TYR A CG    1 
ATOM   421  C CD1   . TYR A 1 52  ? 15.872  -17.005 -3.220  1.00 14.44 ? 52  TYR A CD1   1 
ATOM   422  C CD2   . TYR A 1 52  ? 14.151  -17.548 -4.767  1.00 12.68 ? 52  TYR A CD2   1 
ATOM   423  C CE1   . TYR A 1 52  ? 15.325  -17.874 -2.296  1.00 12.97 ? 52  TYR A CE1   1 
ATOM   424  C CE2   . TYR A 1 52  ? 13.597  -18.420 -3.850  1.00 17.36 ? 52  TYR A CE2   1 
ATOM   425  C CZ    . TYR A 1 52  ? 14.187  -18.580 -2.617  1.00 14.16 ? 52  TYR A CZ    1 
ATOM   426  O OH    . TYR A 1 52  ? 13.636  -19.446 -1.706  1.00 15.17 ? 52  TYR A OH    1 
ATOM   427  N N     . THR A 1 53  ? 15.189  -12.971 -6.598  1.00 17.55 ? 53  THR A N     1 
ATOM   428  C CA    . THR A 1 53  ? 15.249  -12.210 -7.838  1.00 20.27 ? 53  THR A CA    1 
ATOM   429  C C     . THR A 1 53  ? 14.925  -10.735 -7.619  1.00 20.34 ? 53  THR A C     1 
ATOM   430  O O     . THR A 1 53  ? 15.175  -9.902  -8.487  1.00 19.88 ? 53  THR A O     1 
ATOM   431  C CB    . THR A 1 53  ? 14.285  -12.784 -8.877  1.00 23.25 ? 53  THR A CB    1 
ATOM   432  O OG1   . THR A 1 53  ? 12.953  -12.735 -8.359  1.00 16.26 ? 53  THR A OG1   1 
ATOM   433  C CG2   . THR A 1 53  ? 14.654  -14.228 -9.198  1.00 23.36 ? 53  THR A CG2   1 
ATOM   434  N N     . SER A 1 54  ? 14.435  -10.451 -6.414  1.00 17.28 ? 54  SER A N     1 
ATOM   435  C CA    . SER A 1 54  ? 14.115  -9.105  -5.954  1.00 17.94 ? 54  SER A CA    1 
ATOM   436  C C     . SER A 1 54  ? 15.353  -8.234  -5.815  1.00 18.91 ? 54  SER A C     1 
ATOM   437  O O     . SER A 1 54  ? 16.428  -8.714  -5.469  1.00 18.47 ? 54  SER A O     1 
ATOM   438  C CB    . SER A 1 54  ? 13.411  -9.170  -4.597  1.00 18.68 ? 54  SER A CB    1 
ATOM   439  O OG    . SER A 1 54  ? 12.062  -9.565  -4.740  1.00 24.41 ? 54  SER A OG    1 
ATOM   440  N N     . SER A 1 55  ? 15.180  -6.942  -6.072  1.00 16.42 ? 55  SER A N     1 
ATOM   441  C CA    . SER A 1 55  ? 16.261  -5.982  -5.932  1.00 18.16 ? 55  SER A CA    1 
ATOM   442  C C     . SER A 1 55  ? 16.811  -5.982  -4.509  1.00 17.85 ? 55  SER A C     1 
ATOM   443  O O     . SER A 1 55  ? 16.066  -6.118  -3.543  1.00 15.36 ? 55  SER A O     1 
ATOM   444  C CB    . SER A 1 55  ? 15.772  -4.585  -6.298  1.00 18.77 ? 55  SER A CB    1 
ATOM   445  O OG    . SER A 1 55  ? 16.795  -3.632  -6.108  1.00 21.05 ? 55  SER A OG    1 
ATOM   446  N N     . SER A 1 56  ? 18.121  -5.825  -4.384  1.00 18.82 ? 56  SER A N     1 
ATOM   447  C CA    . SER A 1 56  ? 18.763  -5.859  -3.073  1.00 17.38 ? 56  SER A CA    1 
ATOM   448  C C     . SER A 1 56  ? 18.294  -4.727  -2.158  1.00 19.31 ? 56  SER A C     1 
ATOM   449  O O     . SER A 1 56  ? 18.502  -4.764  -0.954  1.00 17.70 ? 56  SER A O     1 
ATOM   450  C CB    . SER A 1 56  ? 20.281  -5.793  -3.232  1.00 21.48 ? 56  SER A CB    1 
ATOM   451  O OG    . SER A 1 56  ? 20.676  -4.530  -3.736  1.00 24.55 ? 56  SER A OG    1 
ATOM   452  N N     . ARG A 1 57  ? 17.673  -3.737  -2.786  1.00 20.54 ? 57  ARG A N     1 
ATOM   453  C CA    . ARG A 1 57  ? 17.167  -2.544  -2.133  1.00 20.36 ? 57  ARG A CA    1 
ATOM   454  C C     . ARG A 1 57  ? 15.915  -2.836  -1.317  1.00 21.95 ? 57  ARG A C     1 
ATOM   455  O O     . ARG A 1 57  ? 15.644  -2.183  -0.316  1.00 23.07 ? 57  ARG A O     1 
ATOM   456  C CB    . ARG A 1 57  ? 16.827  -1.514  -3.206  1.00 27.93 ? 57  ARG A CB    1 
ATOM   457  C CG    . ARG A 1 57  ? 16.972  -0.090  -2.769  1.00 29.04 ? 57  ARG A CG    1 
ATOM   458  C CD    . ARG A 1 57  ? 16.208  0.829   -3.683  1.00 27.97 ? 57  ARG A CD    1 
ATOM   459  N NE    . ARG A 1 57  ? 15.705  1.981   -2.956  1.00 28.57 ? 57  ARG A NE    1 
ATOM   460  C CZ    . ARG A 1 57  ? 16.303  3.162   -2.933  1.00 27.39 ? 57  ARG A CZ    1 
ATOM   461  N NH1   . ARG A 1 57  ? 17.423  3.349   -3.616  1.00 23.48 ? 57  ARG A NH1   1 
ATOM   462  N NH2   . ARG A 1 57  ? 15.774  4.153   -2.236  1.00 27.11 ? 57  ARG A NH2   1 
ATOM   463  N N     . TRP A 1 58  ? 15.142  -3.812  -1.772  1.00 18.43 ? 58  TRP A N     1 
ATOM   464  C CA    . TRP A 1 58  ? 13.888  -4.163  -1.127  1.00 18.83 ? 58  TRP A CA    1 
ATOM   465  C C     . TRP A 1 58  ? 14.096  -4.443  0.358   1.00 21.10 ? 58  TRP A C     1 
ATOM   466  O O     . TRP A 1 58  ? 14.743  -5.419  0.718   1.00 21.28 ? 58  TRP A O     1 
ATOM   467  C CB    . TRP A 1 58  ? 13.283  -5.386  -1.822  1.00 18.64 ? 58  TRP A CB    1 
ATOM   468  C CG    . TRP A 1 58  ? 11.985  -5.857  -1.251  1.00 15.98 ? 58  TRP A CG    1 
ATOM   469  C CD1   . TRP A 1 58  ? 11.788  -6.937  -0.445  1.00 18.20 ? 58  TRP A CD1   1 
ATOM   470  C CD2   . TRP A 1 58  ? 10.698  -5.275  -1.461  1.00 14.90 ? 58  TRP A CD2   1 
ATOM   471  N NE1   . TRP A 1 58  ? 10.460  -7.060  -0.128  1.00 16.23 ? 58  TRP A NE1   1 
ATOM   472  C CE2   . TRP A 1 58  ? 9.768   -6.050  -0.742  1.00 16.97 ? 58  TRP A CE2   1 
ATOM   473  C CE3   . TRP A 1 58  ? 10.241  -4.171  -2.182  1.00 16.78 ? 58  TRP A CE3   1 
ATOM   474  C CZ2   . TRP A 1 58  ? 8.410   -5.756  -0.726  1.00 15.75 ? 58  TRP A CZ2   1 
ATOM   475  C CZ3   . TRP A 1 58  ? 8.896   -3.882  -2.163  1.00 17.07 ? 58  TRP A CZ3   1 
ATOM   476  C CH2   . TRP A 1 58  ? 7.995   -4.671  -1.440  1.00 16.71 ? 58  TRP A CH2   1 
ATOM   477  N N     . ARG A 1 59  ? 13.548  -3.588  1.218   1.00 19.37 ? 59  ARG A N     1 
ATOM   478  C CA    . ARG A 1 59  ? 13.624  -3.839  2.657   1.00 25.03 ? 59  ARG A CA    1 
ATOM   479  C C     . ARG A 1 59  ? 12.339  -4.426  3.216   1.00 21.92 ? 59  ARG A C     1 
ATOM   480  O O     . ARG A 1 59  ? 12.107  -4.375  4.416   1.00 21.21 ? 59  ARG A O     1 
ATOM   481  C CB    . ARG A 1 59  ? 13.957  -2.568  3.438   1.00 25.11 ? 59  ARG A CB    1 
ATOM   482  C CG    . ARG A 1 59  ? 14.299  -1.384  2.590   1.00 31.31 ? 59  ARG A CG    1 
ATOM   483  C CD    . ARG A 1 59  ? 15.706  -1.483  2.067   1.00 34.12 ? 59  ARG A CD    1 
ATOM   484  N NE    . ARG A 1 59  ? 15.955  -0.484  1.035   1.00 35.42 ? 59  ARG A NE    1 
ATOM   485  C CZ    . ARG A 1 59  ? 17.145  0.039   0.780   1.00 32.43 ? 59  ARG A CZ    1 
ATOM   486  N NH1   . ARG A 1 59  ? 17.278  0.945   -0.174  1.00 35.52 ? 59  ARG A NH1   1 
ATOM   487  N NH2   . ARG A 1 59  ? 18.201  -0.350  1.475   1.00 40.00 ? 59  ARG A NH2   1 
ATOM   488  N N     . GLY A 1 60  ? 11.509  -4.982  2.347   1.00 17.28 ? 60  GLY A N     1 
ATOM   489  C CA    . GLY A 1 60  ? 10.231  -5.516  2.772   1.00 12.44 ? 60  GLY A CA    1 
ATOM   490  C C     . GLY A 1 60  ? 10.240  -7.014  2.964   1.00 15.73 ? 60  GLY A C     1 
ATOM   491  O O     . GLY A 1 60  ? 11.269  -7.667  2.808   1.00 16.77 ? 60  GLY A O     1 
ATOM   492  N N     . PRO A 1 61  ? 9.079   -7.558  3.304   1.00 15.87 ? 61  PRO A N     1 
ATOM   493  C CA    . PRO A 1 61  ? 8.934   -8.999  3.482   1.00 14.45 ? 61  PRO A CA    1 
ATOM   494  C C     . PRO A 1 61  ? 8.857   -9.707  2.144   1.00 15.03 ? 61  PRO A C     1 
ATOM   495  O O     . PRO A 1 61  ? 8.738   -9.080  1.103   1.00 14.37 ? 61  PRO A O     1 
ATOM   496  C CB    . PRO A 1 61  ? 7.590   -9.117  4.187   1.00 17.13 ? 61  PRO A CB    1 
ATOM   497  C CG    . PRO A 1 61  ? 6.795   -7.973  3.634   1.00 16.51 ? 61  PRO A CG    1 
ATOM   498  C CD    . PRO A 1 61  ? 7.773   -6.877  3.285   1.00 14.41 ? 61  PRO A CD    1 
ATOM   499  N N     . PHE A 1 62  ? 8.950   -11.030 2.190   1.00 16.06 ? 62  PHE A N     1 
ATOM   500  C CA    . PHE A 1 62  ? 8.883   -11.860 0.998   1.00 12.25 ? 62  PHE A CA    1 
ATOM   501  C C     . PHE A 1 62  ? 7.603   -12.696 1.012   1.00 11.39 ? 62  PHE A C     1 
ATOM   502  O O     . PHE A 1 62  ? 6.953   -12.816 2.038   1.00 13.75 ? 62  PHE A O     1 
ATOM   503  C CB    . PHE A 1 62  ? 10.133  -12.734 0.898   1.00 13.25 ? 62  PHE A CB    1 
ATOM   504  C CG    . PHE A 1 62  ? 11.397  -11.945 0.706   1.00 15.04 ? 62  PHE A CG    1 
ATOM   505  C CD1   . PHE A 1 62  ? 11.563  -11.143 -0.407  1.00 15.44 ? 62  PHE A CD1   1 
ATOM   506  C CD2   . PHE A 1 62  ? 12.407  -11.985 1.646   1.00 15.26 ? 62  PHE A CD2   1 
ATOM   507  C CE1   . PHE A 1 62  ? 12.716  -10.411 -0.583  1.00 16.03 ? 62  PHE A CE1   1 
ATOM   508  C CE2   . PHE A 1 62  ? 13.559  -11.250 1.472   1.00 16.21 ? 62  PHE A CE2   1 
ATOM   509  C CZ    . PHE A 1 62  ? 13.712  -10.466 0.358   1.00 13.62 ? 62  PHE A CZ    1 
ATOM   510  N N     . GLY A 1 63  ? 7.236   -13.252 -0.136  1.00 13.57 ? 63  GLY A N     1 
ATOM   511  C CA    . GLY A 1 63  ? 5.972   -13.951 -0.250  1.00 14.88 ? 63  GLY A CA    1 
ATOM   512  C C     . GLY A 1 63  ? 4.815   -12.986 -0.468  1.00 14.36 ? 63  GLY A C     1 
ATOM   513  O O     . GLY A 1 63  ? 5.013   -11.865 -0.921  1.00 14.22 ? 63  GLY A O     1 
ATOM   514  N N     . ARG A 1 64  ? 3.604   -13.424 -0.135  1.00 15.49 ? 64  ARG A N     1 
ATOM   515  C CA    . ARG A 1 64  ? 2.390   -12.664 -0.421  1.00 14.86 ? 64  ARG A CA    1 
ATOM   516  C C     . ARG A 1 64  ? 2.042   -11.684 0.692   1.00 14.86 ? 64  ARG A C     1 
ATOM   517  O O     . ARG A 1 64  ? 1.048   -11.866 1.384   1.00 13.47 ? 64  ARG A O     1 
ATOM   518  C CB    . ARG A 1 64  ? 1.222   -13.624 -0.637  1.00 13.68 ? 64  ARG A CB    1 
ATOM   519  C CG    . ARG A 1 64  ? 1.473   -14.689 -1.687  1.00 16.52 ? 64  ARG A CG    1 
ATOM   520  C CD    . ARG A 1 64  ? 0.190   -15.425 -2.020  1.00 15.50 ? 64  ARG A CD    1 
ATOM   521  N NE    . ARG A 1 64  ? 0.401   -16.549 -2.922  1.00 15.41 ? 64  ARG A NE    1 
ATOM   522  C CZ    . ARG A 1 64  ? 0.081   -16.544 -4.212  1.00 17.36 ? 64  ARG A CZ    1 
ATOM   523  N NH1   . ARG A 1 64  ? -0.459  -15.466 -4.761  1.00 22.00 ? 64  ARG A NH1   1 
ATOM   524  N NH2   . ARG A 1 64  ? 0.302   -17.618 -4.955  1.00 17.39 ? 64  ARG A NH2   1 
ATOM   525  N N     . PHE A 1 65  ? 2.854   -10.642 0.841   1.00 13.59 ? 65  PHE A N     1 
ATOM   526  C CA    . PHE A 1 65  ? 2.810   -9.794  2.027   1.00 14.02 ? 65  PHE A CA    1 
ATOM   527  C C     . PHE A 1 65  ? 2.707   -8.312  1.675   1.00 13.23 ? 65  PHE A C     1 
ATOM   528  O O     . PHE A 1 65  ? 2.504   -7.475  2.551   1.00 15.54 ? 65  PHE A O     1 
ATOM   529  C CB    . PHE A 1 65  ? 4.046   -10.027 2.893   1.00 13.08 ? 65  PHE A CB    1 
ATOM   530  C CG    . PHE A 1 65  ? 3.936   -11.213 3.804   1.00 13.67 ? 65  PHE A CG    1 
ATOM   531  C CD1   . PHE A 1 65  ? 4.383   -12.458 3.399   1.00 16.63 ? 65  PHE A CD1   1 
ATOM   532  C CD2   . PHE A 1 65  ? 3.392   -11.083 5.068   1.00 15.93 ? 65  PHE A CD2   1 
ATOM   533  C CE1   . PHE A 1 65  ? 4.285   -13.551 4.233   1.00 17.40 ? 65  PHE A CE1   1 
ATOM   534  C CE2   . PHE A 1 65  ? 3.292   -12.172 5.907   1.00 19.06 ? 65  PHE A CE2   1 
ATOM   535  C CZ    . PHE A 1 65  ? 3.742   -13.409 5.488   1.00 20.36 ? 65  PHE A CZ    1 
ATOM   536  N N     . SER A 1 66  ? 2.857   -7.992  0.395   1.00 12.49 ? 66  SER A N     1 
ATOM   537  C CA    . SER A 1 66  ? 2.899   -6.601  -0.038  1.00 13.55 ? 66  SER A CA    1 
ATOM   538  C C     . SER A 1 66  ? 1.999   -6.354  -1.251  1.00 15.99 ? 66  SER A C     1 
ATOM   539  O O     . SER A 1 66  ? 1.728   -7.264  -2.028  1.00 14.82 ? 66  SER A O     1 
ATOM   540  C CB    . SER A 1 66  ? 4.337   -6.175  -0.346  1.00 13.65 ? 66  SER A CB    1 
ATOM   541  O OG    . SER A 1 66  ? 5.124   -6.148  0.827   1.00 14.07 ? 66  SER A OG    1 
ATOM   542  N N     . ILE A 1 67  ? 1.536   -5.117  -1.397  1.00 12.03 ? 67  ILE A N     1 
ATOM   543  C CA    . ILE A 1 67  ? 0.609   -4.778  -2.468  1.00 10.38 ? 67  ILE A CA    1 
ATOM   544  C C     . ILE A 1 67  ? 0.998   -3.477  -3.172  1.00 11.54 ? 67  ILE A C     1 
ATOM   545  O O     . ILE A 1 67  ? 1.465   -2.528  -2.546  1.00 13.74 ? 67  ILE A O     1 
ATOM   546  C CB    . ILE A 1 67  ? -0.860  -4.707  -1.968  1.00 14.51 ? 67  ILE A CB    1 
ATOM   547  C CG1   . ILE A 1 67  ? -1.811  -4.425  -3.136  1.00 13.82 ? 67  ILE A CG1   1 
ATOM   548  C CG2   . ILE A 1 67  ? -1.012  -3.670  -0.866  1.00 15.18 ? 67  ILE A CG2   1 
ATOM   549  C CD1   . ILE A 1 67  ? -3.274  -4.569  -2.797  1.00 17.95 ? 67  ILE A CD1   1 
ATOM   550  N N     . ARG A 1 68  ? 0.810   -3.459  -4.486  1.00 11.13 ? 68  ARG A N     1 
ATOM   551  C CA    . ARG A 1 68  ? 1.040   -2.271  -5.290  1.00 10.95 ? 68  ARG A CA    1 
ATOM   552  C C     . ARG A 1 68  ? -0.128  -1.305  -5.157  1.00 13.71 ? 68  ARG A C     1 
ATOM   553  O O     . ARG A 1 68  ? -1.284  -1.686  -5.325  1.00 13.76 ? 68  ARG A O     1 
ATOM   554  C CB    . ARG A 1 68  ? 1.235   -2.662  -6.758  1.00 14.32 ? 68  ARG A CB    1 
ATOM   555  C CG    . ARG A 1 68  ? 1.772   -1.557  -7.646  1.00 13.36 ? 68  ARG A CG    1 
ATOM   556  C CD    . ARG A 1 68  ? 2.114   -2.092  -9.023  1.00 20.84 ? 68  ARG A CD    1 
ATOM   557  N NE    . ARG A 1 68  ? 1.137   -3.083  -9.453  1.00 31.12 ? 68  ARG A NE    1 
ATOM   558  C CZ    . ARG A 1 68  ? 1.435   -4.217  -10.072 1.00 26.67 ? 68  ARG A CZ    1 
ATOM   559  N NH1   . ARG A 1 68  ? 2.693   -4.521  -10.355 1.00 24.31 ? 68  ARG A NH1   1 
ATOM   560  N NH2   . ARG A 1 68  ? 0.466   -5.047  -10.420 1.00 29.65 ? 68  ARG A NH2   1 
ATOM   561  N N     . CYS A 1 69  ? 0.183   -0.051  -4.858  1.00 13.67 ? 69  CYS A N     1 
ATOM   562  C CA    . CYS A 1 69  ? -0.786  1.027   -4.963  1.00 10.71 ? 69  CYS A CA    1 
ATOM   563  C C     . CYS A 1 69  ? -0.401  2.010   -6.066  1.00 12.45 ? 69  CYS A C     1 
ATOM   564  O O     . CYS A 1 69  ? 0.699   2.548   -6.072  1.00 13.03 ? 69  CYS A O     1 
ATOM   565  C CB    . CYS A 1 69  ? -0.906  1.761   -3.628  1.00 13.23 ? 69  CYS A CB    1 
ATOM   566  S SG    . CYS A 1 69  ? -1.075  0.677   -2.199  1.00 15.64 ? 69  CYS A SG    1 
ATOM   567  N N     . ILE A 1 70  ? -1.308  2.221   -7.010  1.00 12.54 ? 70  ILE A N     1 
ATOM   568  C CA    . ILE A 1 70  ? -1.060  3.144   -8.105  1.00 12.22 ? 70  ILE A CA    1 
ATOM   569  C C     . ILE A 1 70  ? -1.834  4.437   -7.892  1.00 13.49 ? 70  ILE A C     1 
ATOM   570  O O     . ILE A 1 70  ? -3.050  4.422   -7.757  1.00 12.57 ? 70  ILE A O     1 
ATOM   571  C CB    . ILE A 1 70  ? -1.438  2.532   -9.460  1.00 14.57 ? 70  ILE A CB    1 
ATOM   572  C CG1   . ILE A 1 70  ? -0.750  1.177   -9.639  1.00 18.60 ? 70  ILE A CG1   1 
ATOM   573  C CG2   . ILE A 1 70  ? -1.066  3.476   -10.592 1.00 17.58 ? 70  ILE A CG2   1 
ATOM   574  C CD1   . ILE A 1 70  ? -0.951  0.561   -10.997 1.00 22.00 ? 70  ILE A CD1   1 
ATOM   575  N N     . LEU A 1 71  ? -1.109  5.551   -7.859  1.00 12.87 ? 71  LEU A N     1 
ATOM   576  C CA    . LEU A 1 71  ? -1.694  6.859   -7.596  1.00 12.71 ? 71  LEU A CA    1 
ATOM   577  C C     . LEU A 1 71  ? -1.704  7.714   -8.856  1.00 14.10 ? 71  LEU A C     1 
ATOM   578  O O     . LEU A 1 71  ? -0.659  7.957   -9.450  1.00 11.51 ? 71  LEU A O     1 
ATOM   579  C CB    . LEU A 1 71  ? -0.915  7.574   -6.493  1.00 13.04 ? 71  LEU A CB    1 
ATOM   580  C CG    . LEU A 1 71  ? -1.160  7.139   -5.048  1.00 12.51 ? 71  LEU A CG    1 
ATOM   581  C CD1   . LEU A 1 71  ? -0.991  5.639   -4.907  1.00 11.94 ? 71  LEU A CD1   1 
ATOM   582  C CD2   . LEU A 1 71  ? -0.226  7.874   -4.102  1.00 14.13 ? 71  LEU A CD2   1 
ATOM   583  N N     . TRP A 1 72  ? -2.891  8.166   -9.247  1.00 12.37 ? 72  TRP A N     1 
ATOM   584  C CA    . TRP A 1 72  ? -3.063  8.980   -10.435 1.00 16.23 ? 72  TRP A CA    1 
ATOM   585  C C     . TRP A 1 72  ? -3.392  10.423  -10.087 1.00 15.90 ? 72  TRP A C     1 
ATOM   586  O O     . TRP A 1 72  ? -3.933  10.712  -9.024  1.00 15.28 ? 72  TRP A O     1 
ATOM   587  C CB    . TRP A 1 72  ? -4.200  8.431   -11.298 1.00 16.83 ? 72  TRP A CB    1 
ATOM   588  C CG    . TRP A 1 72  ? -3.976  7.070   -11.846 1.00 17.68 ? 72  TRP A CG    1 
ATOM   589  C CD1   . TRP A 1 72  ? -4.487  5.904   -11.367 1.00 20.11 ? 72  TRP A CD1   1 
ATOM   590  C CD2   . TRP A 1 72  ? -3.198  6.725   -12.997 1.00 20.99 ? 72  TRP A CD2   1 
ATOM   591  N NE1   . TRP A 1 72  ? -4.072  4.853   -12.139 1.00 21.83 ? 72  TRP A NE1   1 
ATOM   592  C CE2   . TRP A 1 72  ? -3.281  5.329   -13.150 1.00 22.57 ? 72  TRP A CE2   1 
ATOM   593  C CE3   . TRP A 1 72  ? -2.441  7.462   -13.913 1.00 19.70 ? 72  TRP A CE3   1 
ATOM   594  C CZ2   . TRP A 1 72  ? -2.633  4.654   -14.177 1.00 25.55 ? 72  TRP A CZ2   1 
ATOM   595  C CZ3   . TRP A 1 72  ? -1.801  6.789   -14.932 1.00 24.37 ? 72  TRP A CZ3   1 
ATOM   596  C CH2   . TRP A 1 72  ? -1.899  5.399   -15.055 1.00 26.41 ? 72  TRP A CH2   1 
ATOM   597  N N     . ASP A 1 73  ? -3.079  11.319  -11.013 1.00 16.64 ? 73  ASP A N     1 
ATOM   598  C CA    . ASP A 1 73  ? -3.557  12.686  -10.943 1.00 13.57 ? 73  ASP A CA    1 
ATOM   599  C C     . ASP A 1 73  ? -3.238  13.381  -9.625  1.00 16.14 ? 73  ASP A C     1 
ATOM   600  O O     . ASP A 1 73  ? -2.084  13.473  -9.235  1.00 13.84 ? 73  ASP A O     1 
ATOM   601  C CB    . ASP A 1 73  ? -5.058  12.706  -11.222 1.00 16.42 ? 73  ASP A CB    1 
ATOM   602  C CG    . ASP A 1 73  ? -5.395  12.110  -12.571 1.00 19.90 ? 73  ASP A CG    1 
ATOM   603  O OD1   . ASP A 1 73  ? -4.578  12.273  -13.495 1.00 22.12 ? 73  ASP A OD1   1 
ATOM   604  O OD2   . ASP A 1 73  ? -6.458  11.472  -12.709 1.00 21.52 ? 73  ASP A OD2   1 
ATOM   605  N N     . GLU A 1 74  ? -4.264  13.874  -8.946  1.00 13.69 ? 74  GLU A N     1 
ATOM   606  C CA    . GLU A 1 74  ? -4.049  14.679  -7.746  1.00 13.24 ? 74  GLU A CA    1 
ATOM   607  C C     . GLU A 1 74  ? -3.269  13.913  -6.677  1.00 16.58 ? 74  GLU A C     1 
ATOM   608  O O     . GLU A 1 74  ? -2.562  14.506  -5.870  1.00 12.21 ? 74  GLU A O     1 
ATOM   609  C CB    . GLU A 1 74  ? -5.379  15.180  -7.175  1.00 16.02 ? 74  GLU A CB    1 
ATOM   610  C CG    . GLU A 1 74  ? -6.302  14.091  -6.674  1.00 16.71 ? 74  GLU A CG    1 
ATOM   611  C CD    . GLU A 1 74  ? -7.335  13.681  -7.705  1.00 18.29 ? 74  GLU A CD    1 
ATOM   612  O OE1   . GLU A 1 74  ? -7.037  13.763  -8.912  1.00 19.18 ? 74  GLU A OE1   1 
ATOM   613  O OE2   . GLU A 1 74  ? -8.442  13.273  -7.305  1.00 17.68 ? 74  GLU A OE2   1 
ATOM   614  N N     . HIS A 1 75  ? -3.410  12.592  -6.680  1.00 13.95 ? 75  HIS A N     1 
ATOM   615  C CA    . HIS A 1 75  ? -2.738  11.751  -5.698  1.00 14.29 ? 75  HIS A CA    1 
ATOM   616  C C     . HIS A 1 75  ? -1.259  11.591  -6.037  1.00 12.51 ? 75  HIS A C     1 
ATOM   617  O O     . HIS A 1 75  ? -0.399  11.620  -5.158  1.00 14.06 ? 75  HIS A O     1 
ATOM   618  C CB    . HIS A 1 75  ? -3.408  10.377  -5.621  1.00 13.29 ? 75  HIS A CB    1 
ATOM   619  C CG    . HIS A 1 75  ? -4.904  10.426  -5.629  1.00 14.98 ? 75  HIS A CG    1 
ATOM   620  N ND1   . HIS A 1 75  ? -5.643  10.781  -4.522  1.00 15.74 ? 75  HIS A ND1   1 
ATOM   621  C CD2   . HIS A 1 75  ? -5.800  10.153  -6.605  1.00 14.74 ? 75  HIS A CD2   1 
ATOM   622  C CE1   . HIS A 1 75  ? -6.928  10.733  -4.817  1.00 18.07 ? 75  HIS A CE1   1 
ATOM   623  N NE2   . HIS A 1 75  ? -7.051  10.353  -6.075  1.00 15.09 ? 75  HIS A NE2   1 
ATOM   624  N N     . ASP A 1 76  ? -0.982  11.409  -7.322  1.00 12.89 ? 76  ASP A N     1 
ATOM   625  C CA    . ASP A 1 76  ? 0.361   11.544  -7.884  1.00 12.19 ? 76  ASP A CA    1 
ATOM   626  C C     . ASP A 1 76  ? 1.023   12.846  -7.455  1.00 12.69 ? 76  ASP A C     1 
ATOM   627  O O     . ASP A 1 76  ? 2.062   12.845  -6.803  1.00 12.36 ? 76  ASP A O     1 
ATOM   628  C CB    . ASP A 1 76  ? 0.271   11.495  -9.411  1.00 16.19 ? 76  ASP A CB    1 
ATOM   629  C CG    . ASP A 1 76  ? 1.625   11.398  -10.083 1.00 14.38 ? 76  ASP A CG    1 
ATOM   630  O OD1   . ASP A 1 76  ? 2.654   11.630  -9.417  1.00 13.35 ? 76  ASP A OD1   1 
ATOM   631  O OD2   . ASP A 1 76  ? 1.650   11.094  -11.291 1.00 14.89 ? 76  ASP A OD2   1 
ATOM   632  N N     . PHE A 1 77  ? 0.408   13.956  -7.844  1.00 13.61 ? 77  PHE A N     1 
ATOM   633  C CA    . PHE A 1 77  ? 0.946   15.278  -7.570  1.00 15.22 ? 77  PHE A CA    1 
ATOM   634  C C     . PHE A 1 77  ? 1.228   15.478  -6.087  1.00 12.16 ? 77  PHE A C     1 
ATOM   635  O O     . PHE A 1 77  ? 2.270   16.008  -5.715  1.00 15.11 ? 77  PHE A O     1 
ATOM   636  C CB    . PHE A 1 77  ? -0.018  16.347  -8.079  1.00 15.98 ? 77  PHE A CB    1 
ATOM   637  C CG    . PHE A 1 77  ? -0.064  16.458  -9.574  1.00 18.29 ? 77  PHE A CG    1 
ATOM   638  C CD1   . PHE A 1 77  ? 1.086   16.716  -10.298 1.00 20.12 ? 77  PHE A CD1   1 
ATOM   639  C CD2   . PHE A 1 77  ? -1.254  16.306  -10.257 1.00 19.91 ? 77  PHE A CD2   1 
ATOM   640  C CE1   . PHE A 1 77  ? 1.044   16.819  -11.669 1.00 20.03 ? 77  PHE A CE1   1 
ATOM   641  C CE2   . PHE A 1 77  ? -1.298  16.410  -11.628 1.00 22.37 ? 77  PHE A CE2   1 
ATOM   642  C CZ    . PHE A 1 77  ? -0.148  16.666  -12.334 1.00 19.13 ? 77  PHE A CZ    1 
ATOM   643  N N     . TYR A 1 78  ? 0.299   15.049  -5.247  1.00 11.75 ? 78  TYR A N     1 
ATOM   644  C CA    . TYR A 1 78  ? 0.445   15.208  -3.811  1.00 12.94 ? 78  TYR A CA    1 
ATOM   645  C C     . TYR A 1 78  ? 1.635   14.430  -3.260  1.00 14.41 ? 78  TYR A C     1 
ATOM   646  O O     . TYR A 1 78  ? 2.490   14.987  -2.586  1.00 13.65 ? 78  TYR A O     1 
ATOM   647  C CB    . TYR A 1 78  ? -0.830  14.765  -3.095  1.00 10.65 ? 78  TYR A CB    1 
ATOM   648  C CG    . TYR A 1 78  ? -0.794  14.987  -1.601  1.00 10.81 ? 78  TYR A CG    1 
ATOM   649  C CD1   . TYR A 1 78  ? -0.252  16.144  -1.068  1.00 14.93 ? 78  TYR A CD1   1 
ATOM   650  C CD2   . TYR A 1 78  ? -1.307  14.043  -0.726  1.00 13.71 ? 78  TYR A CD2   1 
ATOM   651  C CE1   . TYR A 1 78  ? -0.217  16.354  0.290   1.00 16.19 ? 78  TYR A CE1   1 
ATOM   652  C CE2   . TYR A 1 78  ? -1.273  14.243  0.636   1.00 16.70 ? 78  TYR A CE2   1 
ATOM   653  C CZ    . TYR A 1 78  ? -0.726  15.400  1.141   1.00 15.25 ? 78  TYR A CZ    1 
ATOM   654  O OH    . TYR A 1 78  ? -0.690  15.614  2.495   1.00 16.41 ? 78  TYR A OH    1 
ATOM   655  N N     . CYS A 1 79  ? 1.673   13.134  -3.556  1.00 11.45 ? 79  CYS A N     1 
ATOM   656  C CA    . CYS A 1 79  ? 2.569   12.203  -2.883  1.00 11.43 ? 79  CYS A CA    1 
ATOM   657  C C     . CYS A 1 79  ? 3.955   12.009  -3.496  1.00 13.81 ? 79  CYS A C     1 
ATOM   658  O O     . CYS A 1 79  ? 4.889   11.647  -2.792  1.00 13.97 ? 79  CYS A O     1 
ATOM   659  C CB    . CYS A 1 79  ? 1.903   10.830  -2.774  1.00 15.29 ? 79  CYS A CB    1 
ATOM   660  S SG    . CYS A 1 79  ? 0.414   10.774  -1.768  1.00 14.85 ? 79  CYS A SG    1 
ATOM   661  N N     . ARG A 1 80  ? 4.082   12.212  -4.801  1.00 14.33 ? 80  ARG A N     1 
ATOM   662  C CA    . ARG A 1 80  ? 5.270   11.752  -5.517  1.00 14.85 ? 80  ARG A CA    1 
ATOM   663  C C     . ARG A 1 80  ? 6.604   12.260  -4.959  1.00 16.25 ? 80  ARG A C     1 
ATOM   664  O O     . ARG A 1 80  ? 7.611   11.564  -5.015  1.00 16.33 ? 80  ARG A O     1 
ATOM   665  C CB    . ARG A 1 80  ? 5.140   11.980  -7.028  1.00 16.07 ? 80  ARG A CB    1 
ATOM   666  C CG    . ARG A 1 80  ? 5.836   13.206  -7.547  1.00 20.43 ? 80  ARG A CG    1 
ATOM   667  C CD    . ARG A 1 80  ? 4.951   14.414  -7.386  1.00 18.18 ? 80  ARG A CD    1 
ATOM   668  N NE    . ARG A 1 80  ? 5.164   15.393  -8.441  1.00 16.81 ? 80  ARG A NE    1 
ATOM   669  C CZ    . ARG A 1 80  ? 4.636   15.311  -9.655  1.00 18.71 ? 80  ARG A CZ    1 
ATOM   670  N NH1   . ARG A 1 80  ? 3.870   14.287  -9.985  1.00 20.13 ? 80  ARG A NH1   1 
ATOM   671  N NH2   . ARG A 1 80  ? 4.885   16.257  -10.546 1.00 18.30 ? 80  ARG A NH2   1 
ATOM   672  N N     . ASN A 1 81  ? 6.599   13.465  -4.410  1.00 17.61 ? 81  ASN A N     1 
ATOM   673  C CA    . ASN A 1 81  ? 7.791   14.015  -3.778  1.00 17.48 ? 81  ASN A CA    1 
ATOM   674  C C     . ASN A 1 81  ? 7.630   14.212  -2.273  1.00 17.29 ? 81  ASN A C     1 
ATOM   675  O O     . ASN A 1 81  ? 8.208   15.121  -1.691  1.00 17.04 ? 81  ASN A O     1 
ATOM   676  C CB    . ASN A 1 81  ? 8.199   15.326  -4.455  1.00 19.65 ? 81  ASN A CB    1 
ATOM   677  C CG    . ASN A 1 81  ? 8.782   15.107  -5.838  1.00 27.85 ? 81  ASN A CG    1 
ATOM   678  O OD1   . ASN A 1 81  ? 8.165   15.446  -6.845  1.00 26.52 ? 81  ASN A OD1   1 
ATOM   679  N ND2   . ASN A 1 81  ? 9.974   14.532  -5.892  1.00 23.99 ? 81  ASN A ND2   1 
ATOM   680  N N     . TYR A 1 82  ? 6.849   13.338  -1.651  1.00 17.88 ? 82  TYR A N     1 
ATOM   681  C CA    . TYR A 1 82  ? 6.382   13.553  -0.290  1.00 14.90 ? 82  TYR A CA    1 
ATOM   682  C C     . TYR A 1 82  ? 6.390   12.249  0.501   1.00 17.17 ? 82  TYR A C     1 
ATOM   683  O O     . TYR A 1 82  ? 7.025   12.156  1.543   1.00 18.30 ? 82  TYR A O     1 
ATOM   684  C CB    . TYR A 1 82  ? 4.982   14.163  -0.301  1.00 14.63 ? 82  TYR A CB    1 
ATOM   685  C CG    . TYR A 1 82  ? 4.342   14.293  1.065   1.00 16.64 ? 82  TYR A CG    1 
ATOM   686  C CD1   . TYR A 1 82  ? 5.048   14.813  2.139   1.00 17.78 ? 82  TYR A CD1   1 
ATOM   687  C CD2   . TYR A 1 82  ? 3.026   13.902  1.275   1.00 18.17 ? 82  TYR A CD2   1 
ATOM   688  C CE1   . TYR A 1 82  ? 4.461   14.938  3.382   1.00 18.64 ? 82  TYR A CE1   1 
ATOM   689  C CE2   . TYR A 1 82  ? 2.434   14.022  2.513   1.00 18.58 ? 82  TYR A CE2   1 
ATOM   690  C CZ    . TYR A 1 82  ? 3.154   14.542  3.564   1.00 19.42 ? 82  TYR A CZ    1 
ATOM   691  O OH    . TYR A 1 82  ? 2.566   14.664  4.799   1.00 21.74 ? 82  TYR A OH    1 
ATOM   692  N N     . ILE A 1 83  ? 5.723   11.233  -0.025  1.00 16.79 ? 83  ILE A N     1 
ATOM   693  C CA    . ILE A 1 83  ? 5.673   9.938   0.626   1.00 16.50 ? 83  ILE A CA    1 
ATOM   694  C C     . ILE A 1 83  ? 6.976   9.189   0.331   1.00 19.22 ? 83  ILE A C     1 
ATOM   695  O O     . ILE A 1 83  ? 7.285   8.936   -0.791  1.00 18.86 ? 83  ILE A O     1 
ATOM   696  C CB    . ILE A 1 83  ? 4.460   9.068   0.148   1.00 16.43 ? 83  ILE A CB    1 
ATOM   697  C CG1   . ILE A 1 83  ? 3.133   9.730   0.525   1.00 20.09 ? 83  ILE A CG1   1 
ATOM   698  C CG2   . ILE A 1 83  ? 4.484   7.725   0.746   1.00 20.07 ? 83  ILE A CG2   1 
ATOM   699  C CD1   . ILE A 1 83  ? 3.137   10.304  1.825   1.00 21.67 ? 83  ILE A CD1   1 
ATOM   700  N N     . LYS A 1 84  ? 7.726   8.870   1.376   1.00 18.66 ? 84  LYS A N     1 
ATOM   701  C CA    . LYS A 1 84  ? 9.037   8.249   1.254   1.00 17.03 ? 84  LYS A CA    1 
ATOM   702  C C     . LYS A 1 84  ? 9.094   6.780   1.653   1.00 14.64 ? 84  LYS A C     1 
ATOM   703  O O     . LYS A 1 84  ? 8.379   6.347   2.511   1.00 14.61 ? 84  LYS A O     1 
ATOM   704  C CB    . LYS A 1 84  ? 10.056  8.998   2.112   1.00 18.61 ? 84  LYS A CB    1 
ATOM   705  C CG    . LYS A 1 84  ? 10.251  10.470  1.798   1.00 24.99 ? 84  LYS A CG    1 
ATOM   706  C CD    . LYS A 1 84  ? 10.410  10.656  0.336   1.00 26.54 ? 84  LYS A CD    1 
ATOM   707  C CE    . LYS A 1 84  ? 10.997  12.018  -0.046  1.00 33.24 ? 84  LYS A CE    1 
ATOM   708  N NZ    . LYS A 1 84  ? 10.894  12.189  -1.487  1.00 28.21 ? 84  LYS A NZ    1 
ATOM   709  N N     . GLU A 1 85  ? 9.992   6.035   1.034   1.00 14.19 ? 85  GLU A N     1 
ATOM   710  C CA    . GLU A 1 85  ? 10.211  4.659   1.450   1.00 13.50 ? 85  GLU A CA    1 
ATOM   711  C C     . GLU A 1 85  ? 10.481  4.605   2.947   1.00 16.07 ? 85  GLU A C     1 
ATOM   712  O O     . GLU A 1 85  ? 11.327  5.334   3.458   1.00 18.32 ? 85  GLU A O     1 
ATOM   713  C CB    . GLU A 1 85  ? 11.362  4.025   0.661   1.00 13.58 ? 85  GLU A CB    1 
ATOM   714  C CG    . GLU A 1 85  ? 10.993  3.680   -0.766  1.00 13.42 ? 85  GLU A CG    1 
ATOM   715  C CD    . GLU A 1 85  ? 12.136  3.068   -1.554  1.00 18.44 ? 85  GLU A CD    1 
ATOM   716  O OE1   . GLU A 1 85  ? 13.273  3.050   -1.047  1.00 15.96 ? 85  GLU A OE1   1 
ATOM   717  O OE2   . GLU A 1 85  ? 11.888  2.611   -2.686  1.00 17.17 ? 85  GLU A OE2   1 
ATOM   718  N N     . GLY A 1 86  ? 9.739   3.755   3.644   1.00 13.80 ? 86  GLY A N     1 
ATOM   719  C CA    . GLY A 1 86  ? 9.891   3.616   5.079   1.00 14.84 ? 86  GLY A CA    1 
ATOM   720  C C     . GLY A 1 86  ? 8.789   4.310   5.856   1.00 16.96 ? 86  GLY A C     1 
ATOM   721  O O     . GLY A 1 86  ? 8.541   3.991   7.017   1.00 16.49 ? 86  GLY A O     1 
ATOM   722  N N     . ASP A 1 87  ? 8.128   5.262   5.208   1.00 16.30 ? 87  ASP A N     1 
ATOM   723  C CA    . ASP A 1 87  ? 7.049   6.008   5.835   1.00 16.21 ? 87  ASP A CA    1 
ATOM   724  C C     . ASP A 1 87  ? 5.887   5.098   6.219   1.00 17.49 ? 87  ASP A C     1 
ATOM   725  O O     . ASP A 1 87  ? 5.730   4.014   5.668   1.00 16.29 ? 87  ASP A O     1 
ATOM   726  C CB    . ASP A 1 87  ? 6.557   7.115   4.905   1.00 16.23 ? 87  ASP A CB    1 
ATOM   727  C CG    . ASP A 1 87  ? 7.551   8.247   4.776   1.00 19.87 ? 87  ASP A CG    1 
ATOM   728  O OD1   . ASP A 1 87  ? 8.544   8.247   5.529   1.00 17.35 ? 87  ASP A OD1   1 
ATOM   729  O OD2   . ASP A 1 87  ? 7.332   9.136   3.930   1.00 20.97 ? 87  ASP A OD2   1 
ATOM   730  N N     . TYR A 1 88  ? 5.078   5.562   7.166   1.00 13.91 ? 88  TYR A N     1 
ATOM   731  C CA    . TYR A 1 88  ? 3.759   4.995   7.407   1.00 15.56 ? 88  TYR A CA    1 
ATOM   732  C C     . TYR A 1 88  ? 2.654   5.856   6.798   1.00 17.04 ? 88  TYR A C     1 
ATOM   733  O O     . TYR A 1 88  ? 2.701   7.082   6.857   1.00 15.26 ? 88  TYR A O     1 
ATOM   734  C CB    . TYR A 1 88  ? 3.522   4.823   8.906   1.00 16.16 ? 88  TYR A CB    1 
ATOM   735  C CG    . TYR A 1 88  ? 4.526   3.916   9.578   1.00 16.44 ? 88  TYR A CG    1 
ATOM   736  C CD1   . TYR A 1 88  ? 5.686   4.427   10.133  1.00 19.88 ? 88  TYR A CD1   1 
ATOM   737  C CD2   . TYR A 1 88  ? 4.314   2.550   9.651   1.00 17.87 ? 88  TYR A CD2   1 
ATOM   738  C CE1   . TYR A 1 88  ? 6.606   3.604   10.740  1.00 19.31 ? 88  TYR A CE1   1 
ATOM   739  C CE2   . TYR A 1 88  ? 5.222   1.722   10.260  1.00 17.92 ? 88  TYR A CE2   1 
ATOM   740  C CZ    . TYR A 1 88  ? 6.369   2.252   10.803  1.00 18.32 ? 88  TYR A CZ    1 
ATOM   741  O OH    . TYR A 1 88  ? 7.283   1.429   11.410  1.00 19.60 ? 88  TYR A OH    1 
ATOM   742  N N     . VAL A 1 89  ? 1.660   5.197   6.213   1.00 13.05 ? 89  VAL A N     1 
ATOM   743  C CA    . VAL A 1 89  ? 0.524   5.888   5.620   1.00 14.73 ? 89  VAL A CA    1 
ATOM   744  C C     . VAL A 1 89  ? -0.792  5.288   6.101   1.00 12.76 ? 89  VAL A C     1 
ATOM   745  O O     . VAL A 1 89  ? -0.866  4.108   6.429   1.00 15.78 ? 89  VAL A O     1 
ATOM   746  C CB    . VAL A 1 89  ? 0.581   5.842   4.087   1.00 15.28 ? 89  VAL A CB    1 
ATOM   747  C CG1   . VAL A 1 89  ? 1.782   6.625   3.583   1.00 14.74 ? 89  VAL A CG1   1 
ATOM   748  C CG2   . VAL A 1 89  ? 0.636   4.406   3.602   1.00 13.56 ? 89  VAL A CG2   1 
ATOM   749  N N     . VAL A 1 90  ? -1.828  6.115   6.149   1.00 13.86 ? 90  VAL A N     1 
ATOM   750  C CA    . VAL A 1 90  ? -3.195  5.623   6.184   1.00 14.98 ? 90  VAL A CA    1 
ATOM   751  C C     . VAL A 1 90  ? -3.892  5.906   4.859   1.00 14.02 ? 90  VAL A C     1 
ATOM   752  O O     . VAL A 1 90  ? -3.896  7.038   4.376   1.00 15.46 ? 90  VAL A O     1 
ATOM   753  C CB    . VAL A 1 90  ? -3.994  6.244   7.354   1.00 18.59 ? 90  VAL A CB    1 
ATOM   754  C CG1   . VAL A 1 90  ? -4.042  7.752   7.231   1.00 18.31 ? 90  VAL A CG1   1 
ATOM   755  C CG2   . VAL A 1 90  ? -5.395  5.665   7.414   1.00 16.73 ? 90  VAL A CG2   1 
ATOM   756  N N     . MET A 1 91  ? -4.486  4.872   4.275   1.00 15.33 ? 91  MET A N     1 
ATOM   757  C CA    . MET A 1 91  ? -5.179  5.004   3.003   1.00 14.30 ? 91  MET A CA    1 
ATOM   758  C C     . MET A 1 91  ? -6.651  4.651   3.182   1.00 16.70 ? 91  MET A C     1 
ATOM   759  O O     . MET A 1 91  ? -6.981  3.634   3.776   1.00 16.12 ? 91  MET A O     1 
ATOM   760  C CB    . MET A 1 91  ? -4.511  4.127   1.941   1.00 19.73 ? 91  MET A CB    1 
ATOM   761  C CG    . MET A 1 91  ? -2.984  4.232   1.958   1.00 19.63 ? 91  MET A CG    1 
ATOM   762  S SD    . MET A 1 91  ? -2.120  3.302   0.672   1.00 25.69 ? 91  MET A SD    1 
ATOM   763  C CE    . MET A 1 91  ? -3.108  3.714   -0.752  1.00 16.52 ? 91  MET A CE    1 
ATOM   764  N N     . LYS A 1 92  ? -7.530  5.509   2.678   1.00 16.42 ? 92  LYS A N     1 
ATOM   765  C CA    . LYS A 1 92  ? -8.959  5.372   2.921   1.00 17.93 ? 92  LYS A CA    1 
ATOM   766  C C     . LYS A 1 92  ? -9.745  5.312   1.619   1.00 18.10 ? 92  LYS A C     1 
ATOM   767  O O     . LYS A 1 92  ? -9.552  6.135   0.728   1.00 15.04 ? 92  LYS A O     1 
ATOM   768  C CB    . LYS A 1 92  ? -9.469  6.505   3.816   1.00 18.88 ? 92  LYS A CB    1 
ATOM   769  C CG    . LYS A 1 92  ? -8.975  6.409   5.252   1.00 17.31 ? 92  LYS A CG    1 
ATOM   770  C CD    . LYS A 1 92  ? -9.477  7.560   6.101   1.00 19.89 ? 92  LYS A CD    1 
ATOM   771  C CE    . LYS A 1 92  ? -8.362  8.123   6.971   1.00 25.57 ? 92  LYS A CE    1 
ATOM   772  N NZ    . LYS A 1 92  ? -8.858  9.033   8.037   1.00 29.99 ? 92  LYS A NZ    1 
ATOM   773  N N     . ASN A 1 93  ? -10.650 4.339   1.545   1.00 14.32 ? 93  ASN A N     1 
ATOM   774  C CA    . ASN A 1 93  ? -11.614 4.210   0.458   1.00 16.93 ? 93  ASN A CA    1 
ATOM   775  C C     . ASN A 1 93  ? -11.000 4.001   -0.919  1.00 16.97 ? 93  ASN A C     1 
ATOM   776  O O     . ASN A 1 93  ? -11.569 4.396   -1.930  1.00 17.62 ? 93  ASN A O     1 
ATOM   777  C CB    . ASN A 1 93  ? -12.567 5.406   0.448   1.00 17.47 ? 93  ASN A CB    1 
ATOM   778  C CG    . ASN A 1 93  ? -13.451 5.452   1.677   1.00 18.13 ? 93  ASN A CG    1 
ATOM   779  O OD1   . ASN A 1 93  ? -13.898 4.420   2.168   1.00 20.03 ? 93  ASN A OD1   1 
ATOM   780  N ND2   . ASN A 1 93  ? -13.699 6.652   2.185   1.00 20.28 ? 93  ASN A ND2   1 
ATOM   781  N N     . VAL A 1 94  ? -9.835  3.369   -0.946  1.00 15.91 ? 94  VAL A N     1 
ATOM   782  C CA    . VAL A 1 94  ? -9.137  3.121   -2.194  1.00 16.04 ? 94  VAL A CA    1 
ATOM   783  C C     . VAL A 1 94  ? -9.764  1.950   -2.943  1.00 14.96 ? 94  VAL A C     1 
ATOM   784  O O     . VAL A 1 94  ? -10.253 1.007   -2.331  1.00 16.46 ? 94  VAL A O     1 
ATOM   785  C CB    . VAL A 1 94  ? -7.642  2.859   -1.950  1.00 15.54 ? 94  VAL A CB    1 
ATOM   786  C CG1   . VAL A 1 94  ? -7.033  4.027   -1.193  1.00 22.49 ? 94  VAL A CG1   1 
ATOM   787  C CG2   . VAL A 1 94  ? -7.453  1.571   -1.179  1.00 16.36 ? 94  VAL A CG2   1 
ATOM   788  N N     . ARG A 1 95  ? -9.751  2.030   -4.268  1.00 12.86 ? 95  ARG A N     1 
ATOM   789  C CA    . ARG A 1 95  ? -10.282 0.977   -5.107  1.00 14.90 ? 95  ARG A CA    1 
ATOM   790  C C     . ARG A 1 95  ? -9.285  -0.177  -5.255  1.00 13.63 ? 95  ARG A C     1 
ATOM   791  O O     . ARG A 1 95  ? -8.116  0.045   -5.402  1.00 14.84 ? 95  ARG A O     1 
ATOM   792  C CB    . ARG A 1 95  ? -10.640 1.539   -6.489  1.00 17.30 ? 95  ARG A CB    1 
ATOM   793  C CG    . ARG A 1 95  ? -10.726 0.589   -7.621  1.00 18.02 ? 95  ARG A CG    1 
ATOM   794  C CD    . ARG A 1 95  ? -10.973 1.325   -8.945  1.00 21.18 ? 95  ARG A CD    1 
ATOM   795  N NE    . ARG A 1 95  ? -12.290 1.954   -8.960  1.00 19.90 ? 95  ARG A NE    1 
ATOM   796  C CZ    . ARG A 1 95  ? -12.766 2.730   -9.915  1.00 23.75 ? 95  ARG A CZ    1 
ATOM   797  N NH1   . ARG A 1 95  ? -12.041 3.018   -10.948 1.00 23.31 ? 95  ARG A NH1   1 
ATOM   798  N NH2   . ARG A 1 95  ? -13.974 3.244   -9.824  1.00 20.25 ? 95  ARG A NH2   1 
ATOM   799  N N     . THR A 1 96  ? -9.794  -1.400  -5.249  1.00 16.18 ? 96  THR A N     1 
ATOM   800  C CA    . THR A 1 96  ? -8.950  -2.557  -5.489  1.00 16.45 ? 96  THR A CA    1 
ATOM   801  C C     . THR A 1 96  ? -9.384  -3.254  -6.768  1.00 18.80 ? 96  THR A C     1 
ATOM   802  O O     . THR A 1 96  ? -10.549 -3.224  -7.137  1.00 18.47 ? 96  THR A O     1 
ATOM   803  C CB    . THR A 1 96  ? -9.018  -3.555  -4.333  1.00 16.33 ? 96  THR A CB    1 
ATOM   804  O OG1   . THR A 1 96  ? -10.351 -4.062  -4.220  1.00 17.13 ? 96  THR A OG1   1 
ATOM   805  C CG2   . THR A 1 96  ? -8.614  -2.880  -3.029  1.00 16.63 ? 96  THR A CG2   1 
ATOM   806  N N     . LYS A 1 97  ? -8.423  -3.867  -7.443  1.00 14.67 ? 97  LYS A N     1 
ATOM   807  C CA    . LYS A 1 97  ? -8.701  -4.681  -8.614  1.00 21.36 ? 97  LYS A CA    1 
ATOM   808  C C     . LYS A 1 97  ? -7.621  -5.734  -8.803  1.00 20.63 ? 97  LYS A C     1 
ATOM   809  O O     . LYS A 1 97  ? -6.765  -5.922  -7.941  1.00 18.11 ? 97  LYS A O     1 
ATOM   810  C CB    . LYS A 1 97  ? -8.788  -3.808  -9.862  1.00 21.86 ? 97  LYS A CB    1 
ATOM   811  C CG    . LYS A 1 97  ? -7.533  -3.018  -10.144 1.00 22.88 ? 97  LYS A CG    1 
ATOM   812  C CD    . LYS A 1 97  ? -7.728  -2.068  -11.308 1.00 27.61 ? 97  LYS A CD    1 
ATOM   813  C CE    . LYS A 1 97  ? -7.324  -2.714  -12.616 1.00 25.84 ? 97  LYS A CE    1 
ATOM   814  N NZ    . LYS A 1 97  ? -6.870  -1.704  -13.608 1.00 30.71 ? 97  LYS A NZ    1 
ATOM   815  N N     . ILE A 1 98  ? -7.679  -6.407  -9.936  1.00 21.17 ? 98  ILE A N     1 
ATOM   816  C CA    . ILE A 1 98  ? -6.687  -7.384  -10.353 1.00 23.27 ? 98  ILE A CA    1 
ATOM   817  C C     . ILE A 1 98  ? -5.807  -6.909  -11.513 1.00 25.91 ? 98  ILE A C     1 
ATOM   818  O O     . ILE A 1 98  ? -6.287  -6.358  -12.478 1.00 27.74 ? 98  ILE A O     1 
ATOM   819  C CB    . ILE A 1 98  ? -7.341  -8.690  -10.783 1.00 24.77 ? 98  ILE A CB    1 
ATOM   820  C CG1   . ILE A 1 98  ? -8.057  -9.363  -9.632  1.00 23.37 ? 98  ILE A CG1   1 
ATOM   821  C CG2   . ILE A 1 98  ? -6.290  -9.611  -11.268 1.00 28.61 ? 98  ILE A CG2   1 
ATOM   822  C CD1   . ILE A 1 98  ? -7.130  -9.777  -8.540  1.00 24.41 ? 98  ILE A CD1   1 
ATOM   823  N N     . ASP A 1 99  ? -4.504  -7.123  -11.381 1.00 23.72 ? 99  ASP A N     1 
ATOM   824  C CA    . ASP A 1 99  ? -3.581  -6.758  -12.443 1.00 27.69 ? 99  ASP A CA    1 
ATOM   825  C C     . ASP A 1 99  ? -3.621  -7.831  -13.517 1.00 28.64 ? 99  ASP A C     1 
ATOM   826  O O     . ASP A 1 99  ? -4.376  -8.791  -13.416 1.00 27.16 ? 99  ASP A O     1 
ATOM   827  C CB    . ASP A 1 99  ? -2.161  -6.536  -11.910 1.00 27.51 ? 99  ASP A CB    1 
ATOM   828  C CG    . ASP A 1 99  ? -1.493  -7.816  -11.455 1.00 26.61 ? 99  ASP A CG    1 
ATOM   829  O OD1   . ASP A 1 99  ? -2.014  -8.905  -11.752 1.00 27.21 ? 99  ASP A OD1   1 
ATOM   830  O OD2   . ASP A 1 99  ? -0.438  -7.727  -10.797 1.00 31.29 ? 99  ASP A OD2   1 
ATOM   831  N N     . HIS A 1 100 ? -2.823  -7.652  -14.558 1.00 34.12 ? 100 HIS A N     1 
ATOM   832  C CA    . HIS A 1 100 ? -2.852  -8.549  -15.703 1.00 35.58 ? 100 HIS A CA    1 
ATOM   833  C C     . HIS A 1 100 ? -2.457  -9.989  -15.376 1.00 32.85 ? 100 HIS A C     1 
ATOM   834  O O     . HIS A 1 100 ? -2.612  -10.879 -16.205 1.00 37.11 ? 100 HIS A O     1 
ATOM   835  C CB    . HIS A 1 100 ? -1.952  -7.996  -16.811 1.00 36.78 ? 100 HIS A CB    1 
ATOM   836  C CG    . HIS A 1 100 ? -2.517  -6.794  -17.498 1.00 34.27 ? 100 HIS A CG    1 
ATOM   837  N ND1   . HIS A 1 100 ? -1.782  -6.016  -18.366 1.00 38.59 ? 100 HIS A ND1   1 
ATOM   838  C CD2   . HIS A 1 100 ? -3.752  -6.241  -17.452 1.00 33.89 ? 100 HIS A CD2   1 
ATOM   839  C CE1   . HIS A 1 100 ? -2.539  -5.036  -18.823 1.00 35.89 ? 100 HIS A CE1   1 
ATOM   840  N NE2   . HIS A 1 100 ? -3.739  -5.149  -18.285 1.00 33.85 ? 100 HIS A NE2   1 
ATOM   841  N N     . LEU A 1 101 ? -1.956  -10.216 -14.169 1.00 33.66 ? 101 LEU A N     1 
ATOM   842  C CA    . LEU A 1 101 ? -1.353  -11.491 -13.822 1.00 30.82 ? 101 LEU A CA    1 
ATOM   843  C C     . LEU A 1 101 ? -2.097  -12.168 -12.679 1.00 32.52 ? 101 LEU A C     1 
ATOM   844  O O     . LEU A 1 101 ? -1.721  -13.249 -12.237 1.00 31.55 ? 101 LEU A O     1 
ATOM   845  C CB    . LEU A 1 101 ? 0.115   -11.295 -13.455 1.00 32.08 ? 101 LEU A CB    1 
ATOM   846  C CG    . LEU A 1 101 ? 1.042   -10.957 -14.624 1.00 36.57 ? 101 LEU A CG    1 
ATOM   847  C CD1   . LEU A 1 101 ? 2.471   -10.806 -14.145 1.00 31.77 ? 101 LEU A CD1   1 
ATOM   848  C CD2   . LEU A 1 101 ? 0.943   -12.026 -15.703 1.00 38.43 ? 101 LEU A CD2   1 
ATOM   849  N N     . GLY A 1 102 ? -3.160  -11.528 -12.205 1.00 29.61 ? 102 GLY A N     1 
ATOM   850  C CA    . GLY A 1 102 ? -4.084  -12.170 -11.291 1.00 27.60 ? 102 GLY A CA    1 
ATOM   851  C C     . GLY A 1 102 ? -3.935  -11.706 -9.856  1.00 25.06 ? 102 GLY A C     1 
ATOM   852  O O     . GLY A 1 102 ? -4.609  -12.215 -8.966  1.00 27.60 ? 102 GLY A O     1 
ATOM   853  N N     . TYR A 1 103 ? -3.041  -10.747 -9.633  1.00 21.81 ? 103 TYR A N     1 
ATOM   854  C CA    . TYR A 1 103 ? -2.734  -10.288 -8.287  1.00 19.43 ? 103 TYR A CA    1 
ATOM   855  C C     . TYR A 1 103 ? -3.497  -9.026  -7.911  1.00 20.55 ? 103 TYR A C     1 
ATOM   856  O O     . TYR A 1 103 ? -3.756  -8.172  -8.747  1.00 20.34 ? 103 TYR A O     1 
ATOM   857  C CB    . TYR A 1 103 ? -1.229  -10.062 -8.124  1.00 20.72 ? 103 TYR A CB    1 
ATOM   858  C CG    . TYR A 1 103 ? -0.394  -11.244 -8.559  1.00 19.81 ? 103 TYR A CG    1 
ATOM   859  C CD1   . TYR A 1 103 ? -0.346  -12.397 -7.797  1.00 21.67 ? 103 TYR A CD1   1 
ATOM   860  C CD2   . TYR A 1 103 ? 0.336   -11.209 -9.735  1.00 24.06 ? 103 TYR A CD2   1 
ATOM   861  C CE1   . TYR A 1 103 ? 0.409   -13.482 -8.191  1.00 22.63 ? 103 TYR A CE1   1 
ATOM   862  C CE2   . TYR A 1 103 ? 1.092   -12.291 -10.138 1.00 25.51 ? 103 TYR A CE2   1 
ATOM   863  C CZ    . TYR A 1 103 ? 1.127   -13.424 -9.362  1.00 24.39 ? 103 TYR A CZ    1 
ATOM   864  O OH    . TYR A 1 103 ? 1.877   -14.504 -9.757  1.00 27.41 ? 103 TYR A OH    1 
ATOM   865  N N     . LEU A 1 104 ? -3.849  -8.936  -6.636  1.00 16.54 ? 104 LEU A N     1 
ATOM   866  C CA    . LEU A 1 104 ? -4.575  -7.800  -6.104  1.00 15.77 ? 104 LEU A CA    1 
ATOM   867  C C     . LEU A 1 104 ? -3.702  -6.560  -6.117  1.00 19.09 ? 104 LEU A C     1 
ATOM   868  O O     . LEU A 1 104 ? -2.525  -6.625  -5.797  1.00 18.11 ? 104 LEU A O     1 
ATOM   869  C CB    . LEU A 1 104 ? -4.996  -8.086  -4.665  1.00 19.29 ? 104 LEU A CB    1 
ATOM   870  C CG    . LEU A 1 104 ? -6.463  -7.916  -4.282  1.00 23.73 ? 104 LEU A CG    1 
ATOM   871  C CD1   . LEU A 1 104 ? -6.673  -8.337  -2.847  1.00 22.20 ? 104 LEU A CD1   1 
ATOM   872  C CD2   . LEU A 1 104 ? -6.902  -6.491  -4.494  1.00 21.02 ? 104 LEU A CD2   1 
ATOM   873  N N     . GLU A 1 105 ? -4.291  -5.428  -6.473  1.00 15.97 ? 105 GLU A N     1 
ATOM   874  C CA    . GLU A 1 105 ? -3.603  -4.150  -6.359  1.00 13.71 ? 105 GLU A CA    1 
ATOM   875  C C     . GLU A 1 105 ? -4.545  -3.019  -5.954  1.00 16.93 ? 105 GLU A C     1 
ATOM   876  O O     . GLU A 1 105 ? -5.762  -3.139  -6.053  1.00 16.45 ? 105 GLU A O     1 
ATOM   877  C CB    . GLU A 1 105 ? -2.899  -3.805  -7.668  1.00 16.43 ? 105 GLU A CB    1 
ATOM   878  C CG    . GLU A 1 105 ? -3.844  -3.533  -8.822  1.00 18.10 ? 105 GLU A CG    1 
ATOM   879  C CD    . GLU A 1 105 ? -3.110  -3.243  -10.114 1.00 21.34 ? 105 GLU A CD    1 
ATOM   880  O OE1   . GLU A 1 105 ? -1.865  -3.268  -10.101 1.00 23.69 ? 105 GLU A OE1   1 
ATOM   881  O OE2   . GLU A 1 105 ? -3.777  -2.990  -11.137 1.00 20.87 ? 105 GLU A OE2   1 
ATOM   882  N N     . CYS A 1 106 ? -3.953  -1.924  -5.495  1.00 15.19 ? 106 CYS A N     1 
ATOM   883  C CA    . CYS A 1 106 ? -4.708  -0.765  -5.035  1.00 15.81 ? 106 CYS A CA    1 
ATOM   884  C C     . CYS A 1 106 ? -4.612  0.364   -6.052  1.00 14.51 ? 106 CYS A C     1 
ATOM   885  O O     . CYS A 1 106 ? -3.564  0.584   -6.646  1.00 15.77 ? 106 CYS A O     1 
ATOM   886  C CB    . CYS A 1 106 ? -4.187  -0.284  -3.675  1.00 19.41 ? 106 CYS A CB    1 
ATOM   887  S SG    . CYS A 1 106 ? -4.730  -1.277  -2.271  1.00 25.82 ? 106 CYS A SG    1 
ATOM   888  N N     . ILE A 1 107 ? -5.716  1.083   -6.233  1.00 12.75 ? 107 ILE A N     1 
ATOM   889  C CA    . ILE A 1 107 ? -5.743  2.237   -7.120  1.00 13.00 ? 107 ILE A CA    1 
ATOM   890  C C     . ILE A 1 107 ? -6.353  3.470   -6.466  1.00 14.42 ? 107 ILE A C     1 
ATOM   891  O O     . ILE A 1 107 ? -7.434  3.413   -5.898  1.00 14.60 ? 107 ILE A O     1 
ATOM   892  C CB    . ILE A 1 107 ? -6.535  1.962   -8.412  1.00 15.91 ? 107 ILE A CB    1 
ATOM   893  C CG1   . ILE A 1 107 ? -6.077  0.658   -9.056  1.00 15.54 ? 107 ILE A CG1   1 
ATOM   894  C CG2   . ILE A 1 107 ? -6.362  3.113   -9.387  1.00 16.59 ? 107 ILE A CG2   1 
ATOM   895  C CD1   . ILE A 1 107 ? -4.716  0.756   -9.672  1.00 17.58 ? 107 ILE A CD1   1 
ATOM   896  N N     . LEU A 1 108 ? -5.651  4.590   -6.574  1.00 13.54 ? 108 LEU A N     1 
ATOM   897  C CA    . LEU A 1 108 ? -6.220  5.881   -6.232  1.00 13.83 ? 108 LEU A CA    1 
ATOM   898  C C     . LEU A 1 108 ? -6.359  6.643   -7.538  1.00 16.56 ? 108 LEU A C     1 
ATOM   899  O O     . LEU A 1 108 ? -5.401  7.221   -8.030  1.00 15.79 ? 108 LEU A O     1 
ATOM   900  C CB    . LEU A 1 108 ? -5.334  6.642   -5.247  1.00 16.75 ? 108 LEU A CB    1 
ATOM   901  C CG    . LEU A 1 108 ? -5.343  6.122   -3.809  1.00 17.72 ? 108 LEU A CG    1 
ATOM   902  C CD1   . LEU A 1 108 ? -4.255  5.085   -3.624  1.00 20.66 ? 108 LEU A CD1   1 
ATOM   903  C CD2   . LEU A 1 108 ? -5.169  7.247   -2.821  1.00 20.50 ? 108 LEU A CD2   1 
ATOM   904  N N     . HIS A 1 109 ? -7.559  6.602   -8.105  1.00 15.37 ? 109 HIS A N     1 
ATOM   905  C CA    . HIS A 1 109 ? -7.846  7.247   -9.357  1.00 17.07 ? 109 HIS A CA    1 
ATOM   906  C C     . HIS A 1 109 ? -8.297  8.713   -9.173  1.00 15.19 ? 109 HIS A C     1 
ATOM   907  O O     . HIS A 1 109 ? -8.794  9.080   -8.157  1.00 13.98 ? 109 HIS A O     1 
ATOM   908  C CB    . HIS A 1 109 ? -8.923  6.467   -10.102 1.00 18.39 ? 109 HIS A CB    1 
ATOM   909  C CG    . HIS A 1 109 ? -10.208 6.350   -9.340  1.00 21.69 ? 109 HIS A CG    1 
ATOM   910  N ND1   . HIS A 1 109 ? -11.212 7.289   -9.403  1.00 22.95 ? 109 HIS A ND1   1 
ATOM   911  C CD2   . HIS A 1 109 ? -10.659 5.382   -8.507  1.00 21.75 ? 109 HIS A CD2   1 
ATOM   912  C CE1   . HIS A 1 109 ? -12.219 6.908   -8.637  1.00 21.76 ? 109 HIS A CE1   1 
ATOM   913  N NE2   . HIS A 1 109 ? -11.905 5.758   -8.075  1.00 21.09 ? 109 HIS A NE2   1 
ATOM   914  N N     . GLY A 1 110 ? -8.056  9.520   -10.187 1.00 15.19 ? 110 GLY A N     1 
ATOM   915  C CA    . GLY A 1 110 ? -8.576  10.873  -10.210 1.00 15.64 ? 110 GLY A CA    1 
ATOM   916  C C     . GLY A 1 110 ? -10.005 10.981  -9.711  1.00 19.49 ? 110 GLY A C     1 
ATOM   917  O O     . GLY A 1 110 ? -10.875 10.215  -10.118 1.00 20.33 ? 110 GLY A O     1 
ATOM   918  N N     . ASP A 1 111 ? -10.243 11.939  -8.821  1.00 16.90 ? 111 ASP A N     1 
ATOM   919  C CA    . ASP A 1 111 ? -11.563 12.137  -8.239  1.00 16.18 ? 111 ASP A CA    1 
ATOM   920  C C     . ASP A 1 111 ? -11.725 13.561  -7.709  1.00 16.28 ? 111 ASP A C     1 
ATOM   921  O O     . ASP A 1 111 ? -11.794 13.784  -6.507  1.00 18.58 ? 111 ASP A O     1 
ATOM   922  C CB    . ASP A 1 111 ? -11.807 11.120  -7.123  1.00 16.29 ? 111 ASP A CB    1 
ATOM   923  C CG    . ASP A 1 111 ? -13.248 11.093  -6.659  1.00 17.91 ? 111 ASP A CG    1 
ATOM   924  O OD1   . ASP A 1 111 ? -14.103 11.714  -7.320  1.00 18.08 ? 111 ASP A OD1   1 
ATOM   925  O OD2   . ASP A 1 111 ? -13.522 10.446  -5.631  1.00 18.22 ? 111 ASP A OD2   1 
ATOM   926  N N     . SER A 1 112 ? -11.784 14.519  -8.627  1.00 19.05 ? 112 SER A N     1 
ATOM   927  C CA    . SER A 1 112 ? -11.801 15.933  -8.276  1.00 21.22 ? 112 SER A CA    1 
ATOM   928  C C     . SER A 1 112 ? -13.075 16.329  -7.532  1.00 22.33 ? 112 SER A C     1 
ATOM   929  O O     . SER A 1 112 ? -13.104 17.337  -6.832  1.00 23.85 ? 112 SER A O     1 
ATOM   930  C CB    . SER A 1 112 ? -11.643 16.788  -9.531  1.00 25.65 ? 112 SER A CB    1 
ATOM   931  O OG    . SER A 1 112 ? -12.865 16.874  -10.240 1.00 31.42 ? 112 SER A OG    1 
ATOM   932  N N     . ALA A 1 113 ? -14.127 15.531  -7.692  1.00 19.77 ? 113 ALA A N     1 
ATOM   933  C CA    . ALA A 1 113 ? -15.384 15.764  -6.988  1.00 19.83 ? 113 ALA A CA    1 
ATOM   934  C C     . ALA A 1 113 ? -15.357 15.187  -5.574  1.00 22.03 ? 113 ALA A C     1 
ATOM   935  O O     . ALA A 1 113 ? -16.315 15.328  -4.818  1.00 20.76 ? 113 ALA A O     1 
ATOM   936  C CB    . ALA A 1 113 ? -16.551 15.186  -7.778  1.00 23.68 ? 113 ALA A CB    1 
ATOM   937  N N     . LYS A 1 114 ? -14.257 14.523  -5.242  1.00 19.65 ? 114 LYS A N     1 
ATOM   938  C CA    . LYS A 1 114 ? -14.150 13.690  -4.047  1.00 20.77 ? 114 LYS A CA    1 
ATOM   939  C C     . LYS A 1 114 ? -15.399 12.854  -3.862  1.00 20.09 ? 114 LYS A C     1 
ATOM   940  O O     . LYS A 1 114 ? -15.926 12.726  -2.798  1.00 23.30 ? 114 LYS A O     1 
ATOM   941  C CB    . LYS A 1 114 ? -13.819 14.489  -2.805  1.00 21.98 ? 114 LYS A CB    1 
ATOM   942  C CG    . LYS A 1 114 ? -12.530 15.269  -2.893  1.00 24.51 ? 114 LYS A CG    1 
ATOM   943  C CD    . LYS A 1 114 ? -12.501 16.477  -1.983  1.00 27.43 ? 114 LYS A CD    1 
ATOM   944  C CE    . LYS A 1 114 ? -12.052 16.143  -0.637  1.00 27.82 ? 114 LYS A CE    1 
ATOM   945  N NZ    . LYS A 1 114 ? -12.110 17.300  0.311   1.00 25.09 ? 114 LYS A NZ    1 
ATOM   946  N N     . ARG A 1 115 ? -15.897 12.286  -4.948  1.00 20.14 ? 115 ARG A N     1 
ATOM   947  C CA    . ARG A 1 115 ? -17.024 11.356  -4.919  1.00 18.60 ? 115 ARG A CA    1 
ATOM   948  C C     . ARG A 1 115 ? -16.898 10.188  -3.948  1.00 21.41 ? 115 ARG A C     1 
ATOM   949  O O     . ARG A 1 115 ? -17.859 9.801   -3.321  1.00 17.75 ? 115 ARG A O     1 
ATOM   950  C CB    . ARG A 1 115 ? -17.251 10.801  -6.313  1.00 20.11 ? 115 ARG A CB    1 
ATOM   951  C CG    . ARG A 1 115 ? -18.336 9.812   -6.441  1.00 21.55 ? 115 ARG A CG    1 
ATOM   952  C CD    . ARG A 1 115 ? -18.746 9.613   -7.866  1.00 24.48 ? 115 ARG A CD    1 
ATOM   953  N NE    . ARG A 1 115 ? -19.465 8.369   -7.989  1.00 29.57 ? 115 ARG A NE    1 
ATOM   954  C CZ    . ARG A 1 115 ? -19.956 7.896   -9.119  1.00 27.93 ? 115 ARG A CZ    1 
ATOM   955  N NH1   . ARG A 1 115 ? -19.834 8.585   -10.217 1.00 26.85 ? 115 ARG A NH1   1 
ATOM   956  N NH2   . ARG A 1 115 ? -20.555 6.738   -9.121  1.00 30.45 ? 115 ARG A NH2   1 
ATOM   957  N N     . TYR A 1 116 ? -15.686 9.652   -3.819  1.00 19.14 ? 116 TYR A N     1 
ATOM   958  C CA    . TYR A 1 116 ? -15.489 8.388   -3.119  1.00 20.22 ? 116 TYR A CA    1 
ATOM   959  C C     . TYR A 1 116 ? -14.769 8.590   -1.789  1.00 18.96 ? 116 TYR A C     1 
ATOM   960  O O     . TYR A 1 116 ? -14.467 7.631   -1.085  1.00 19.60 ? 116 TYR A O     1 
ATOM   961  C CB    . TYR A 1 116 ? -14.703 7.414   -3.997  1.00 18.62 ? 116 TYR A CB    1 
ATOM   962  C CG    . TYR A 1 116 ? -15.453 6.973   -5.227  1.00 15.64 ? 116 TYR A CG    1 
ATOM   963  C CD1   . TYR A 1 116 ? -16.537 6.116   -5.131  1.00 19.12 ? 116 TYR A CD1   1 
ATOM   964  C CD2   . TYR A 1 116 ? -15.083 7.422   -6.484  1.00 16.24 ? 116 TYR A CD2   1 
ATOM   965  C CE1   . TYR A 1 116 ? -17.228 5.715   -6.257  1.00 23.11 ? 116 TYR A CE1   1 
ATOM   966  C CE2   . TYR A 1 116 ? -15.769 7.031   -7.611  1.00 20.81 ? 116 TYR A CE2   1 
ATOM   967  C CZ    . TYR A 1 116 ? -16.838 6.177   -7.495  1.00 19.60 ? 116 TYR A CZ    1 
ATOM   968  O OH    . TYR A 1 116 ? -17.522 5.785   -8.617  1.00 21.74 ? 116 TYR A OH    1 
ATOM   969  N N     . ASN A 1 117 ? -14.488 9.842   -1.454  1.00 19.47 ? 117 ASN A N     1 
ATOM   970  C CA    . ASN A 1 117 ? -13.775 10.153  -0.226  1.00 21.08 ? 117 ASN A CA    1 
ATOM   971  C C     . ASN A 1 117 ? -12.484 9.349   -0.054  1.00 19.90 ? 117 ASN A C     1 
ATOM   972  O O     . ASN A 1 117 ? -12.207 8.857   1.029   1.00 18.61 ? 117 ASN A O     1 
ATOM   973  C CB    . ASN A 1 117 ? -14.686 9.968   0.994   1.00 24.31 ? 117 ASN A CB    1 
ATOM   974  C CG    . ASN A 1 117 ? -16.006 10.703  0.858   1.00 29.80 ? 117 ASN A CG    1 
ATOM   975  O OD1   . ASN A 1 117 ? -16.061 11.810  0.325   1.00 37.07 ? 117 ASN A OD1   1 
ATOM   976  N ND2   . ASN A 1 117 ? -17.078 10.088  1.339   1.00 38.16 ? 117 ASN A ND2   1 
ATOM   977  N N     . MET A 1 118 ? -11.705 9.228   -1.124  1.00 20.08 ? 118 MET A N     1 
ATOM   978  C CA    . MET A 1 118 ? -10.374 8.641   -1.050  1.00 19.62 ? 118 MET A CA    1 
ATOM   979  C C     . MET A 1 118 ? -9.350  9.577   -0.451  1.00 18.23 ? 118 MET A C     1 
ATOM   980  O O     . MET A 1 118 ? -9.335  10.758  -0.760  1.00 21.39 ? 118 MET A O     1 
ATOM   981  C CB    . MET A 1 118 ? -9.873  8.226   -2.441  1.00 17.88 ? 118 MET A CB    1 
ATOM   982  C CG    . MET A 1 118 ? -10.603 7.125   -3.116  1.00 16.69 ? 118 MET A CG    1 
ATOM   983  S SD    . MET A 1 118 ? -9.931  6.705   -4.729  1.00 18.52 ? 118 MET A SD    1 
ATOM   984  C CE    . MET A 1 118 ? -10.442 8.017   -5.704  1.00 20.79 ? 118 MET A CE    1 
ATOM   985  N N     . SER A 1 119 ? -8.458  9.026   0.356   1.00 17.31 ? 119 SER A N     1 
ATOM   986  C CA    . SER A 1 119 ? -7.345  9.797   0.865   1.00 15.48 ? 119 SER A CA    1 
ATOM   987  C C     . SER A 1 119 ? -6.136  8.923   1.134   1.00 17.46 ? 119 SER A C     1 
ATOM   988  O O     . SER A 1 119 ? -6.249  7.722   1.344   1.00 15.18 ? 119 SER A O     1 
ATOM   989  C CB    . SER A 1 119 ? -7.733  10.555  2.134   1.00 17.77 ? 119 SER A CB    1 
ATOM   990  O OG    . SER A 1 119 ? -8.274  9.694   3.112   1.00 17.16 ? 119 SER A OG    1 
ATOM   991  N N     . ILE A 1 120 ? -4.976  9.558   1.117   1.00 15.27 ? 120 ILE A N     1 
ATOM   992  C CA    . ILE A 1 120 ? -3.756  8.965   1.614   1.00 13.31 ? 120 ILE A CA    1 
ATOM   993  C C     . ILE A 1 120 ? -2.995  10.043  2.362   1.00 15.85 ? 120 ILE A C     1 
ATOM   994  O O     . ILE A 1 120 ? -2.807  11.135  1.855   1.00 17.23 ? 120 ILE A O     1 
ATOM   995  C CB    . ILE A 1 120 ? -2.887  8.367   0.496   1.00 16.80 ? 120 ILE A CB    1 
ATOM   996  C CG1   . ILE A 1 120 ? -1.588  7.820   1.084   1.00 15.59 ? 120 ILE A CG1   1 
ATOM   997  C CG2   . ILE A 1 120 ? -2.600  9.396   -0.583  1.00 13.77 ? 120 ILE A CG2   1 
ATOM   998  C CD1   . ILE A 1 120 ? -0.680  7.235   0.072   1.00 18.34 ? 120 ILE A CD1   1 
ATOM   999  N N     . GLU A 1 121 ? -2.588  9.732   3.585   1.00 15.27 ? 121 GLU A N     1 
ATOM   1000 C CA    . GLU A 1 121 ? -1.818  10.662  4.397   1.00 17.50 ? 121 GLU A CA    1 
ATOM   1001 C C     . GLU A 1 121 ? -0.747  9.939   5.214   1.00 16.87 ? 121 GLU A C     1 
ATOM   1002 O O     . GLU A 1 121 ? -0.942  8.812   5.658   1.00 17.65 ? 121 GLU A O     1 
ATOM   1003 C CB    . GLU A 1 121 ? -2.738  11.468  5.318   1.00 17.46 ? 121 GLU A CB    1 
ATOM   1004 C CG    . GLU A 1 121 ? -3.738  12.367  4.592   1.00 21.63 ? 121 GLU A CG    1 
ATOM   1005 C CD    . GLU A 1 121 ? -3.120  13.659  4.080   1.00 27.79 ? 121 GLU A CD    1 
ATOM   1006 O OE1   . GLU A 1 121 ? -1.929  13.906  4.350   1.00 23.19 ? 121 GLU A OE1   1 
ATOM   1007 O OE2   . GLU A 1 121 ? -3.832  14.431  3.406   1.00 25.54 ? 121 GLU A OE2   1 
ATOM   1008 N N     . LYS A 1 122 ? 0.370   10.602  5.438   1.00 13.35 ? 122 LYS A N     1 
ATOM   1009 C CA    . LYS A 1 122 ? 1.389   10.108  6.318   1.00 16.96 ? 122 LYS A CA    1 
ATOM   1010 C C     . LYS A 1 122 ? 0.869   9.932   7.716   1.00 17.19 ? 122 LYS A C     1 
ATOM   1011 O O     . LYS A 1 122 ? 0.099   10.726  8.171   1.00 19.87 ? 122 LYS A O     1 
ATOM   1012 C CB    . LYS A 1 122 ? 2.516   11.143  6.385   1.00 20.15 ? 122 LYS A CB    1 
ATOM   1013 C CG    . LYS A 1 122 ? 3.731   10.744  5.680   1.00 23.97 ? 122 LYS A CG    1 
ATOM   1014 C CD    . LYS A 1 122 ? 4.817   11.738  5.697   1.00 21.26 ? 122 LYS A CD    1 
ATOM   1015 C CE    . LYS A 1 122 ? 5.489   11.780  4.333   1.00 22.63 ? 122 LYS A CE    1 
ATOM   1016 N NZ    . LYS A 1 122 ? 6.880   12.262  4.353   1.00 25.50 ? 122 LYS A NZ    1 
ATOM   1017 N N     . VAL A 1 123 ? 1.326   8.891   8.391   1.00 17.75 ? 123 VAL A N     1 
ATOM   1018 C CA    . VAL A 1 123 ? 1.150   8.734   9.826   1.00 17.64 ? 123 VAL A CA    1 
ATOM   1019 C C     . VAL A 1 123 ? 2.496   8.862   10.524  1.00 19.62 ? 123 VAL A C     1 
ATOM   1020 O O     . VAL A 1 123 ? 3.456   8.196   10.151  1.00 18.93 ? 123 VAL A O     1 
ATOM   1021 C CB    . VAL A 1 123 ? 0.522   7.367   10.160  1.00 16.65 ? 123 VAL A CB    1 
ATOM   1022 C CG1   . VAL A 1 123 ? 0.163   7.281   11.633  1.00 19.99 ? 123 VAL A CG1   1 
ATOM   1023 C CG2   . VAL A 1 123 ? -0.699  7.125   9.296   1.00 16.32 ? 123 VAL A CG2   1 
ATOM   1024 N N     . ASP A 1 124 ? 2.565   9.729   11.528  1.00 20.20 ? 124 ASP A N     1 
ATOM   1025 C CA    . ASP A 1 124 ? 3.788   9.893   12.303  1.00 24.22 ? 124 ASP A CA    1 
ATOM   1026 C C     . ASP A 1 124 ? 4.178   8.584   12.961  1.00 24.32 ? 124 ASP A C     1 
ATOM   1027 O O     . ASP A 1 124 ? 3.324   7.864   13.471  1.00 21.49 ? 124 ASP A O     1 
ATOM   1028 C CB    . ASP A 1 124 ? 3.627   10.972  13.373  1.00 24.07 ? 124 ASP A CB    1 
ATOM   1029 C CG    . ASP A 1 124 ? 4.707   10.899  14.437  1.00 30.86 ? 124 ASP A CG    1 
ATOM   1030 O OD1   . ASP A 1 124 ? 5.877   11.189  14.116  1.00 36.55 ? 124 ASP A OD1   1 
ATOM   1031 O OD2   . ASP A 1 124 ? 4.391   10.551  15.592  1.00 38.30 ? 124 ASP A OD2   1 
ATOM   1032 N N     . SER A 1 125 ? 5.458   8.269   12.914  1.00 24.15 ? 125 SER A N     1 
ATOM   1033 C CA    . SER A 1 125 ? 5.974   6.965   13.282  1.00 27.35 ? 125 SER A CA    1 
ATOM   1034 C C     . SER A 1 125 ? 5.543   6.536   14.665  1.00 26.98 ? 125 SER A C     1 
ATOM   1035 O O     . SER A 1 125 ? 5.493   5.378   14.952  1.00 25.70 ? 125 SER A O     1 
ATOM   1036 C CB    . SER A 1 125 ? 7.488   6.967   13.211  1.00 24.78 ? 125 SER A CB    1 
ATOM   1037 O OG    . SER A 1 125 ? 7.996   5.692   13.516  1.00 36.53 ? 125 SER A OG    1 
ATOM   1038 N N     . GLU A 1 126 ? 5.252   7.510   15.497  1.00 25.96 ? 126 GLU A N     1 
ATOM   1039 C CA    . GLU A 1 126 ? 5.031   7.273   16.886  1.00 30.44 ? 126 GLU A CA    1 
ATOM   1040 C C     . GLU A 1 126 ? 3.593   7.032   17.292  1.00 29.16 ? 126 GLU A C     1 
ATOM   1041 O O     . GLU A 1 126 ? 3.327   6.792   18.452  1.00 29.86 ? 126 GLU A O     1 
ATOM   1042 C CB    . GLU A 1 126 ? 5.586   8.442   17.679  1.00 32.53 ? 126 GLU A CB    1 
ATOM   1043 C CG    . GLU A 1 126 ? 7.076   8.477   17.750  1.00 34.89 ? 126 GLU A CG    1 
ATOM   1044 C CD    . GLU A 1 126 ? 7.527   9.603   18.605  1.00 43.93 ? 126 GLU A CD    1 
ATOM   1045 O OE1   . GLU A 1 126 ? 6.666   10.424  18.975  1.00 43.81 ? 126 GLU A OE1   1 
ATOM   1046 O OE2   . GLU A 1 126 ? 8.719   9.656   18.927  1.00 50.09 ? 126 GLU A OE2   1 
ATOM   1047 N N     . GLU A 1 127 ? 2.674   7.123   16.334  1.00 26.87 ? 127 GLU A N     1 
ATOM   1048 C CA    . GLU A 1 127 ? 1.263   6.825   16.598  1.00 25.48 ? 127 GLU A CA    1 
ATOM   1049 C C     . GLU A 1 127 ? 0.998   5.372   16.967  1.00 24.23 ? 127 GLU A C     1 
ATOM   1050 O O     . GLU A 1 127 ? 1.499   4.484   16.339  1.00 22.17 ? 127 GLU A O     1 
ATOM   1051 C CB    . GLU A 1 127 ? 0.347   7.238   15.461  1.00 26.86 ? 127 GLU A CB    1 
ATOM   1052 C CG    . GLU A 1 127 ? 0.594   8.578   14.923  1.00 25.81 ? 127 GLU A CG    1 
ATOM   1053 C CD    . GLU A 1 127 ? 0.002   9.692   15.757  1.00 32.37 ? 127 GLU A CD    1 
ATOM   1054 O OE1   . GLU A 1 127 ? -0.471  9.432   16.873  1.00 32.89 ? 127 GLU A OE1   1 
ATOM   1055 O OE2   . GLU A 1 127 ? 0.039   10.845  15.281  1.00 32.64 ? 127 GLU A OE2   1 
ATOM   1056 N N     . PRO A 1 128 ? 0.169   5.163   17.997  1.00 20.95 ? 128 PRO A N     1 
ATOM   1057 C CA    . PRO A 1 128 ? -0.184  3.818   18.463  1.00 22.24 ? 128 PRO A CA    1 
ATOM   1058 C C     . PRO A 1 128 ? -0.940  2.997   17.424  1.00 20.41 ? 128 PRO A C     1 
ATOM   1059 O O     . PRO A 1 128 ? -0.984  1.774   17.525  1.00 19.42 ? 128 PRO A O     1 
ATOM   1060 C CB    . PRO A 1 128 ? -1.077  4.085   19.681  1.00 23.25 ? 128 PRO A CB    1 
ATOM   1061 C CG    . PRO A 1 128 ? -1.485  5.506   19.579  1.00 24.66 ? 128 PRO A CG    1 
ATOM   1062 C CD    . PRO A 1 128 ? -0.380  6.208   18.877  1.00 26.77 ? 128 PRO A CD    1 
ATOM   1063 N N     . GLU A 1 129 ? -1.560  3.660   16.475  1.00 20.65 ? 129 GLU A N     1 
ATOM   1064 C CA    . GLU A 1 129 ? -2.236  2.970   15.408  1.00 21.92 ? 129 GLU A CA    1 
ATOM   1065 C C     . GLU A 1 129 ? -1.260  2.081   14.590  1.00 21.54 ? 129 GLU A C     1 
ATOM   1066 O O     . GLU A 1 129 ? -1.697  1.254   13.827  1.00 15.78 ? 129 GLU A O     1 
ATOM   1067 C CB    . GLU A 1 129 ? -2.902  3.958   14.464  1.00 23.83 ? 129 GLU A CB    1 
ATOM   1068 C CG    . GLU A 1 129 ? -4.175  4.536   14.931  1.00 26.63 ? 129 GLU A CG    1 
ATOM   1069 C CD    . GLU A 1 129 ? -3.978  5.664   15.907  1.00 30.85 ? 129 GLU A CD    1 
ATOM   1070 O OE1   . GLU A 1 129 ? -2.888  6.211   15.953  1.00 24.33 ? 129 GLU A OE1   1 
ATOM   1071 O OE2   . GLU A 1 129 ? -4.911  5.957   16.650  1.00 31.72 ? 129 GLU A OE2   1 
ATOM   1072 N N     . LEU A 1 130 ? 0.046   2.286   14.776  1.00 19.09 ? 130 LEU A N     1 
ATOM   1073 C CA    . LEU A 1 130 ? 1.069   1.611   13.982  1.00 17.90 ? 130 LEU A CA    1 
ATOM   1074 C C     . LEU A 1 130 ? 1.767   0.499   14.766  1.00 16.31 ? 130 LEU A C     1 
ATOM   1075 O O     . LEU A 1 130 ? 2.613   -0.208  14.230  1.00 16.60 ? 130 LEU A O     1 
ATOM   1076 C CB    . LEU A 1 130 ? 2.108   2.613   13.473  1.00 16.56 ? 130 LEU A CB    1 
ATOM   1077 C CG    . LEU A 1 130 ? 1.604   3.876   12.777  1.00 20.37 ? 130 LEU A CG    1 
ATOM   1078 C CD1   . LEU A 1 130 ? 2.679   4.946   12.785  1.00 22.81 ? 130 LEU A CD1   1 
ATOM   1079 C CD2   . LEU A 1 130 ? 1.159   3.580   11.356  1.00 18.22 ? 130 LEU A CD2   1 
ATOM   1080 N N     . ASN A 1 131 ? 1.403   0.354   16.035  1.00 20.48 ? 131 ASN A N     1 
ATOM   1081 C CA    . ASN A 1 131 ? 1.995   -0.663  16.894  1.00 19.20 ? 131 ASN A CA    1 
ATOM   1082 C C     . ASN A 1 131 ? 1.863   -2.075  16.329  1.00 19.78 ? 131 ASN A C     1 
ATOM   1083 O O     . ASN A 1 131 ? 2.794   -2.873  16.408  1.00 20.44 ? 131 ASN A O     1 
ATOM   1084 C CB    . ASN A 1 131 ? 1.387   -0.596  18.295  1.00 19.03 ? 131 ASN A CB    1 
ATOM   1085 C CG    . ASN A 1 131 ? 1.838   0.627   19.064  1.00 22.61 ? 131 ASN A CG    1 
ATOM   1086 O OD1   . ASN A 1 131 ? 2.777   1.307   18.662  1.00 25.24 ? 131 ASN A OD1   1 
ATOM   1087 N ND2   . ASN A 1 131 ? 1.167   0.916   20.174  1.00 24.56 ? 131 ASN A ND2   1 
ATOM   1088 N N     . GLU A 1 132 ? 0.685   -2.414  15.812  1.00 17.16 ? 132 GLU A N     1 
ATOM   1089 C CA    . GLU A 1 132 ? 0.450   -3.750  15.274  1.00 20.04 ? 132 GLU A CA    1 
ATOM   1090 C C     . GLU A 1 132 ? 1.367   -4.114  14.129  1.00 19.23 ? 132 GLU A C     1 
ATOM   1091 O O     . GLU A 1 132 ? 1.972   -5.147  14.147  1.00 21.45 ? 132 GLU A O     1 
ATOM   1092 C CB    . GLU A 1 132 ? -0.973  -3.962  14.822  1.00 21.80 ? 132 GLU A CB    1 
ATOM   1093 C CG    . GLU A 1 132 ? -1.940  -4.110  15.910  1.00 24.57 ? 132 GLU A CG    1 
ATOM   1094 C CD    . GLU A 1 132 ? -3.347  -4.337  15.418  1.00 33.02 ? 132 GLU A CD    1 
ATOM   1095 O OE1   . GLU A 1 132 ? -3.538  -4.719  14.252  1.00 27.82 ? 132 GLU A OE1   1 
ATOM   1096 O OE2   . GLU A 1 132 ? -4.269  -4.109  16.210  1.00 38.05 ? 132 GLU A OE2   1 
ATOM   1097 N N     . ILE A 1 133 ? 1.429   -3.252  13.123  1.00 19.64 ? 133 ILE A N     1 
ATOM   1098 C CA    . ILE A 1 133 ? 2.402   -3.428  12.056  1.00 17.05 ? 133 ILE A CA    1 
ATOM   1099 C C     . ILE A 1 133 ? 3.784   -3.682  12.641  1.00 18.05 ? 133 ILE A C     1 
ATOM   1100 O O     . ILE A 1 133 ? 4.479   -4.612  12.241  1.00 20.43 ? 133 ILE A O     1 
ATOM   1101 C CB    . ILE A 1 133 ? 2.466   -2.191  11.142  1.00 15.84 ? 133 ILE A CB    1 
ATOM   1102 C CG1   . ILE A 1 133 ? 1.190   -2.079  10.305  1.00 17.56 ? 133 ILE A CG1   1 
ATOM   1103 C CG2   . ILE A 1 133 ? 3.696   -2.248  10.252  1.00 18.40 ? 133 ILE A CG2   1 
ATOM   1104 C CD1   . ILE A 1 133 ? 0.998   -0.735  9.678   1.00 18.24 ? 133 ILE A CD1   1 
ATOM   1105 N N     . LYS A 1 134 ? 4.178   -2.850  13.594  1.00 18.49 ? 134 LYS A N     1 
ATOM   1106 C CA    . LYS A 1 134 ? 5.483   -2.987  14.221  1.00 22.16 ? 134 LYS A CA    1 
ATOM   1107 C C     . LYS A 1 134 ? 5.666   -4.352  14.889  1.00 21.85 ? 134 LYS A C     1 
ATOM   1108 O O     . LYS A 1 134 ? 6.720   -4.968  14.768  1.00 20.77 ? 134 LYS A O     1 
ATOM   1109 C CB    . LYS A 1 134 ? 5.714   -1.863  15.228  1.00 21.32 ? 134 LYS A CB    1 
ATOM   1110 C CG    . LYS A 1 134 ? 5.842   -0.494  14.592  1.00 21.94 ? 134 LYS A CG    1 
ATOM   1111 C CD    . LYS A 1 134 ? 6.061   0.583   15.630  1.00 26.34 ? 134 LYS A CD    1 
ATOM   1112 C CE    . LYS A 1 134 ? 6.145   1.952   14.985  1.00 25.52 ? 134 LYS A CE    1 
ATOM   1113 N NZ    . LYS A 1 134 ? 6.345   3.026   15.983  1.00 26.26 ? 134 LYS A NZ    1 
ATOM   1114 N N     . SER A 1 135 ? 4.641   -4.820  15.590  1.00 21.92 ? 135 SER A N     1 
ATOM   1115 C CA    . SER A 1 135 ? 4.745   -6.086  16.309  1.00 23.91 ? 135 SER A CA    1 
ATOM   1116 C C     . SER A 1 135 ? 4.724   -7.285  15.363  1.00 22.34 ? 135 SER A C     1 
ATOM   1117 O O     . SER A 1 135 ? 5.380   -8.290  15.612  1.00 23.61 ? 135 SER A O     1 
ATOM   1118 C CB    . SER A 1 135 ? 3.630   -6.211  17.348  1.00 27.73 ? 135 SER A CB    1 
ATOM   1119 O OG    . SER A 1 135 ? 2.362   -6.318  16.734  1.00 30.73 ? 135 SER A OG    1 
ATOM   1120 N N     . ARG A 1 136 ? 3.967   -7.169  14.280  1.00 18.33 ? 136 ARG A N     1 
ATOM   1121 C CA    . ARG A 1 136 ? 3.912   -8.219  13.274  1.00 17.89 ? 136 ARG A CA    1 
ATOM   1122 C C     . ARG A 1 136 ? 5.216   -8.322  12.485  1.00 18.90 ? 136 ARG A C     1 
ATOM   1123 O O     . ARG A 1 136 ? 5.593   -9.399  12.032  1.00 21.91 ? 136 ARG A O     1 
ATOM   1124 C CB    . ARG A 1 136 ? 2.731   -7.995  12.330  1.00 18.83 ? 136 ARG A CB    1 
ATOM   1125 C CG    . ARG A 1 136 ? 1.403   -8.477  12.893  1.00 18.71 ? 136 ARG A CG    1 
ATOM   1126 C CD    . ARG A 1 136 ? 0.299   -8.416  11.858  1.00 20.22 ? 136 ARG A CD    1 
ATOM   1127 N NE    . ARG A 1 136 ? 0.129   -7.073  11.315  1.00 19.74 ? 136 ARG A NE    1 
ATOM   1128 C CZ    . ARG A 1 136 ? -0.891  -6.271  11.601  1.00 19.54 ? 136 ARG A CZ    1 
ATOM   1129 N NH1   . ARG A 1 136 ? -1.842  -6.670  12.431  1.00 20.28 ? 136 ARG A NH1   1 
ATOM   1130 N NH2   . ARG A 1 136 ? -0.954  -5.066  11.059  1.00 18.00 ? 136 ARG A NH2   1 
ATOM   1131 N N     . LYS A 1 137 ? 5.908   -7.195  12.342  1.00 18.53 ? 137 LYS A N     1 
ATOM   1132 C CA    . LYS A 1 137 ? 7.214   -7.186  11.698  1.00 20.77 ? 137 LYS A CA    1 
ATOM   1133 C C     . LYS A 1 137 ? 8.247   -7.895  12.565  1.00 21.04 ? 137 LYS A C     1 
ATOM   1134 O O     . LYS A 1 137 ? 9.077   -8.632  12.057  1.00 21.68 ? 137 LYS A O     1 
ATOM   1135 C CB    . LYS A 1 137 ? 7.680   -5.765  11.394  1.00 18.23 ? 137 LYS A CB    1 
ATOM   1136 C CG    . LYS A 1 137 ? 9.132   -5.700  10.951  1.00 18.91 ? 137 LYS A CG    1 
ATOM   1137 C CD    . LYS A 1 137 ? 9.450   -4.433  10.186  1.00 20.27 ? 137 LYS A CD    1 
ATOM   1138 C CE    . LYS A 1 137 ? 10.911  -4.412  9.774   1.00 21.04 ? 137 LYS A CE    1 
ATOM   1139 N NZ    . LYS A 1 137 ? 11.297  -3.153  9.096   1.00 27.30 ? 137 LYS A NZ    1 
ATOM   1140 N N     . ARG A 1 138 ? 8.179   -7.671  13.872  1.00 24.37 ? 138 ARG A N     1 
ATOM   1141 C CA    . ARG A 1 138 ? 9.080   -8.336  14.804  1.00 23.97 ? 138 ARG A CA    1 
ATOM   1142 C C     . ARG A 1 138 ? 8.926   -9.845  14.701  1.00 26.51 ? 138 ARG A C     1 
ATOM   1143 O O     . ARG A 1 138 ? 9.906   -10.580 14.666  1.00 30.01 ? 138 ARG A O     1 
ATOM   1144 C CB    . ARG A 1 138 ? 8.801   -7.881  16.233  1.00 24.12 ? 138 ARG A CB    1 
ATOM   1145 C CG    . ARG A 1 138 ? 9.092   -6.420  16.486  1.00 26.71 ? 138 ARG A CG    1 
ATOM   1146 C CD    . ARG A 1 138 ? 9.347   -6.158  17.957  1.00 29.64 ? 138 ARG A CD    1 
ATOM   1147 N NE    . ARG A 1 138 ? 8.174   -6.455  18.765  1.00 31.96 ? 138 ARG A NE    1 
ATOM   1148 C CZ    . ARG A 1 138 ? 7.147   -5.628  18.922  1.00 33.95 ? 138 ARG A CZ    1 
ATOM   1149 N NH1   . ARG A 1 138 ? 7.141   -4.439  18.329  1.00 30.37 ? 138 ARG A NH1   1 
ATOM   1150 N NH2   . ARG A 1 138 ? 6.121   -5.990  19.677  1.00 35.67 ? 138 ARG A NH2   1 
ATOM   1151 N N     . LEU A 1 139 ? 7.682   -10.302 14.656  1.00 25.58 ? 139 LEU A N     1 
ATOM   1152 C CA    . LEU A 1 139 ? 7.405   -11.723 14.527  1.00 27.88 ? 139 LEU A CA    1 
ATOM   1153 C C     . LEU A 1 139 ? 7.890   -12.235 13.180  1.00 28.80 ? 139 LEU A C     1 
ATOM   1154 O O     . LEU A 1 139 ? 8.220   -13.411 13.028  1.00 26.26 ? 139 LEU A O     1 
ATOM   1155 C CB    . LEU A 1 139 ? 5.909   -11.988 14.676  1.00 29.66 ? 139 LEU A CB    1 
ATOM   1156 C CG    . LEU A 1 139 ? 5.304   -11.621 16.029  1.00 35.14 ? 139 LEU A CG    1 
ATOM   1157 C CD1   . LEU A 1 139 ? 3.963   -12.300 16.212  1.00 39.86 ? 139 LEU A CD1   1 
ATOM   1158 C CD2   . LEU A 1 139 ? 6.253   -12.006 17.149  1.00 39.00 ? 139 LEU A CD2   1 
ATOM   1159 N N     . TYR A 1 140 ? 7.929   -11.339 12.202  1.00 26.88 ? 140 TYR A N     1 
ATOM   1160 C CA    . TYR A 1 140 ? 8.284   -11.721 10.845  1.00 24.71 ? 140 TYR A CA    1 
ATOM   1161 C C     . TYR A 1 140 ? 9.790   -11.888 10.708  1.00 27.15 ? 140 TYR A C     1 
ATOM   1162 O O     . TYR A 1 140 ? 10.266  -12.864 10.135  1.00 30.16 ? 140 TYR A O     1 
ATOM   1163 C CB    . TYR A 1 140 ? 7.766   -10.698 9.835   1.00 23.47 ? 140 TYR A CB    1 
ATOM   1164 C CG    . TYR A 1 140 ? 8.143   -11.048 8.419   1.00 23.62 ? 140 TYR A CG    1 
ATOM   1165 C CD1   . TYR A 1 140 ? 7.281   -11.770 7.608   1.00 22.51 ? 140 TYR A CD1   1 
ATOM   1166 C CD2   . TYR A 1 140 ? 9.374   -10.678 7.901   1.00 23.56 ? 140 TYR A CD2   1 
ATOM   1167 C CE1   . TYR A 1 140 ? 7.628   -12.102 6.315   1.00 21.80 ? 140 TYR A CE1   1 
ATOM   1168 C CE2   . TYR A 1 140 ? 9.729   -11.007 6.611   1.00 24.95 ? 140 TYR A CE2   1 
ATOM   1169 C CZ    . TYR A 1 140 ? 8.855   -11.721 5.823   1.00 21.97 ? 140 TYR A CZ    1 
ATOM   1170 O OH    . TYR A 1 140 ? 9.210   -12.047 4.540   1.00 21.99 ? 140 TYR A OH    1 
ATOM   1171 N N     . VAL A 1 141 ? 10.522  -10.920 11.211  1.00 29.13 ? 141 VAL A N     1 
ATOM   1172 C CA    . VAL A 1 141 ? 11.960  -10.992 11.192  1.00 28.06 ? 141 VAL A CA    1 
ATOM   1173 C C     . VAL A 1 141 ? 12.472  -12.004 12.205  1.00 30.78 ? 141 VAL A C     1 
ATOM   1174 O O     . VAL A 1 141 ? 11.839  -12.217 13.222  1.00 32.06 ? 141 VAL A O     1 
ATOM   1175 C CB    . VAL A 1 141 ? 12.593  -9.638  11.466  1.00 30.81 ? 141 VAL A CB    1 
ATOM   1176 C CG1   . VAL A 1 141 ? 11.975  -8.594  10.604  1.00 29.51 ? 141 VAL A CG1   1 
ATOM   1177 C CG2   . VAL A 1 141 ? 12.450  -9.285  12.868  1.00 33.50 ? 141 VAL A CG2   1 
ATOM   1178 O "O5'" . DG  B 2 1   ? -6.519  1.300   -19.689 1.00 48.99 ? 1   DG  B "O5'" 1 
ATOM   1179 C "C5'" . DG  B 2 1   ? -6.412  2.290   -18.661 1.00 40.48 ? 1   DG  B "C5'" 1 
ATOM   1180 C "C4'" . DG  B 2 1   ? -5.534  3.464   -19.074 1.00 40.91 ? 1   DG  B "C4'" 1 
ATOM   1181 O "O4'" . DG  B 2 1   ? -6.043  4.676   -18.456 1.00 33.72 ? 1   DG  B "O4'" 1 
ATOM   1182 C "C3'" . DG  B 2 1   ? -4.079  3.361   -18.630 1.00 37.86 ? 1   DG  B "C3'" 1 
ATOM   1183 O "O3'" . DG  B 2 1   ? -3.207  4.082   -19.497 1.00 46.27 ? 1   DG  B "O3'" 1 
ATOM   1184 C "C2'" . DG  B 2 1   ? -4.139  4.012   -17.257 1.00 35.77 ? 1   DG  B "C2'" 1 
ATOM   1185 C "C1'" . DG  B 2 1   ? -5.114  5.156   -17.505 1.00 34.44 ? 1   DG  B "C1'" 1 
ATOM   1186 N N9    . DG  B 2 1   ? -5.815  5.573   -16.293 1.00 30.63 ? 1   DG  B N9    1 
ATOM   1187 C C8    . DG  B 2 1   ? -6.649  4.809   -15.517 1.00 26.47 ? 1   DG  B C8    1 
ATOM   1188 N N7    . DG  B 2 1   ? -7.131  5.443   -14.488 1.00 27.58 ? 1   DG  B N7    1 
ATOM   1189 C C5    . DG  B 2 1   ? -6.579  6.710   -14.581 1.00 23.64 ? 1   DG  B C5    1 
ATOM   1190 C C6    . DG  B 2 1   ? -6.735  7.840   -13.743 1.00 22.94 ? 1   DG  B C6    1 
ATOM   1191 O O6    . DG  B 2 1   ? -7.417  7.951   -12.720 1.00 21.41 ? 1   DG  B O6    1 
ATOM   1192 N N1    . DG  B 2 1   ? -5.996  8.924   -14.200 1.00 19.05 ? 1   DG  B N1    1 
ATOM   1193 C C2    . DG  B 2 1   ? -5.209  8.919   -15.323 1.00 23.95 ? 1   DG  B C2    1 
ATOM   1194 N N2    . DG  B 2 1   ? -4.568  10.059  -15.605 1.00 28.02 ? 1   DG  B N2    1 
ATOM   1195 N N3    . DG  B 2 1   ? -5.055  7.872   -16.113 1.00 24.29 ? 1   DG  B N3    1 
ATOM   1196 C C4    . DG  B 2 1   ? -5.767  6.806   -15.685 1.00 24.42 ? 1   DG  B C4    1 
ATOM   1197 P P     . DG  B 2 2   ? -1.689  3.613   -19.710 1.00 54.18 ? 2   DG  B P     1 
ATOM   1198 O OP1   . DG  B 2 2   ? -0.940  4.680   -20.401 1.00 46.45 ? 2   DG  B OP1   1 
ATOM   1199 O OP2   . DG  B 2 2   ? -1.726  2.250   -20.279 1.00 45.70 ? 2   DG  B OP2   1 
ATOM   1200 O "O5'" . DG  B 2 2   ? -1.134  3.528   -18.212 1.00 41.65 ? 2   DG  B "O5'" 1 
ATOM   1201 C "C5'" . DG  B 2 2   ? 0.134   4.093   -17.882 1.00 37.51 ? 2   DG  B "C5'" 1 
ATOM   1202 C "C4'" . DG  B 2 2   ? 1.112   3.021   -17.440 1.00 39.82 ? 2   DG  B "C4'" 1 
ATOM   1203 O "O4'" . DG  B 2 2   ? 0.685   2.490   -16.160 1.00 35.26 ? 2   DG  B "O4'" 1 
ATOM   1204 C "C3'" . DG  B 2 2   ? 1.152   1.840   -18.399 1.00 42.27 ? 2   DG  B "C3'" 1 
ATOM   1205 O "O3'" . DG  B 2 2   ? 2.419   1.206   -18.451 1.00 44.88 ? 2   DG  B "O3'" 1 
ATOM   1206 C "C2'" . DG  B 2 2   ? 0.112   0.905   -17.808 1.00 41.25 ? 2   DG  B "C2'" 1 
ATOM   1207 C "C1'" . DG  B 2 2   ? 0.237   1.158   -16.314 1.00 35.50 ? 2   DG  B "C1'" 1 
ATOM   1208 N N9    . DG  B 2 2   ? -1.059  0.974   -15.678 1.00 31.35 ? 2   DG  B N9    1 
ATOM   1209 C C8    . DG  B 2 2   ? -2.208  1.659   -15.965 1.00 32.11 ? 2   DG  B C8    1 
ATOM   1210 N N7    . DG  B 2 2   ? -3.230  1.280   -15.260 1.00 31.99 ? 2   DG  B N7    1 
ATOM   1211 C C5    . DG  B 2 2   ? -2.731  0.268   -14.455 1.00 25.65 ? 2   DG  B C5    1 
ATOM   1212 C C6    . DG  B 2 2   ? -3.380  -0.521  -13.480 1.00 27.35 ? 2   DG  B C6    1 
ATOM   1213 O O6    . DG  B 2 2   ? -4.562  -0.481  -13.118 1.00 20.84 ? 2   DG  B O6    1 
ATOM   1214 N N1    . DG  B 2 2   ? -2.506  -1.433  -12.898 1.00 25.52 ? 2   DG  B N1    1 
ATOM   1215 C C2    . DG  B 2 2   ? -1.177  -1.566  -13.216 1.00 26.55 ? 2   DG  B C2    1 
ATOM   1216 N N2    . DG  B 2 2   ? -0.499  -2.504  -12.542 1.00 23.94 ? 2   DG  B N2    1 
ATOM   1217 N N3    . DG  B 2 2   ? -0.558  -0.832  -14.129 1.00 29.04 ? 2   DG  B N3    1 
ATOM   1218 C C4    . DG  B 2 2   ? -1.394  0.062   -14.705 1.00 30.47 ? 2   DG  B C4    1 
ATOM   1219 P P     . DT  B 2 3   ? 2.761   0.083   -19.530 1.00 61.44 ? 3   DT  B P     1 
ATOM   1220 O OP1   . DT  B 2 3   ? 4.199   0.199   -19.831 1.00 58.94 ? 3   DT  B OP1   1 
ATOM   1221 O OP2   . DT  B 2 3   ? 1.756   0.154   -20.611 1.00 50.28 ? 3   DT  B OP2   1 
ATOM   1222 O "O5'" . DT  B 2 3   ? 2.539   -1.261  -18.698 1.00 47.64 ? 3   DT  B "O5'" 1 
ATOM   1223 C "C5'" . DT  B 2 3   ? 3.182   -1.414  -17.439 1.00 37.72 ? 3   DT  B "C5'" 1 
ATOM   1224 C "C4'" . DT  B 2 3   ? 2.632   -2.640  -16.739 1.00 37.30 ? 3   DT  B "C4'" 1 
ATOM   1225 O "O4'" . DT  B 2 3   ? 1.291   -2.387  -16.270 1.00 36.00 ? 3   DT  B "O4'" 1 
ATOM   1226 C "C3'" . DT  B 2 3   ? 2.542   -3.875  -17.624 1.00 37.97 ? 3   DT  B "C3'" 1 
ATOM   1227 O "O3'" . DT  B 2 3   ? 3.423   -4.838  -17.091 1.00 40.51 ? 3   DT  B "O3'" 1 
ATOM   1228 C "C2'" . DT  B 2 3   ? 1.086   -4.333  -17.541 1.00 34.41 ? 3   DT  B "C2'" 1 
ATOM   1229 C "C1'" . DT  B 2 3   ? 0.562   -3.590  -16.320 1.00 33.90 ? 3   DT  B "C1'" 1 
ATOM   1230 N N1    . DT  B 2 3   ? -0.874  -3.220  -16.384 1.00 35.31 ? 3   DT  B N1    1 
ATOM   1231 C C2    . DT  B 2 3   ? -1.752  -3.772  -15.485 1.00 34.97 ? 3   DT  B C2    1 
ATOM   1232 O O2    . DT  B 2 3   ? -1.421  -4.576  -14.633 1.00 35.07 ? 3   DT  B O2    1 
ATOM   1233 N N3    . DT  B 2 3   ? -3.048  -3.353  -15.627 1.00 32.78 ? 3   DT  B N3    1 
ATOM   1234 C C4    . DT  B 2 3   ? -3.538  -2.452  -16.550 1.00 35.79 ? 3   DT  B C4    1 
ATOM   1235 O O4    . DT  B 2 3   ? -4.722  -2.139  -16.598 1.00 38.07 ? 3   DT  B O4    1 
ATOM   1236 C C5    . DT  B 2 3   ? -2.564  -1.908  -17.457 1.00 34.37 ? 3   DT  B C5    1 
ATOM   1237 C C7    . DT  B 2 3   ? -2.979  -0.891  -18.480 1.00 36.13 ? 3   DT  B C7    1 
ATOM   1238 C C6    . DT  B 2 3   ? -1.295  -2.310  -17.330 1.00 34.31 ? 3   DT  B C6    1 
ATOM   1239 P P     . DA  B 2 4   ? 4.008   -5.995  -18.017 1.00 47.81 ? 4   DA  B P     1 
ATOM   1240 O OP1   . DA  B 2 4   ? 4.973   -5.386  -18.952 1.00 41.81 ? 4   DA  B OP1   1 
ATOM   1241 O OP2   . DA  B 2 4   ? 2.867   -6.770  -18.537 1.00 43.65 ? 4   DA  B OP2   1 
ATOM   1242 O "O5'" . DA  B 2 4   ? 4.726   -6.929  -16.937 1.00 39.30 ? 4   DA  B "O5'" 1 
ATOM   1243 C "C5'" . DA  B 2 4   ? 6.112   -6.818  -16.690 1.00 42.60 ? 4   DA  B "C5'" 1 
ATOM   1244 C "C4'" . DA  B 2 4   ? 6.427   -6.407  -15.258 1.00 32.90 ? 4   DA  B "C4'" 1 
ATOM   1245 O "O4'" . DA  B 2 4   ? 5.780   -5.156  -14.931 1.00 33.84 ? 4   DA  B "O4'" 1 
ATOM   1246 C "C3'" . DA  B 2 4   ? 6.054   -7.379  -14.142 1.00 31.04 ? 4   DA  B "C3'" 1 
ATOM   1247 O "O3'" . DA  B 2 4   ? 7.234   -7.515  -13.394 1.00 26.99 ? 4   DA  B "O3'" 1 
ATOM   1248 C "C2'" . DA  B 2 4   ? 4.977   -6.633  -13.355 1.00 28.73 ? 4   DA  B "C2'" 1 
ATOM   1249 C "C1'" . DA  B 2 4   ? 5.418   -5.193  -13.575 1.00 30.55 ? 4   DA  B "C1'" 1 
ATOM   1250 N N9    . DA  B 2 4   ? 4.397   -4.164  -13.415 1.00 27.59 ? 4   DA  B N9    1 
ATOM   1251 C C8    . DA  B 2 4   ? 3.051   -4.293  -13.582 1.00 29.21 ? 4   DA  B C8    1 
ATOM   1252 N N7    . DA  B 2 4   ? 2.384   -3.186  -13.380 1.00 30.48 ? 4   DA  B N7    1 
ATOM   1253 C C5    . DA  B 2 4   ? 3.363   -2.262  -13.069 1.00 25.02 ? 4   DA  B C5    1 
ATOM   1254 C C6    . DA  B 2 4   ? 3.304   -0.897  -12.749 1.00 26.71 ? 4   DA  B C6    1 
ATOM   1255 N N6    . DA  B 2 4   ? 2.160   -0.210  -12.697 1.00 27.26 ? 4   DA  B N6    1 
ATOM   1256 N N1    . DA  B 2 4   ? 4.466   -0.270  -12.490 1.00 25.67 ? 4   DA  B N1    1 
ATOM   1257 C C2    . DA  B 2 4   ? 5.602   -0.971  -12.549 1.00 22.71 ? 4   DA  B C2    1 
ATOM   1258 N N3    . DA  B 2 4   ? 5.784   -2.256  -12.838 1.00 23.92 ? 4   DA  B N3    1 
ATOM   1259 C C4    . DA  B 2 4   ? 4.612   -2.849  -13.091 1.00 26.43 ? 4   DA  B C4    1 
ATOM   1260 P P     . DA  B 2 5   ? 7.455   -8.596  -12.249 1.00 36.76 ? 5   DA  B P     1 
ATOM   1261 O OP1   . DA  B 2 5   ? 8.734   -9.274  -12.546 1.00 35.72 ? 5   DA  B OP1   1 
ATOM   1262 O OP2   . DA  B 2 5   ? 6.239   -9.404  -12.060 1.00 33.44 ? 5   DA  B OP2   1 
ATOM   1263 O "O5'" . DA  B 2 5   ? 7.667   -7.654  -10.981 1.00 31.20 ? 5   DA  B "O5'" 1 
ATOM   1264 C "C5'" . DA  B 2 5   ? 8.414   -6.452  -11.088 1.00 27.00 ? 5   DA  B "C5'" 1 
ATOM   1265 C "C4'" . DA  B 2 5   ? 8.935   -6.064  -9.718  1.00 20.71 ? 5   DA  B "C4'" 1 
ATOM   1266 O "O4'" . DA  B 2 5   ? 7.824   -5.660  -8.892  1.00 20.37 ? 5   DA  B "O4'" 1 
ATOM   1267 C "C3'" . DA  B 2 5   ? 9.562   -7.209  -8.939  1.00 20.26 ? 5   DA  B "C3'" 1 
ATOM   1268 O "O3'" . DA  B 2 5   ? 10.393  -6.723  -7.908  1.00 17.74 ? 5   DA  B "O3'" 1 
ATOM   1269 C "C2'" . DA  B 2 5   ? 8.341   -7.915  -8.365  1.00 23.38 ? 5   DA  B "C2'" 1 
ATOM   1270 C "C1'" . DA  B 2 5   ? 7.357   -6.770  -8.147  1.00 26.33 ? 5   DA  B "C1'" 1 
ATOM   1271 N N9    . DA  B 2 5   ? 6.016   -7.090  -8.627  1.00 30.26 ? 5   DA  B N9    1 
ATOM   1272 C C8    . DA  B 2 5   ? 5.691   -7.695  -9.807  1.00 29.69 ? 5   DA  B C8    1 
ATOM   1273 N N7    . DA  B 2 5   ? 4.405   -7.859  -9.987  1.00 32.52 ? 5   DA  B N7    1 
ATOM   1274 C C5    . DA  B 2 5   ? 3.850   -7.313  -8.838  1.00 28.91 ? 5   DA  B C5    1 
ATOM   1275 C C6    . DA  B 2 5   ? 2.520   -7.173  -8.404  1.00 30.49 ? 5   DA  B C6    1 
ATOM   1276 N N6    . DA  B 2 5   ? 1.464   -7.580  -9.107  1.00 29.49 ? 5   DA  B N6    1 
ATOM   1277 N N1    . DA  B 2 5   ? 2.317   -6.590  -7.209  1.00 29.07 ? 5   DA  B N1    1 
ATOM   1278 C C2    . DA  B 2 5   ? 3.374   -6.182  -6.505  1.00 26.17 ? 5   DA  B C2    1 
ATOM   1279 N N3    . DA  B 2 5   ? 4.664   -6.265  -6.799  1.00 26.57 ? 5   DA  B N3    1 
ATOM   1280 C C4    . DA  B 2 5   ? 4.831   -6.841  -7.992  1.00 21.95 ? 5   DA  B C4    1 
ATOM   1281 P P     . DC  B 2 6   ? 11.960  -6.611  -8.182  1.00 18.46 ? 6   DC  B P     1 
ATOM   1282 O OP1   . DC  B 2 6   ? 12.459  -7.911  -8.661  1.00 20.94 ? 6   DC  B OP1   1 
ATOM   1283 O OP2   . DC  B 2 6   ? 12.592  -5.993  -7.004  1.00 19.78 ? 6   DC  B OP2   1 
ATOM   1284 O "O5'" . DC  B 2 6   ? 12.001  -5.573  -9.391  1.00 19.13 ? 6   DC  B "O5'" 1 
ATOM   1285 C "C5'" . DC  B 2 6   ? 12.579  -4.296  -9.227  1.00 21.15 ? 6   DC  B "C5'" 1 
ATOM   1286 C "C4'" . DC  B 2 6   ? 13.545  -4.035  -10.368 1.00 17.66 ? 6   DC  B "C4'" 1 
ATOM   1287 O "O4'" . DC  B 2 6   ? 12.837  -4.076  -11.629 1.00 18.29 ? 6   DC  B "O4'" 1 
ATOM   1288 C "C3'" . DC  B 2 6   ? 14.289  -2.699  -10.331 1.00 18.17 ? 6   DC  B "C3'" 1 
ATOM   1289 O "O3'" . DC  B 2 6   ? 15.656  -2.933  -10.542 1.00 19.76 ? 6   DC  B "O3'" 1 
ATOM   1290 C "C2'" . DC  B 2 6   ? 13.723  -1.942  -11.522 1.00 21.28 ? 6   DC  B "C2'" 1 
ATOM   1291 C "C1'" . DC  B 2 6   ? 13.416  -3.100  -12.459 1.00 18.86 ? 6   DC  B "C1'" 1 
ATOM   1292 N N1    . DC  B 2 6   ? 12.470  -2.725  -13.525 1.00 20.82 ? 6   DC  B N1    1 
ATOM   1293 C C2    . DC  B 2 6   ? 12.960  -2.508  -14.814 1.00 19.95 ? 6   DC  B C2    1 
ATOM   1294 O O2    . DC  B 2 6   ? 14.162  -2.649  -15.033 1.00 21.75 ? 6   DC  B O2    1 
ATOM   1295 N N3    . DC  B 2 6   ? 12.100  -2.154  -15.789 1.00 20.32 ? 6   DC  B N3    1 
ATOM   1296 C C4    . DC  B 2 6   ? 10.811  -2.011  -15.513 1.00 26.02 ? 6   DC  B C4    1 
ATOM   1297 N N4    . DC  B 2 6   ? 10.008  -1.660  -16.517 1.00 27.63 ? 6   DC  B N4    1 
ATOM   1298 C C5    . DC  B 2 6   ? 10.287  -2.223  -14.203 1.00 22.79 ? 6   DC  B C5    1 
ATOM   1299 C C6    . DC  B 2 6   ? 11.148  -2.575  -13.245 1.00 22.20 ? 6   DC  B C6    1 
ATOM   1300 P P     . DG  B 2 7   ? 16.768  -2.196  -9.684  1.00 20.25 ? 7   DG  B P     1 
ATOM   1301 O OP1   . DG  B 2 7   ? 18.034  -2.915  -9.939  1.00 19.65 ? 7   DG  B OP1   1 
ATOM   1302 O OP2   . DG  B 2 7   ? 16.269  -2.038  -8.307  1.00 19.53 ? 7   DG  B OP2   1 
ATOM   1303 O "O5'" . DG  B 2 7   ? 16.855  -0.760  -10.377 1.00 17.47 ? 7   DG  B "O5'" 1 
ATOM   1304 C "C5'" . DG  B 2 7   ? 17.425  -0.639  -11.670 1.00 19.55 ? 7   DG  B "C5'" 1 
ATOM   1305 C "C4'" . DG  B 2 7   ? 17.104  0.703   -12.299 1.00 21.30 ? 7   DG  B "C4'" 1 
ATOM   1306 O "O4'" . DG  B 2 7   ? 15.672  0.849   -12.501 1.00 18.19 ? 7   DG  B "O4'" 1 
ATOM   1307 C "C3'" . DG  B 2 7   ? 17.519  1.913   -11.478 1.00 22.64 ? 7   DG  B "C3'" 1 
ATOM   1308 O "O3'" . DG  B 2 7   ? 17.785  2.985   -12.369 1.00 23.39 ? 7   DG  B "O3'" 1 
ATOM   1309 C "C2'" . DG  B 2 7   ? 16.266  2.158   -10.643 1.00 20.98 ? 7   DG  B "C2'" 1 
ATOM   1310 C "C1'" . DG  B 2 7   ? 15.166  1.862   -11.660 1.00 18.01 ? 7   DG  B "C1'" 1 
ATOM   1311 N N9    . DG  B 2 7   ? 13.905  1.378   -11.105 1.00 17.30 ? 7   DG  B N9    1 
ATOM   1312 C C8    . DG  B 2 7   ? 13.674  0.884   -9.847  1.00 17.43 ? 7   DG  B C8    1 
ATOM   1313 N N7    . DG  B 2 7   ? 12.439  0.525   -9.649  1.00 16.00 ? 7   DG  B N7    1 
ATOM   1314 C C5    . DG  B 2 7   ? 11.808  0.788   -10.859 1.00 16.09 ? 7   DG  B C5    1 
ATOM   1315 C C6    . DG  B 2 7   ? 10.463  0.603   -11.256 1.00 19.52 ? 7   DG  B C6    1 
ATOM   1316 O O6    . DG  B 2 7   ? 9.529   0.151   -10.589 1.00 21.19 ? 7   DG  B O6    1 
ATOM   1317 N N1    . DG  B 2 7   ? 10.238  1.006   -12.570 1.00 16.54 ? 7   DG  B N1    1 
ATOM   1318 C C2    . DG  B 2 7   ? 11.201  1.525   -13.397 1.00 19.47 ? 7   DG  B C2    1 
ATOM   1319 N N2    . DG  B 2 7   ? 10.806  1.861   -14.633 1.00 17.67 ? 7   DG  B N2    1 
ATOM   1320 N N3    . DG  B 2 7   ? 12.464  1.701   -13.038 1.00 14.81 ? 7   DG  B N3    1 
ATOM   1321 C C4    . DG  B 2 7   ? 12.697  1.314   -11.764 1.00 16.81 ? 7   DG  B C4    1 
ATOM   1322 P P     . DG  B 2 8   ? 18.963  4.030   -12.109 1.00 27.73 ? 8   DG  B P     1 
ATOM   1323 O OP1   . DG  B 2 8   ? 18.964  5.011   -13.216 1.00 28.84 ? 8   DG  B OP1   1 
ATOM   1324 O OP2   . DG  B 2 8   ? 20.205  3.311   -11.772 1.00 26.37 ? 8   DG  B OP2   1 
ATOM   1325 O "O5'" . DG  B 2 8   ? 18.446  4.755   -10.782 1.00 24.38 ? 8   DG  B "O5'" 1 
ATOM   1326 C "C5'" . DG  B 2 8   ? 17.571  5.866   -10.897 1.00 26.33 ? 8   DG  B "C5'" 1 
ATOM   1327 C "C4'" . DG  B 2 8   ? 17.342  6.560   -9.565  1.00 26.13 ? 8   DG  B "C4'" 1 
ATOM   1328 O "O4'" . DG  B 2 8   ? 16.359  5.836   -8.792  1.00 25.38 ? 8   DG  B "O4'" 1 
ATOM   1329 C "C3'" . DG  B 2 8   ? 18.548  6.700   -8.646  1.00 26.79 ? 8   DG  B "C3'" 1 
ATOM   1330 O "O3'" . DG  B 2 8   ? 18.446  7.937   -7.964  1.00 28.34 ? 8   DG  B "O3'" 1 
ATOM   1331 C "C2'" . DG  B 2 8   ? 18.392  5.522   -7.684  1.00 23.30 ? 8   DG  B "C2'" 1 
ATOM   1332 C "C1'" . DG  B 2 8   ? 16.880  5.504   -7.521  1.00 21.60 ? 8   DG  B "C1'" 1 
ATOM   1333 N N9    . DG  B 2 8   ? 16.282  4.220   -7.194  1.00 19.56 ? 8   DG  B N9    1 
ATOM   1334 C C8    . DG  B 2 8   ? 16.689  2.972   -7.588  1.00 19.83 ? 8   DG  B C8    1 
ATOM   1335 N N7    . DG  B 2 8   ? 15.925  2.017   -7.144  1.00 19.24 ? 8   DG  B N7    1 
ATOM   1336 C C5    . DG  B 2 8   ? 14.943  2.676   -6.417  1.00 19.41 ? 8   DG  B C5    1 
ATOM   1337 C C6    . DG  B 2 8   ? 13.832  2.167   -5.704  1.00 18.80 ? 8   DG  B C6    1 
ATOM   1338 O O6    . DG  B 2 8   ? 13.480  0.991   -5.563  1.00 20.19 ? 8   DG  B O6    1 
ATOM   1339 N N1    . DG  B 2 8   ? 13.092  3.184   -5.112  1.00 17.55 ? 8   DG  B N1    1 
ATOM   1340 C C2    . DG  B 2 8   ? 13.385  4.522   -5.197  1.00 18.64 ? 8   DG  B C2    1 
ATOM   1341 N N2    . DG  B 2 8   ? 12.551  5.354   -4.558  1.00 14.94 ? 8   DG  B N2    1 
ATOM   1342 N N3    . DG  B 2 8   ? 14.419  5.012   -5.862  1.00 17.68 ? 8   DG  B N3    1 
ATOM   1343 C C4    . DG  B 2 8   ? 15.148  4.035   -6.444  1.00 21.11 ? 8   DG  B C4    1 
ATOM   1344 P P     . DT  B 2 9   ? 18.902  9.296   -8.683  1.00 38.35 ? 9   DT  B P     1 
ATOM   1345 O OP1   . DT  B 2 9   ? 20.076  8.992   -9.521  1.00 25.33 ? 9   DT  B OP1   1 
ATOM   1346 O OP2   . DT  B 2 9   ? 18.972  10.352  -7.656  1.00 36.25 ? 9   DT  B OP2   1 
ATOM   1347 O "O5'" . DT  B 2 9   ? 17.675  9.644   -9.646  1.00 30.98 ? 9   DT  B "O5'" 1 
ATOM   1348 C "C5'" . DT  B 2 9   ? 17.934  9.998   -10.996 1.00 27.62 ? 9   DT  B "C5'" 1 
ATOM   1349 C "C4'" . DT  B 2 9   ? 16.674  9.981   -11.843 1.00 28.99 ? 9   DT  B "C4'" 1 
ATOM   1350 O "O4'" . DT  B 2 9   ? 15.855  8.853   -11.475 1.00 22.13 ? 9   DT  B "O4'" 1 
ATOM   1351 C "C3'" . DT  B 2 9   ? 15.749  11.173  -11.677 1.00 29.23 ? 9   DT  B "C3'" 1 
ATOM   1352 O "O3'" . DT  B 2 9   ? 16.174  12.227  -12.521 1.00 38.67 ? 9   DT  B "O3'" 1 
ATOM   1353 C "C2'" . DT  B 2 9   ? 14.412  10.620  -12.150 1.00 22.86 ? 9   DT  B "C2'" 1 
ATOM   1354 C "C1'" . DT  B 2 9   ? 14.533  9.120   -11.892 1.00 24.51 ? 9   DT  B "C1'" 1 
ATOM   1355 N N1    . DT  B 2 9   ? 13.602  8.637   -10.847 1.00 19.16 ? 9   DT  B N1    1 
ATOM   1356 C C2    . DT  B 2 9   ? 12.326  8.287   -11.211 1.00 20.25 ? 9   DT  B C2    1 
ATOM   1357 O O2    . DT  B 2 9   ? 11.923  8.356   -12.352 1.00 16.96 ? 9   DT  B O2    1 
ATOM   1358 N N3    . DT  B 2 9   ? 11.542  7.850   -10.178 1.00 16.16 ? 9   DT  B N3    1 
ATOM   1359 C C4    . DT  B 2 9   ? 11.898  7.733   -8.849  1.00 19.29 ? 9   DT  B C4    1 
ATOM   1360 O O4    . DT  B 2 9   ? 11.116  7.329   -7.998  1.00 14.95 ? 9   DT  B O4    1 
ATOM   1361 C C5    . DT  B 2 9   ? 13.254  8.117   -8.541  1.00 19.05 ? 9   DT  B C5    1 
ATOM   1362 C C7    . DT  B 2 9   ? 13.771  8.038   -7.138  1.00 20.46 ? 9   DT  B C7    1 
ATOM   1363 C C6    . DT  B 2 9   ? 14.029  8.546   -9.542  1.00 20.68 ? 9   DT  B C6    1 
HETATM 1364 O O     . HOH C 3 .   ? -2.940  -2.617  8.670   1.00 14.69 ? 201 HOH A O     1 
HETATM 1365 O O     . HOH C 3 .   ? 5.033   15.640  -3.469  1.00 13.94 ? 202 HOH A O     1 
HETATM 1366 O O     . HOH C 3 .   ? 0.028   -5.714  -6.024  1.00 17.18 ? 203 HOH A O     1 
HETATM 1367 O O     . HOH C 3 .   ? 3.375   -15.936 1.153   1.00 15.08 ? 204 HOH A O     1 
HETATM 1368 O O     . HOH C 3 .   ? -11.706 -1.489  4.906   1.00 21.11 ? 205 HOH A O     1 
HETATM 1369 O O     . HOH C 3 .   ? 5.098   10.885  -10.685 1.00 15.84 ? 206 HOH A O     1 
HETATM 1370 O O     . HOH C 3 .   ? 12.724  -0.887  0.167   1.00 20.75 ? 207 HOH A O     1 
HETATM 1371 O O     . HOH C 3 .   ? 5.936   -8.822  0.211   1.00 15.34 ? 208 HOH A O     1 
HETATM 1372 O O     . HOH C 3 .   ? 4.274   -9.081  -1.998  1.00 12.70 ? 209 HOH A O     1 
HETATM 1373 O O     . HOH C 3 .   ? 9.410   -2.350  7.281   1.00 20.45 ? 210 HOH A O     1 
HETATM 1374 O O     . HOH C 3 .   ? -2.291  -2.772  11.367  1.00 17.59 ? 211 HOH A O     1 
HETATM 1375 O O     . HOH C 3 .   ? 13.387  -2.497  -4.459  1.00 16.78 ? 212 HOH A O     1 
HETATM 1376 O O     . HOH C 3 .   ? -5.383  -1.482  8.657   1.00 17.71 ? 213 HOH A O     1 
HETATM 1377 O O     . HOH C 3 .   ? -0.748  -1.184  13.179  1.00 19.93 ? 214 HOH A O     1 
HETATM 1378 O O     . HOH C 3 .   ? 0.403   -6.611  4.156   1.00 18.24 ? 215 HOH A O     1 
HETATM 1379 O O     . HOH C 3 .   ? 6.898   0.566   -9.724  1.00 15.03 ? 216 HOH A O     1 
HETATM 1380 O O     . HOH C 3 .   ? -17.654 -6.017  -5.928  1.00 18.84 ? 217 HOH A O     1 
HETATM 1381 O O     . HOH C 3 .   ? -1.993  -0.704  16.714  1.00 23.46 ? 218 HOH A O     1 
HETATM 1382 O O     . HOH C 3 .   ? 5.546   -4.121  -10.195 1.00 19.99 ? 219 HOH A O     1 
HETATM 1383 O O     . HOH C 3 .   ? 6.847   12.657  -11.852 1.00 23.72 ? 220 HOH A O     1 
HETATM 1384 O O     . HOH C 3 .   ? -12.116 10.795  -3.427  1.00 20.13 ? 221 HOH A O     1 
HETATM 1385 O O     . HOH C 3 .   ? -6.051  8.746   4.640   1.00 18.17 ? 222 HOH A O     1 
HETATM 1386 O O     . HOH C 3 .   ? -2.388  11.067  9.282   1.00 22.39 ? 223 HOH A O     1 
HETATM 1387 O O     . HOH C 3 .   ? -0.812  10.683  -12.658 1.00 18.48 ? 224 HOH A O     1 
HETATM 1388 O O     . HOH C 3 .   ? 19.501  1.742   -5.290  1.00 30.19 ? 225 HOH A O     1 
HETATM 1389 O O     . HOH C 3 .   ? 11.486  -14.711 -9.249  1.00 19.12 ? 226 HOH A O     1 
HETATM 1390 O O     . HOH C 3 .   ? 3.269   11.543  -13.571 1.00 21.38 ? 227 HOH A O     1 
HETATM 1391 O O     . HOH C 3 .   ? -9.692  11.653  -3.353  1.00 17.16 ? 228 HOH A O     1 
HETATM 1392 O O     . HOH C 3 .   ? -4.477  -2.614  12.992  1.00 27.05 ? 229 HOH A O     1 
HETATM 1393 O O     . HOH C 3 .   ? 10.918  0.647   9.578   1.00 24.91 ? 230 HOH A O     1 
HETATM 1394 O O     . HOH C 3 .   ? -0.875  -13.120 8.182   1.00 19.71 ? 231 HOH A O     1 
HETATM 1395 O O     . HOH C 3 .   ? -13.933 0.492   -7.230  1.00 24.90 ? 232 HOH A O     1 
HETATM 1396 O O     . HOH C 3 .   ? 11.621  -5.359  13.683  1.00 33.76 ? 233 HOH A O     1 
HETATM 1397 O O     . HOH C 3 .   ? 14.034  -7.365  3.020   1.00 23.62 ? 234 HOH A O     1 
HETATM 1398 O O     . HOH C 3 .   ? 10.838  -6.396  6.117   1.00 20.47 ? 235 HOH A O     1 
HETATM 1399 O O     . HOH C 3 .   ? -12.267 4.661   5.881   1.00 26.94 ? 236 HOH A O     1 
HETATM 1400 O O     . HOH C 3 .   ? 0.131   13.568  5.249   1.00 21.18 ? 237 HOH A O     1 
HETATM 1401 O O     . HOH C 3 .   ? 7.344   -1.199  11.025  1.00 20.00 ? 238 HOH A O     1 
HETATM 1402 O O     . HOH C 3 .   ? -2.974  8.333   17.525  1.00 24.97 ? 239 HOH A O     1 
HETATM 1403 O O     . HOH C 3 .   ? 8.582   -3.993  -5.909  1.00 24.11 ? 240 HOH A O     1 
HETATM 1404 O O     . HOH C 3 .   ? -0.211  -7.978  -4.235  1.00 21.90 ? 241 HOH A O     1 
HETATM 1405 O O     . HOH C 3 .   ? -0.764  9.780   -16.657 1.00 24.36 ? 242 HOH A O     1 
HETATM 1406 O O     . HOH C 3 .   ? 5.613   7.863   8.827   1.00 22.10 ? 243 HOH A O     1 
HETATM 1407 O O     . HOH C 3 .   ? -16.859 6.645   -11.163 1.00 24.27 ? 244 HOH A O     1 
HETATM 1408 O O     . HOH C 3 .   ? -11.848 0.245   12.171  1.00 29.95 ? 245 HOH A O     1 
HETATM 1409 O O     . HOH C 3 .   ? 9.107   -2.760  -8.414  1.00 21.07 ? 246 HOH A O     1 
HETATM 1410 O O     . HOH C 3 .   ? 15.915  -7.098  -9.449  1.00 22.44 ? 247 HOH A O     1 
HETATM 1411 O O     . HOH C 3 .   ? 19.156  -8.573  -6.294  1.00 26.46 ? 248 HOH A O     1 
HETATM 1412 O O     . HOH C 3 .   ? 5.181   4.617   -11.171 1.00 16.69 ? 249 HOH A O     1 
HETATM 1413 O O     . HOH C 3 .   ? 9.292   -3.891  14.405  1.00 22.66 ? 250 HOH A O     1 
HETATM 1414 O O     . HOH C 3 .   ? 10.950  7.177   5.577   1.00 22.47 ? 251 HOH A O     1 
HETATM 1415 O O     . HOH C 3 .   ? -4.443  -11.163 9.355   1.00 20.16 ? 252 HOH A O     1 
HETATM 1416 O O     . HOH C 3 .   ? 11.883  -14.984 13.943  1.00 35.64 ? 253 HOH A O     1 
HETATM 1417 O O     . HOH C 3 .   ? 0.685   -15.221 7.696   1.00 24.46 ? 254 HOH A O     1 
HETATM 1418 O O     . HOH C 3 .   ? -1.265  13.420  -17.328 1.00 37.51 ? 255 HOH A O     1 
HETATM 1419 O O     . HOH C 3 .   ? 9.807   -11.102 -6.844  1.00 22.01 ? 256 HOH A O     1 
HETATM 1420 O O     . HOH C 3 .   ? 19.791  -6.155  -6.803  1.00 24.40 ? 257 HOH A O     1 
HETATM 1421 O O     . HOH C 3 .   ? -9.581  13.879  -4.979  1.00 20.49 ? 258 HOH A O     1 
HETATM 1422 O O     . HOH C 3 .   ? 2.133   17.442  5.407   1.00 24.11 ? 259 HOH A O     1 
HETATM 1423 O O     . HOH C 3 .   ? 11.487  -10.498 -8.829  1.00 19.06 ? 260 HOH A O     1 
HETATM 1424 O O     . HOH C 3 .   ? -0.400  14.003  -14.852 1.00 28.49 ? 261 HOH A O     1 
HETATM 1425 O O     . HOH C 3 .   ? -4.905  11.222  8.557   1.00 27.93 ? 262 HOH A O     1 
HETATM 1426 O O     . HOH C 3 .   ? -14.647 -8.685  -3.384  1.00 26.37 ? 263 HOH A O     1 
HETATM 1427 O O     . HOH C 3 .   ? 18.805  5.560   -3.623  1.00 28.13 ? 264 HOH A O     1 
HETATM 1428 O O     . HOH C 3 .   ? 15.689  -8.515  -2.150  1.00 23.15 ? 265 HOH A O     1 
HETATM 1429 O O     . HOH C 3 .   ? -10.817 10.084  3.250   1.00 18.40 ? 266 HOH A O     1 
HETATM 1430 O O     . HOH C 3 .   ? 0.380   17.890  3.559   1.00 24.99 ? 267 HOH A O     1 
HETATM 1431 O O     . HOH C 3 .   ? 17.135  -13.105 0.197   1.00 23.33 ? 268 HOH A O     1 
HETATM 1432 O O     . HOH C 3 .   ? 19.599  -2.527  -5.450  1.00 26.83 ? 269 HOH A O     1 
HETATM 1433 O O     . HOH C 3 .   ? 3.239   4.631   -20.355 1.00 40.08 ? 270 HOH A O     1 
HETATM 1434 O O     . HOH C 3 .   ? 2.057   -7.530  -11.725 1.00 27.00 ? 271 HOH A O     1 
HETATM 1435 O O     . HOH C 3 .   ? -6.791  -1.806  11.178  1.00 23.97 ? 272 HOH A O     1 
HETATM 1436 O O     . HOH C 3 .   ? -2.950  -10.624 11.726  1.00 26.57 ? 273 HOH A O     1 
HETATM 1437 O O     . HOH C 3 .   ? 2.768   8.441   20.755  1.00 37.19 ? 274 HOH A O     1 
HETATM 1438 O O     . HOH C 3 .   ? -10.542 12.898  2.935   1.00 31.45 ? 275 HOH A O     1 
HETATM 1439 O O     . HOH C 3 .   ? 0.249   11.455  12.459  1.00 28.65 ? 276 HOH A O     1 
HETATM 1440 O O     . HOH C 3 .   ? -14.585 18.760  -9.958  1.00 32.54 ? 277 HOH A O     1 
HETATM 1441 O O     . HOH C 3 .   ? 9.278   -1.567  12.814  1.00 22.61 ? 278 HOH A O     1 
HETATM 1442 O O     . HOH C 3 .   ? -16.228 13.696  -0.327  1.00 34.17 ? 279 HOH A O     1 
HETATM 1443 O O     . HOH C 3 .   ? -17.948 12.518  -10.004 1.00 32.67 ? 280 HOH A O     1 
HETATM 1444 O O     . HOH C 3 .   ? -19.601 13.345  -8.140  1.00 26.70 ? 281 HOH A O     1 
HETATM 1445 O O     . HOH C 3 .   ? 9.495   -2.474  16.764  1.00 31.32 ? 282 HOH A O     1 
HETATM 1446 O O     . HOH C 3 .   ? -19.070 14.280  -5.722  1.00 28.84 ? 283 HOH A O     1 
HETATM 1447 O O     . HOH C 3 .   ? 11.320  0.647   3.175   1.00 21.63 ? 284 HOH A O     1 
HETATM 1448 O O     . HOH C 3 .   ? 11.995  -13.064 4.939   1.00 29.31 ? 285 HOH A O     1 
HETATM 1449 O O     . HOH C 3 .   ? -6.628  13.492  4.865   1.00 29.50 ? 286 HOH A O     1 
HETATM 1450 O O     . HOH C 3 .   ? -12.045 5.671   -12.470 1.00 32.18 ? 287 HOH A O     1 
HETATM 1451 O O     . HOH C 3 .   ? -13.118 1.900   2.897   1.00 25.72 ? 288 HOH A O     1 
HETATM 1452 O O     . HOH C 3 .   ? -4.074  -0.190  14.251  1.00 31.25 ? 289 HOH A O     1 
HETATM 1453 O O     . HOH C 3 .   ? -10.813 18.139  -5.137  1.00 25.31 ? 290 HOH A O     1 
HETATM 1454 O O     . HOH C 3 .   ? 4.733   -2.365  18.591  1.00 27.62 ? 291 HOH A O     1 
HETATM 1455 O O     . HOH C 3 .   ? -21.784 11.662  -7.521  1.00 31.33 ? 292 HOH A O     1 
HETATM 1456 O O     . HOH C 3 .   ? -8.898  -11.213 1.775   1.00 24.24 ? 293 HOH A O     1 
HETATM 1457 O O     . HOH C 3 .   ? -2.375  -15.218 -6.520  1.00 29.48 ? 294 HOH A O     1 
HETATM 1458 O O     . HOH C 3 .   ? 4.162   4.176   -14.477 1.00 26.54 ? 295 HOH A O     1 
HETATM 1459 O O     . HOH C 3 .   ? -15.823 9.019   -10.999 1.00 31.61 ? 296 HOH A O     1 
HETATM 1460 O O     . HOH C 3 .   ? 14.308  1.622   0.856   1.00 24.13 ? 297 HOH A O     1 
HETATM 1461 O O     . HOH C 3 .   ? -9.174  2.184   -11.988 1.00 30.03 ? 298 HOH A O     1 
HETATM 1462 O O     . HOH C 3 .   ? -13.743 -2.475  2.931   1.00 29.95 ? 299 HOH A O     1 
HETATM 1463 O O     . HOH C 3 .   ? -6.560  10.615  6.525   1.00 25.93 ? 300 HOH A O     1 
HETATM 1464 O O     . HOH C 3 .   ? 9.078   -13.398 -9.200  1.00 25.01 ? 301 HOH A O     1 
HETATM 1465 O O     . HOH C 3 .   ? -8.198  -0.638  12.899  1.00 31.85 ? 302 HOH A O     1 
HETATM 1466 O O     . HOH C 3 .   ? 4.435   -14.154 -11.176 1.00 29.87 ? 303 HOH A O     1 
HETATM 1467 O O     . HOH C 3 .   ? 11.692  -1.733  11.347  1.00 32.11 ? 304 HOH A O     1 
HETATM 1468 O O     . HOH C 3 .   ? -16.760 -0.863  -2.202  1.00 24.92 ? 305 HOH A O     1 
HETATM 1469 O O     . HOH C 3 .   ? 11.248  7.340   -1.518  1.00 22.84 ? 306 HOH A O     1 
HETATM 1470 O O     . HOH C 3 .   ? 9.056   14.068  2.993   1.00 29.51 ? 307 HOH A O     1 
HETATM 1471 O O     . HOH C 3 .   ? -2.132  10.443  11.892  1.00 32.40 ? 308 HOH A O     1 
HETATM 1472 O O     . HOH C 3 .   ? 13.722  2.115   3.775   1.00 33.85 ? 309 HOH A O     1 
HETATM 1473 O O     . HOH C 3 .   ? 21.000  1.052   0.849   1.00 36.50 ? 310 HOH A O     1 
HETATM 1474 O O     . HOH C 3 .   ? 19.996  -2.777  -0.261  1.00 30.12 ? 311 HOH A O     1 
HETATM 1475 O O     . HOH C 3 .   ? 3.797   13.736  -17.924 1.00 41.72 ? 312 HOH A O     1 
HETATM 1476 O O     . HOH C 3 .   ? 22.392  -6.015  -6.381  1.00 22.56 ? 313 HOH A O     1 
HETATM 1477 O O     . HOH C 3 .   ? 2.022   -7.207  -4.461  1.00 22.80 ? 314 HOH A O     1 
HETATM 1478 O O     . HOH C 3 .   ? -16.836 -8.660  -4.936  1.00 22.73 ? 315 HOH A O     1 
HETATM 1479 O O     . HOH C 3 .   ? -14.874 5.044   -11.847 1.00 21.72 ? 316 HOH A O     1 
HETATM 1480 O O     . HOH C 3 .   ? 1.238   -7.035  -14.255 1.00 33.36 ? 317 HOH A O     1 
HETATM 1481 O O     . HOH C 3 .   ? -12.534 -1.009  -5.624  1.00 23.59 ? 318 HOH A O     1 
HETATM 1482 O O     . HOH C 3 .   ? -10.250 19.049  -0.406  1.00 23.12 ? 319 HOH A O     1 
HETATM 1483 O O     . HOH C 3 .   ? -2.361  14.758  -15.756 1.00 38.04 ? 320 HOH A O     1 
HETATM 1484 O O     . HOH C 3 .   ? -16.206 3.033   0.191   1.00 24.27 ? 321 HOH A O     1 
HETATM 1485 O O     . HOH C 3 .   ? 20.586  0.580   -3.093  1.00 33.50 ? 322 HOH A O     1 
HETATM 1486 O O     . HOH C 3 .   ? 3.946   13.134  9.468   1.00 32.28 ? 323 HOH A O     1 
HETATM 1487 O O     . HOH C 3 .   ? 4.251   -13.424 9.179   1.00 30.47 ? 324 HOH A O     1 
HETATM 1488 O O     . HOH C 3 .   ? -7.535  -12.729 -0.370  1.00 27.51 ? 325 HOH A O     1 
HETATM 1489 O O     . HOH C 3 .   ? 12.142  -13.545 8.148   1.00 33.71 ? 326 HOH A O     1 
HETATM 1490 O O     . HOH C 3 .   ? 9.179   5.412   9.344   1.00 27.63 ? 327 HOH A O     1 
HETATM 1491 O O     . HOH C 3 .   ? 13.605  -11.017 7.882   1.00 34.19 ? 328 HOH A O     1 
HETATM 1492 O O     . HOH C 3 .   ? -10.860 13.146  0.021   1.00 27.64 ? 329 HOH A O     1 
HETATM 1493 O O     . HOH C 3 .   ? 7.768   -15.073 15.268  1.00 32.46 ? 330 HOH A O     1 
HETATM 1494 O O     . HOH C 3 .   ? 9.873   0.211   14.610  1.00 30.39 ? 331 HOH A O     1 
HETATM 1495 O O     . HOH C 3 .   ? -4.439  -1.615  15.401  1.00 34.11 ? 332 HOH A O     1 
HETATM 1496 O O     . HOH C 3 .   ? 14.386  12.326  -6.912  1.00 34.23 ? 333 HOH A O     1 
HETATM 1497 O O     . HOH C 3 .   ? -8.143  4.735   13.176  1.00 37.68 ? 334 HOH A O     1 
HETATM 1498 O O     . HOH C 3 .   ? 16.641  6.280   -4.066  1.00 30.04 ? 335 HOH A O     1 
HETATM 1499 O O     . HOH C 3 .   ? 10.400  4.866   11.383  1.00 30.05 ? 336 HOH A O     1 
HETATM 1500 O O     . HOH C 3 .   ? -8.407  -4.090  11.460  1.00 33.18 ? 337 HOH A O     1 
HETATM 1501 O O     . HOH C 3 .   ? -7.715  -11.516 7.743   1.00 31.15 ? 338 HOH A O     1 
HETATM 1502 O O     . HOH C 3 .   ? 1.210   12.821  -15.831 1.00 33.63 ? 339 HOH A O     1 
HETATM 1503 O O     . HOH C 3 .   ? -16.087 5.216   -1.137  1.00 24.74 ? 340 HOH A O     1 
HETATM 1504 O O     . HOH C 3 .   ? -20.685 15.952  -8.926  1.00 32.67 ? 341 HOH A O     1 
HETATM 1505 O O     . HOH C 3 .   ? 10.549  -0.145  5.474   1.00 27.75 ? 342 HOH A O     1 
HETATM 1506 O O     . HOH C 3 .   ? 17.955  -4.991  2.000   1.00 33.94 ? 343 HOH A O     1 
HETATM 1507 O O     . HOH C 3 .   ? 3.568   -10.990 10.883  1.00 30.82 ? 344 HOH A O     1 
HETATM 1508 O O     . HOH C 3 .   ? 1.791   -12.046 12.516  1.00 34.10 ? 345 HOH A O     1 
HETATM 1509 O O     . HOH C 3 .   ? -2.259  -1.892  19.147  1.00 30.14 ? 346 HOH A O     1 
HETATM 1510 O O     . HOH C 3 .   ? -11.433 -4.841  0.480   1.00 25.64 ? 347 HOH A O     1 
HETATM 1511 O O     . HOH C 3 .   ? 9.041   10.268  -2.439  1.00 27.52 ? 348 HOH A O     1 
HETATM 1512 O O     . HOH C 3 .   ? -0.279  -15.141 -12.962 1.00 39.79 ? 349 HOH A O     1 
HETATM 1513 O O     . HOH C 3 .   ? -2.764  -13.778 8.533   1.00 29.78 ? 350 HOH A O     1 
HETATM 1514 O O     . HOH C 3 .   ? -11.189 -12.442 2.324   1.00 32.84 ? 351 HOH A O     1 
HETATM 1515 O O     . HOH C 3 .   ? -6.582  -14.076 4.983   1.00 31.33 ? 352 HOH A O     1 
HETATM 1516 O O     . HOH C 3 .   ? -21.865 11.645  -5.013  1.00 39.71 ? 353 HOH A O     1 
HETATM 1517 O O     . HOH C 3 .   ? 11.226  -13.481 15.548  1.00 41.00 ? 354 HOH A O     1 
HETATM 1518 O O     . HOH C 3 .   ? -5.995  13.080  -16.158 1.00 39.76 ? 355 HOH A O     1 
HETATM 1519 O O     . HOH C 3 .   ? 12.757  -9.600  4.291   1.00 25.43 ? 356 HOH A O     1 
HETATM 1520 O O     . HOH C 3 .   ? -4.003  -14.435 5.099   1.00 28.95 ? 357 HOH A O     1 
HETATM 1521 O O     . HOH C 3 .   ? 12.410  9.454   5.267   1.00 31.85 ? 358 HOH A O     1 
HETATM 1522 O O     . HOH C 3 .   ? -8.957  14.049  4.624   1.00 32.81 ? 359 HOH A O     1 
HETATM 1523 O O     . HOH C 3 .   ? 18.110  -10.565 -6.734  1.00 33.39 ? 360 HOH A O     1 
HETATM 1524 O O     . HOH C 3 .   ? -12.827 -5.975  6.265   1.00 36.04 ? 361 HOH A O     1 
HETATM 1525 O O     . HOH C 3 .   ? 4.054   14.966  7.307   1.00 29.83 ? 362 HOH A O     1 
HETATM 1526 O O     . HOH C 3 .   ? -3.814  11.919  13.713  1.00 40.69 ? 363 HOH A O     1 
HETATM 1527 O O     . HOH C 3 .   ? -17.623 0.937   -0.741  1.00 37.46 ? 364 HOH A O     1 
HETATM 1528 O O     . HOH D 3 .   ? 10.124  7.568   -5.639  1.00 16.93 ? 101 HOH B O     1 
HETATM 1529 O O     . HOH D 3 .   ? 5.721   2.119   -11.845 1.00 19.52 ? 102 HOH B O     1 
HETATM 1530 O O     . HOH D 3 .   ? 14.002  -1.187  -6.964  1.00 14.31 ? 103 HOH B O     1 
HETATM 1531 O O     . HOH D 3 .   ? 14.167  1.985   -15.390 1.00 21.49 ? 104 HOH B O     1 
HETATM 1532 O O     . HOH D 3 .   ? 18.346  -5.816  -8.912  1.00 22.72 ? 105 HOH B O     1 
HETATM 1533 O O     . HOH D 3 .   ? 8.739   11.515  -13.793 1.00 25.24 ? 106 HOH B O     1 
HETATM 1534 O O     . HOH D 3 .   ? 7.664   1.387   -13.620 1.00 20.80 ? 107 HOH B O     1 
HETATM 1535 O O     . HOH D 3 .   ? 11.476  -3.991  -5.877  1.00 20.92 ? 108 HOH B O     1 
HETATM 1536 O O     . HOH D 3 .   ? 10.139  -11.078 -11.084 1.00 25.79 ? 109 HOH B O     1 
HETATM 1537 O O     . HOH D 3 .   ? 20.224  3.001   -9.674  1.00 29.40 ? 110 HOH B O     1 
HETATM 1538 O O     . HOH D 3 .   ? 5.916   -12.048 -12.587 1.00 27.43 ? 111 HOH B O     1 
HETATM 1539 O O     . HOH D 3 .   ? -5.515  2.278   -12.672 1.00 20.50 ? 112 HOH B O     1 
HETATM 1540 O O     . HOH D 3 .   ? 19.396  7.473   -14.161 1.00 24.33 ? 113 HOH B O     1 
HETATM 1541 O O     . HOH D 3 .   ? 7.110   -3.426  -15.956 1.00 32.56 ? 114 HOH B O     1 
HETATM 1542 O O     . HOH D 3 .   ? 13.362  8.453   -3.616  1.00 24.48 ? 115 HOH B O     1 
HETATM 1543 O O     . HOH D 3 .   ? 7.361   -6.371  -19.741 1.00 38.73 ? 116 HOH B O     1 
HETATM 1544 O O     . HOH D 3 .   ? 7.225   -0.537  -15.573 1.00 30.69 ? 117 HOH B O     1 
HETATM 1545 O O     . HOH D 3 .   ? 8.040   3.344   -15.669 1.00 28.80 ? 118 HOH B O     1 
HETATM 1546 O O     . HOH D 3 .   ? 20.654  8.750   -12.075 1.00 34.83 ? 119 HOH B O     1 
HETATM 1547 O O     . HOH D 3 .   ? 11.298  9.482   -4.387  1.00 31.56 ? 120 HOH B O     1 
HETATM 1548 O O     . HOH D 3 .   ? 9.252   -6.008  -18.829 1.00 35.13 ? 121 HOH B O     1 
HETATM 1549 O O     . HOH D 3 .   ? -3.225  12.581  -17.398 1.00 39.44 ? 122 HOH B O     1 
HETATM 1550 O O     . HOH D 3 .   ? 8.529   -2.651  -11.573 1.00 26.87 ? 123 HOH B O     1 
HETATM 1551 O O     . HOH D 3 .   ? -8.856  4.448   -12.591 1.00 38.18 ? 124 HOH B O     1 
HETATM 1552 O O     . HOH D 3 .   ? 10.192  9.279   -14.452 1.00 27.25 ? 125 HOH B O     1 
HETATM 1553 O O     . HOH D 3 .   ? 18.051  -0.447  -6.537  1.00 29.06 ? 126 HOH B O     1 
HETATM 1554 O O     . HOH D 3 .   ? 20.635  -2.324  -8.800  1.00 34.16 ? 127 HOH B O     1 
HETATM 1555 O O     . HOH D 3 .   ? 12.682  11.487  -4.829  1.00 29.77 ? 128 HOH B O     1 
# 
loop_
_pdbx_poly_seq_scheme.asym_id 
_pdbx_poly_seq_scheme.entity_id 
_pdbx_poly_seq_scheme.seq_id 
_pdbx_poly_seq_scheme.mon_id 
_pdbx_poly_seq_scheme.ndb_seq_num 
_pdbx_poly_seq_scheme.pdb_seq_num 
_pdbx_poly_seq_scheme.auth_seq_num 
_pdbx_poly_seq_scheme.pdb_mon_id 
_pdbx_poly_seq_scheme.auth_mon_id 
_pdbx_poly_seq_scheme.pdb_strand_id 
_pdbx_poly_seq_scheme.pdb_ins_code 
_pdbx_poly_seq_scheme.hetero 
A 1 1   MET 1   1   ?   ?   ?   A . n 
A 1 2   SER 2   2   ?   ?   ?   A . n 
A 1 3   ASP 3   3   3   ASP ASP A . n 
A 1 4   SER 4   4   4   SER SER A . n 
A 1 5   PHE 5   5   5   PHE PHE A . n 
A 1 6   SER 6   6   6   SER SER A . n 
A 1 7   LEU 7   7   7   LEU LEU A . n 
A 1 8   LEU 8   8   8   LEU LEU A . n 
A 1 9   SER 9   9   9   SER SER A . n 
A 1 10  GLN 10  10  10  GLN GLN A . n 
A 1 11  ILE 11  11  11  ILE ILE A . n 
A 1 12  THR 12  12  12  THR THR A . n 
A 1 13  PRO 13  13  13  PRO PRO A . n 
A 1 14  HIS 14  14  14  HIS HIS A . n 
A 1 15  GLN 15  15  15  GLN GLN A . n 
A 1 16  ARG 16  16  16  ARG ARG A . n 
A 1 17  CYS 17  17  17  CYS CYS A . n 
A 1 18  SER 18  18  18  SER SER A . n 
A 1 19  PHE 19  19  19  PHE PHE A . n 
A 1 20  TYR 20  20  20  TYR TYR A . n 
A 1 21  ALA 21  21  21  ALA ALA A . n 
A 1 22  GLN 22  22  22  GLN GLN A . n 
A 1 23  VAL 23  23  23  VAL VAL A . n 
A 1 24  ILE 24  24  24  ILE ILE A . n 
A 1 25  LYS 25  25  25  LYS LYS A . n 
A 1 26  THR 26  26  26  THR THR A . n 
A 1 27  TRP 27  27  27  TRP TRP A . n 
A 1 28  TYR 28  28  28  TYR TYR A . n 
A 1 29  SER 29  29  29  SER SER A . n 
A 1 30  ASP 30  30  30  ASP ASP A . n 
A 1 31  LYS 31  31  31  LYS LYS A . n 
A 1 32  ASN 32  32  32  ASN ASN A . n 
A 1 33  PHE 33  33  33  PHE PHE A . n 
A 1 34  THR 34  34  34  THR THR A . n 
A 1 35  LEU 35  35  35  LEU LEU A . n 
A 1 36  TYR 36  36  36  TYR TYR A . n 
A 1 37  VAL 37  37  37  VAL VAL A . n 
A 1 38  THR 38  38  38  THR THR A . n 
A 1 39  ASP 39  39  39  ASP ASP A . n 
A 1 40  TYR 40  40  40  TYR TYR A . n 
A 1 41  THR 41  41  41  THR THR A . n 
A 1 42  GLU 42  42  42  GLU GLU A . n 
A 1 43  ASN 43  43  43  ASN ASN A . n 
A 1 44  GLU 44  44  44  GLU GLU A . n 
A 1 45  LEU 45  45  45  LEU LEU A . n 
A 1 46  PHE 46  46  46  PHE PHE A . n 
A 1 47  PHE 47  47  47  PHE PHE A . n 
A 1 48  PRO 48  48  48  PRO PRO A . n 
A 1 49  MET 49  49  49  MET MET A . n 
A 1 50  SER 50  50  50  SER SER A . n 
A 1 51  PRO 51  51  51  PRO PRO A . n 
A 1 52  TYR 52  52  52  TYR TYR A . n 
A 1 53  THR 53  53  53  THR THR A . n 
A 1 54  SER 54  54  54  SER SER A . n 
A 1 55  SER 55  55  55  SER SER A . n 
A 1 56  SER 56  56  56  SER SER A . n 
A 1 57  ARG 57  57  57  ARG ARG A . n 
A 1 58  TRP 58  58  58  TRP TRP A . n 
A 1 59  ARG 59  59  59  ARG ARG A . n 
A 1 60  GLY 60  60  60  GLY GLY A . n 
A 1 61  PRO 61  61  61  PRO PRO A . n 
A 1 62  PHE 62  62  62  PHE PHE A . n 
A 1 63  GLY 63  63  63  GLY GLY A . n 
A 1 64  ARG 64  64  64  ARG ARG A . n 
A 1 65  PHE 65  65  65  PHE PHE A . n 
A 1 66  SER 66  66  66  SER SER A . n 
A 1 67  ILE 67  67  67  ILE ILE A . n 
A 1 68  ARG 68  68  68  ARG ARG A . n 
A 1 69  CYS 69  69  69  CYS CYS A . n 
A 1 70  ILE 70  70  70  ILE ILE A . n 
A 1 71  LEU 71  71  71  LEU LEU A . n 
A 1 72  TRP 72  72  72  TRP TRP A . n 
A 1 73  ASP 73  73  73  ASP ASP A . n 
A 1 74  GLU 74  74  74  GLU GLU A . n 
A 1 75  HIS 75  75  75  HIS HIS A . n 
A 1 76  ASP 76  76  76  ASP ASP A . n 
A 1 77  PHE 77  77  77  PHE PHE A . n 
A 1 78  TYR 78  78  78  TYR TYR A . n 
A 1 79  CYS 79  79  79  CYS CYS A . n 
A 1 80  ARG 80  80  80  ARG ARG A . n 
A 1 81  ASN 81  81  81  ASN ASN A . n 
A 1 82  TYR 82  82  82  TYR TYR A . n 
A 1 83  ILE 83  83  83  ILE ILE A . n 
A 1 84  LYS 84  84  84  LYS LYS A . n 
A 1 85  GLU 85  85  85  GLU GLU A . n 
A 1 86  GLY 86  86  86  GLY GLY A . n 
A 1 87  ASP 87  87  87  ASP ASP A . n 
A 1 88  TYR 88  88  88  TYR TYR A . n 
A 1 89  VAL 89  89  89  VAL VAL A . n 
A 1 90  VAL 90  90  90  VAL VAL A . n 
A 1 91  MET 91  91  91  MET MET A . n 
A 1 92  LYS 92  92  92  LYS LYS A . n 
A 1 93  ASN 93  93  93  ASN ASN A . n 
A 1 94  VAL 94  94  94  VAL VAL A . n 
A 1 95  ARG 95  95  95  ARG ARG A . n 
A 1 96  THR 96  96  96  THR THR A . n 
A 1 97  LYS 97  97  97  LYS LYS A . n 
A 1 98  ILE 98  98  98  ILE ILE A . n 
A 1 99  ASP 99  99  99  ASP ASP A . n 
A 1 100 HIS 100 100 100 HIS HIS A . n 
A 1 101 LEU 101 101 101 LEU LEU A . n 
A 1 102 GLY 102 102 102 GLY GLY A . n 
A 1 103 TYR 103 103 103 TYR TYR A . n 
A 1 104 LEU 104 104 104 LEU LEU A . n 
A 1 105 GLU 105 105 105 GLU GLU A . n 
A 1 106 CYS 106 106 106 CYS CYS A . n 
A 1 107 ILE 107 107 107 ILE ILE A . n 
A 1 108 LEU 108 108 108 LEU LEU A . n 
A 1 109 HIS 109 109 109 HIS HIS A . n 
A 1 110 GLY 110 110 110 GLY GLY A . n 
A 1 111 ASP 111 111 111 ASP ASP A . n 
A 1 112 SER 112 112 112 SER SER A . n 
A 1 113 ALA 113 113 113 ALA ALA A . n 
A 1 114 LYS 114 114 114 LYS LYS A . n 
A 1 115 ARG 115 115 115 ARG ARG A . n 
A 1 116 TYR 116 116 116 TYR TYR A . n 
A 1 117 ASN 117 117 117 ASN ASN A . n 
A 1 118 MET 118 118 118 MET MET A . n 
A 1 119 SER 119 119 119 SER SER A . n 
A 1 120 ILE 120 120 120 ILE ILE A . n 
A 1 121 GLU 121 121 121 GLU GLU A . n 
A 1 122 LYS 122 122 122 LYS LYS A . n 
A 1 123 VAL 123 123 123 VAL VAL A . n 
A 1 124 ASP 124 124 124 ASP ASP A . n 
A 1 125 SER 125 125 125 SER SER A . n 
A 1 126 GLU 126 126 126 GLU GLU A . n 
A 1 127 GLU 127 127 127 GLU GLU A . n 
A 1 128 PRO 128 128 128 PRO PRO A . n 
A 1 129 GLU 129 129 129 GLU GLU A . n 
A 1 130 LEU 130 130 130 LEU LEU A . n 
A 1 131 ASN 131 131 131 ASN ASN A . n 
A 1 132 GLU 132 132 132 GLU GLU A . n 
A 1 133 ILE 133 133 133 ILE ILE A . n 
A 1 134 LYS 134 134 134 LYS LYS A . n 
A 1 135 SER 135 135 135 SER SER A . n 
A 1 136 ARG 136 136 136 ARG ARG A . n 
A 1 137 LYS 137 137 137 LYS LYS A . n 
A 1 138 ARG 138 138 138 ARG ARG A . n 
A 1 139 LEU 139 139 139 LEU LEU A . n 
A 1 140 TYR 140 140 140 TYR TYR A . n 
A 1 141 VAL 141 141 141 VAL VAL A . n 
A 1 142 GLN 142 142 ?   ?   ?   A . n 
A 1 143 ASN 143 143 ?   ?   ?   A . n 
B 2 1   DG  1   1   1   DG  G   B . n 
B 2 2   DG  2   2   2   DG  G   B . n 
B 2 3   DT  3   3   3   DT  T   B . n 
B 2 4   DA  4   4   4   DA  A   B . n 
B 2 5   DA  5   5   5   DA  A   B . n 
B 2 6   DC  6   6   6   DC  C   B . n 
B 2 7   DG  7   7   7   DG  G   B . n 
B 2 8   DG  8   8   8   DG  G   B . n 
B 2 9   DT  9   9   9   DT  T   B . n 
# 
loop_
_pdbx_nonpoly_scheme.asym_id 
_pdbx_nonpoly_scheme.entity_id 
_pdbx_nonpoly_scheme.mon_id 
_pdbx_nonpoly_scheme.ndb_seq_num 
_pdbx_nonpoly_scheme.pdb_seq_num 
_pdbx_nonpoly_scheme.auth_seq_num 
_pdbx_nonpoly_scheme.pdb_mon_id 
_pdbx_nonpoly_scheme.auth_mon_id 
_pdbx_nonpoly_scheme.pdb_strand_id 
_pdbx_nonpoly_scheme.pdb_ins_code 
C 3 HOH 1   201 1   HOH HOH A . 
C 3 HOH 2   202 2   HOH HOH A . 
C 3 HOH 3   203 3   HOH HOH A . 
C 3 HOH 4   204 4   HOH HOH A . 
C 3 HOH 5   205 5   HOH HOH A . 
C 3 HOH 6   206 7   HOH HOH A . 
C 3 HOH 7   207 9   HOH HOH A . 
C 3 HOH 8   208 10  HOH HOH A . 
C 3 HOH 9   209 12  HOH HOH A . 
C 3 HOH 10  210 13  HOH HOH A . 
C 3 HOH 11  211 15  HOH HOH A . 
C 3 HOH 12  212 16  HOH HOH A . 
C 3 HOH 13  213 17  HOH HOH A . 
C 3 HOH 14  214 18  HOH HOH A . 
C 3 HOH 15  215 19  HOH HOH A . 
C 3 HOH 16  216 21  HOH HOH A . 
C 3 HOH 17  217 22  HOH HOH A . 
C 3 HOH 18  218 23  HOH HOH A . 
C 3 HOH 19  219 24  HOH HOH A . 
C 3 HOH 20  220 25  HOH HOH A . 
C 3 HOH 21  221 27  HOH HOH A . 
C 3 HOH 22  222 28  HOH HOH A . 
C 3 HOH 23  223 29  HOH HOH A . 
C 3 HOH 24  224 30  HOH HOH A . 
C 3 HOH 25  225 31  HOH HOH A . 
C 3 HOH 26  226 32  HOH HOH A . 
C 3 HOH 27  227 33  HOH HOH A . 
C 3 HOH 28  228 34  HOH HOH A . 
C 3 HOH 29  229 35  HOH HOH A . 
C 3 HOH 30  230 36  HOH HOH A . 
C 3 HOH 31  231 37  HOH HOH A . 
C 3 HOH 32  232 38  HOH HOH A . 
C 3 HOH 33  233 40  HOH HOH A . 
C 3 HOH 34  234 41  HOH HOH A . 
C 3 HOH 35  235 43  HOH HOH A . 
C 3 HOH 36  236 44  HOH HOH A . 
C 3 HOH 37  237 45  HOH HOH A . 
C 3 HOH 38  238 46  HOH HOH A . 
C 3 HOH 39  239 47  HOH HOH A . 
C 3 HOH 40  240 50  HOH HOH A . 
C 3 HOH 41  241 52  HOH HOH A . 
C 3 HOH 42  242 53  HOH HOH A . 
C 3 HOH 43  243 54  HOH HOH A . 
C 3 HOH 44  244 55  HOH HOH A . 
C 3 HOH 45  245 56  HOH HOH A . 
C 3 HOH 46  246 58  HOH HOH A . 
C 3 HOH 47  247 59  HOH HOH A . 
C 3 HOH 48  248 60  HOH HOH A . 
C 3 HOH 49  249 61  HOH HOH A . 
C 3 HOH 50  250 62  HOH HOH A . 
C 3 HOH 51  251 63  HOH HOH A . 
C 3 HOH 52  252 64  HOH HOH A . 
C 3 HOH 53  253 66  HOH HOH A . 
C 3 HOH 54  254 67  HOH HOH A . 
C 3 HOH 55  255 68  HOH HOH A . 
C 3 HOH 56  256 69  HOH HOH A . 
C 3 HOH 57  257 70  HOH HOH A . 
C 3 HOH 58  258 71  HOH HOH A . 
C 3 HOH 59  259 72  HOH HOH A . 
C 3 HOH 60  260 74  HOH HOH A . 
C 3 HOH 61  261 75  HOH HOH A . 
C 3 HOH 62  262 76  HOH HOH A . 
C 3 HOH 63  263 77  HOH HOH A . 
C 3 HOH 64  264 79  HOH HOH A . 
C 3 HOH 65  265 80  HOH HOH A . 
C 3 HOH 66  266 81  HOH HOH A . 
C 3 HOH 67  267 82  HOH HOH A . 
C 3 HOH 68  268 84  HOH HOH A . 
C 3 HOH 69  269 85  HOH HOH A . 
C 3 HOH 70  270 87  HOH HOH A . 
C 3 HOH 71  271 88  HOH HOH A . 
C 3 HOH 72  272 89  HOH HOH A . 
C 3 HOH 73  273 90  HOH HOH A . 
C 3 HOH 74  274 91  HOH HOH A . 
C 3 HOH 75  275 92  HOH HOH A . 
C 3 HOH 76  276 93  HOH HOH A . 
C 3 HOH 77  277 94  HOH HOH A . 
C 3 HOH 78  278 95  HOH HOH A . 
C 3 HOH 79  279 96  HOH HOH A . 
C 3 HOH 80  280 97  HOH HOH A . 
C 3 HOH 81  281 98  HOH HOH A . 
C 3 HOH 82  282 99  HOH HOH A . 
C 3 HOH 83  283 100 HOH HOH A . 
C 3 HOH 84  284 101 HOH HOH A . 
C 3 HOH 85  285 103 HOH HOH A . 
C 3 HOH 86  286 104 HOH HOH A . 
C 3 HOH 87  287 106 HOH HOH A . 
C 3 HOH 88  288 107 HOH HOH A . 
C 3 HOH 89  289 108 HOH HOH A . 
C 3 HOH 90  290 109 HOH HOH A . 
C 3 HOH 91  291 110 HOH HOH A . 
C 3 HOH 92  292 111 HOH HOH A . 
C 3 HOH 93  293 112 HOH HOH A . 
C 3 HOH 94  294 113 HOH HOH A . 
C 3 HOH 95  295 114 HOH HOH A . 
C 3 HOH 96  296 116 HOH HOH A . 
C 3 HOH 97  297 117 HOH HOH A . 
C 3 HOH 98  298 118 HOH HOH A . 
C 3 HOH 99  299 119 HOH HOH A . 
C 3 HOH 100 300 120 HOH HOH A . 
C 3 HOH 101 301 122 HOH HOH A . 
C 3 HOH 102 302 123 HOH HOH A . 
C 3 HOH 103 303 124 HOH HOH A . 
C 3 HOH 104 304 125 HOH HOH A . 
C 3 HOH 105 305 126 HOH HOH A . 
C 3 HOH 106 306 127 HOH HOH A . 
C 3 HOH 107 307 128 HOH HOH A . 
C 3 HOH 108 308 129 HOH HOH A . 
C 3 HOH 109 309 130 HOH HOH A . 
C 3 HOH 110 310 131 HOH HOH A . 
C 3 HOH 111 311 133 HOH HOH A . 
C 3 HOH 112 312 134 HOH HOH A . 
C 3 HOH 113 313 135 HOH HOH A . 
C 3 HOH 114 314 136 HOH HOH A . 
C 3 HOH 115 315 137 HOH HOH A . 
C 3 HOH 116 316 138 HOH HOH A . 
C 3 HOH 117 317 139 HOH HOH A . 
C 3 HOH 118 318 140 HOH HOH A . 
C 3 HOH 119 319 141 HOH HOH A . 
C 3 HOH 120 320 142 HOH HOH A . 
C 3 HOH 121 321 143 HOH HOH A . 
C 3 HOH 122 322 144 HOH HOH A . 
C 3 HOH 123 323 145 HOH HOH A . 
C 3 HOH 124 324 146 HOH HOH A . 
C 3 HOH 125 325 147 HOH HOH A . 
C 3 HOH 126 326 149 HOH HOH A . 
C 3 HOH 127 327 150 HOH HOH A . 
C 3 HOH 128 328 152 HOH HOH A . 
C 3 HOH 129 329 153 HOH HOH A . 
C 3 HOH 130 330 154 HOH HOH A . 
C 3 HOH 131 331 155 HOH HOH A . 
C 3 HOH 132 332 159 HOH HOH A . 
C 3 HOH 133 333 160 HOH HOH A . 
C 3 HOH 134 334 162 HOH HOH A . 
C 3 HOH 135 335 165 HOH HOH A . 
C 3 HOH 136 336 166 HOH HOH A . 
C 3 HOH 137 337 167 HOH HOH A . 
C 3 HOH 138 338 169 HOH HOH A . 
C 3 HOH 139 339 170 HOH HOH A . 
C 3 HOH 140 340 171 HOH HOH A . 
C 3 HOH 141 341 172 HOH HOH A . 
C 3 HOH 142 342 175 HOH HOH A . 
C 3 HOH 143 343 176 HOH HOH A . 
C 3 HOH 144 344 177 HOH HOH A . 
C 3 HOH 145 345 178 HOH HOH A . 
C 3 HOH 146 346 179 HOH HOH A . 
C 3 HOH 147 347 180 HOH HOH A . 
C 3 HOH 148 348 181 HOH HOH A . 
C 3 HOH 149 349 182 HOH HOH A . 
C 3 HOH 150 350 183 HOH HOH A . 
C 3 HOH 151 351 184 HOH HOH A . 
C 3 HOH 152 352 185 HOH HOH A . 
C 3 HOH 153 353 186 HOH HOH A . 
C 3 HOH 154 354 187 HOH HOH A . 
C 3 HOH 155 355 189 HOH HOH A . 
C 3 HOH 156 356 190 HOH HOH A . 
C 3 HOH 157 357 192 HOH HOH A . 
C 3 HOH 158 358 193 HOH HOH A . 
C 3 HOH 159 359 194 HOH HOH A . 
C 3 HOH 160 360 195 HOH HOH A . 
C 3 HOH 161 361 196 HOH HOH A . 
C 3 HOH 162 362 197 HOH HOH A . 
C 3 HOH 163 363 199 HOH HOH A . 
C 3 HOH 164 364 200 HOH HOH A . 
D 3 HOH 1   101 6   HOH HOH B . 
D 3 HOH 2   102 8   HOH HOH B . 
D 3 HOH 3   103 11  HOH HOH B . 
D 3 HOH 4   104 20  HOH HOH B . 
D 3 HOH 5   105 26  HOH HOH B . 
D 3 HOH 6   106 39  HOH HOH B . 
D 3 HOH 7   107 42  HOH HOH B . 
D 3 HOH 8   108 48  HOH HOH B . 
D 3 HOH 9   109 49  HOH HOH B . 
D 3 HOH 10  110 57  HOH HOH B . 
D 3 HOH 11  111 65  HOH HOH B . 
D 3 HOH 12  112 73  HOH HOH B . 
D 3 HOH 13  113 78  HOH HOH B . 
D 3 HOH 14  114 83  HOH HOH B . 
D 3 HOH 15  115 86  HOH HOH B . 
D 3 HOH 16  116 105 HOH HOH B . 
D 3 HOH 17  117 121 HOH HOH B . 
D 3 HOH 18  118 132 HOH HOH B . 
D 3 HOH 19  119 151 HOH HOH B . 
D 3 HOH 20  120 156 HOH HOH B . 
D 3 HOH 21  121 157 HOH HOH B . 
D 3 HOH 22  122 158 HOH HOH B . 
D 3 HOH 23  123 161 HOH HOH B . 
D 3 HOH 24  124 164 HOH HOH B . 
D 3 HOH 25  125 168 HOH HOH B . 
D 3 HOH 26  126 174 HOH HOH B . 
D 3 HOH 27  127 188 HOH HOH B . 
D 3 HOH 28  128 198 HOH HOH B . 
# 
_pdbx_struct_assembly.id                   1 
_pdbx_struct_assembly.details              author_and_software_defined_assembly 
_pdbx_struct_assembly.method_details       PISA 
_pdbx_struct_assembly.oligomeric_details   dimeric 
_pdbx_struct_assembly.oligomeric_count     2 
# 
_pdbx_struct_assembly_gen.assembly_id       1 
_pdbx_struct_assembly_gen.oper_expression   1 
_pdbx_struct_assembly_gen.asym_id_list      A,B,C,D 
# 
loop_
_pdbx_struct_assembly_prop.biol_id 
_pdbx_struct_assembly_prop.type 
_pdbx_struct_assembly_prop.value 
_pdbx_struct_assembly_prop.details 
1 'ABSA (A^2)' 2150 ? 
1 MORE         -3   ? 
1 'SSA (A^2)'  8430 ? 
# 
_pdbx_struct_oper_list.id                   1 
_pdbx_struct_oper_list.type                 'identity operation' 
_pdbx_struct_oper_list.name                 1_555 
_pdbx_struct_oper_list.symmetry_operation   x,y,z 
_pdbx_struct_oper_list.matrix[1][1]         1.0000000000 
_pdbx_struct_oper_list.matrix[1][2]         0.0000000000 
_pdbx_struct_oper_list.matrix[1][3]         0.0000000000 
_pdbx_struct_oper_list.vector[1]            0.0000000000 
_pdbx_struct_oper_list.matrix[2][1]         0.0000000000 
_pdbx_struct_oper_list.matrix[2][2]         1.0000000000 
_pdbx_struct_oper_list.matrix[2][3]         0.0000000000 
_pdbx_struct_oper_list.vector[2]            0.0000000000 
_pdbx_struct_oper_list.matrix[3][1]         0.0000000000 
_pdbx_struct_oper_list.matrix[3][2]         0.0000000000 
_pdbx_struct_oper_list.matrix[3][3]         1.0000000000 
_pdbx_struct_oper_list.vector[3]            0.0000000000 
# 
loop_
_pdbx_audit_revision_history.ordinal 
_pdbx_audit_revision_history.data_content_type 
_pdbx_audit_revision_history.major_revision 
_pdbx_audit_revision_history.minor_revision 
_pdbx_audit_revision_history.revision_date 
1 'Structure model' 1 0 2012-12-12 
2 'Structure model' 1 1 2013-02-27 
3 'Structure model' 1 2 2017-11-15 
4 'Structure model' 1 3 2023-09-20 
# 
_pdbx_audit_revision_details.ordinal             1 
_pdbx_audit_revision_details.revision_ordinal    1 
_pdbx_audit_revision_details.data_content_type   'Structure model' 
_pdbx_audit_revision_details.provider            repository 
_pdbx_audit_revision_details.type                'Initial release' 
_pdbx_audit_revision_details.description         ? 
_pdbx_audit_revision_details.details             ? 
# 
loop_
_pdbx_audit_revision_group.ordinal 
_pdbx_audit_revision_group.revision_ordinal 
_pdbx_audit_revision_group.data_content_type 
_pdbx_audit_revision_group.group 
1 2 'Structure model' 'Database references'    
2 3 'Structure model' Advisory                 
3 3 'Structure model' 'Refinement description' 
4 4 'Structure model' Advisory                 
5 4 'Structure model' 'Data collection'        
6 4 'Structure model' 'Database references'    
7 4 'Structure model' 'Refinement description' 
# 
loop_
_pdbx_audit_revision_category.ordinal 
_pdbx_audit_revision_category.revision_ordinal 
_pdbx_audit_revision_category.data_content_type 
_pdbx_audit_revision_category.category 
1 3 'Structure model' pdbx_unobs_or_zero_occ_atoms  
2 3 'Structure model' software                      
3 4 'Structure model' chem_comp_atom                
4 4 'Structure model' chem_comp_bond                
5 4 'Structure model' database_2                    
6 4 'Structure model' pdbx_initial_refinement_model 
7 4 'Structure model' pdbx_unobs_or_zero_occ_atoms  
8 4 'Structure model' struct_ref_seq_dif            
# 
loop_
_pdbx_audit_revision_item.ordinal 
_pdbx_audit_revision_item.revision_ordinal 
_pdbx_audit_revision_item.data_content_type 
_pdbx_audit_revision_item.item 
1 4 'Structure model' '_database_2.pdbx_DOI'                
2 4 'Structure model' '_database_2.pdbx_database_accession' 
3 4 'Structure model' '_struct_ref_seq_dif.details'         
# 
loop_
_software.pdbx_ordinal 
_software.name 
_software.version 
_software.date 
_software.type 
_software.contact_author 
_software.contact_author_email 
_software.classification 
_software.location 
_software.language 
_software.citation_id 
1 DENZO       .       ?                package 'Zbyszek Otwinowski' hkl@hkl-xray.com         'data reduction'  
http://www.hkl-xray.com/                  ?   ? 
2 SCALEPACK   .       ?                package 'Zbyszek Otwinowski' hkl@hkl-xray.com         'data scaling'    
http://www.hkl-xray.com/                  ?   ? 
3 PHENIX      1.7_650 ?                package 'Paul D. Adams'      PDAdams@lbl.gov          refinement        
http://www.phenix-online.org/             C++ ? 
4 PDB_EXTRACT 3.11    'April 22, 2011' package PDB                  deposit@deposit.rcsb.org 'data extraction' 
http://sw-tools.pdb.org/apps/PDB_EXTRACT/ C++ ? 
5 HKL-2000    .       ?                ?       ?                    ?                        'data collection' ? ?   ? 
6 HKL-2000    .       ?                ?       ?                    ?                        'data reduction'  ? ?   ? 
7 HKL-2000    .       ?                ?       ?                    ?                        'data scaling'    ? ?   ? 
8 PHENIX      1.7_650 ?                ?       ?                    ?                        phasing           ? ?   ? 
# 
loop_
_pdbx_validate_close_contact.id 
_pdbx_validate_close_contact.PDB_model_num 
_pdbx_validate_close_contact.auth_atom_id_1 
_pdbx_validate_close_contact.auth_asym_id_1 
_pdbx_validate_close_contact.auth_comp_id_1 
_pdbx_validate_close_contact.auth_seq_id_1 
_pdbx_validate_close_contact.PDB_ins_code_1 
_pdbx_validate_close_contact.label_alt_id_1 
_pdbx_validate_close_contact.auth_atom_id_2 
_pdbx_validate_close_contact.auth_asym_id_2 
_pdbx_validate_close_contact.auth_comp_id_2 
_pdbx_validate_close_contact.auth_seq_id_2 
_pdbx_validate_close_contact.PDB_ins_code_2 
_pdbx_validate_close_contact.label_alt_id_2 
_pdbx_validate_close_contact.dist 
1 1 O   A HOH 289 ? ? O  A HOH 332 ? ? 1.87 
2 1 OD1 A ASN 117 ? ? O  A HOH 279 ? ? 2.00 
3 1 O   A HOH 231 ? ? O  A HOH 350 ? ? 2.03 
4 1 OP2 B DG  8   ? ? O  B HOH 110 ? ? 2.12 
5 1 O   B HOH 116 ? ? O  B HOH 121 ? ? 2.13 
6 1 O   A HOH 255 ? ? O  B HOH 122 ? ? 2.13 
7 1 O   A ARG 57  ? ? NE A ARG 59  ? ? 2.19 
# 
_pdbx_validate_symm_contact.id                1 
_pdbx_validate_symm_contact.PDB_model_num     1 
_pdbx_validate_symm_contact.auth_atom_id_1    O 
_pdbx_validate_symm_contact.auth_asym_id_1    A 
_pdbx_validate_symm_contact.auth_comp_id_1    HOH 
_pdbx_validate_symm_contact.auth_seq_id_1     268 
_pdbx_validate_symm_contact.PDB_ins_code_1    ? 
_pdbx_validate_symm_contact.label_alt_id_1    ? 
_pdbx_validate_symm_contact.site_symmetry_1   1_555 
_pdbx_validate_symm_contact.auth_atom_id_2    O 
_pdbx_validate_symm_contact.auth_asym_id_2    A 
_pdbx_validate_symm_contact.auth_comp_id_2    HOH 
_pdbx_validate_symm_contact.auth_seq_id_2     290 
_pdbx_validate_symm_contact.PDB_ins_code_2    ? 
_pdbx_validate_symm_contact.label_alt_id_2    ? 
_pdbx_validate_symm_contact.site_symmetry_2   2_565 
_pdbx_validate_symm_contact.dist              2.12 
# 
_pdbx_validate_rmsd_angle.id                         1 
_pdbx_validate_rmsd_angle.PDB_model_num              1 
_pdbx_validate_rmsd_angle.auth_atom_id_1             "O4'" 
_pdbx_validate_rmsd_angle.auth_asym_id_1             B 
_pdbx_validate_rmsd_angle.auth_comp_id_1             DG 
_pdbx_validate_rmsd_angle.auth_seq_id_1              2 
_pdbx_validate_rmsd_angle.PDB_ins_code_1             ? 
_pdbx_validate_rmsd_angle.label_alt_id_1             ? 
_pdbx_validate_rmsd_angle.auth_atom_id_2             "C1'" 
_pdbx_validate_rmsd_angle.auth_asym_id_2             B 
_pdbx_validate_rmsd_angle.auth_comp_id_2             DG 
_pdbx_validate_rmsd_angle.auth_seq_id_2              2 
_pdbx_validate_rmsd_angle.PDB_ins_code_2             ? 
_pdbx_validate_rmsd_angle.label_alt_id_2             ? 
_pdbx_validate_rmsd_angle.auth_atom_id_3             N9 
_pdbx_validate_rmsd_angle.auth_asym_id_3             B 
_pdbx_validate_rmsd_angle.auth_comp_id_3             DG 
_pdbx_validate_rmsd_angle.auth_seq_id_3              2 
_pdbx_validate_rmsd_angle.PDB_ins_code_3             ? 
_pdbx_validate_rmsd_angle.label_alt_id_3             ? 
_pdbx_validate_rmsd_angle.angle_value                110.71 
_pdbx_validate_rmsd_angle.angle_target_value         108.30 
_pdbx_validate_rmsd_angle.angle_deviation            2.41 
_pdbx_validate_rmsd_angle.angle_standard_deviation   0.30 
_pdbx_validate_rmsd_angle.linker_flag                N 
# 
loop_
_pdbx_validate_torsion.id 
_pdbx_validate_torsion.PDB_model_num 
_pdbx_validate_torsion.auth_comp_id 
_pdbx_validate_torsion.auth_asym_id 
_pdbx_validate_torsion.auth_seq_id 
_pdbx_validate_torsion.PDB_ins_code 
_pdbx_validate_torsion.label_alt_id 
_pdbx_validate_torsion.phi 
_pdbx_validate_torsion.psi 
1 1 ASP A 73  ? ? 53.95   -123.34 
2 1 TYR A 82  ? ? -140.81 -54.68  
3 1 ASP A 111 ? ? -157.57 69.35   
# 
loop_
_pdbx_unobs_or_zero_occ_atoms.id 
_pdbx_unobs_or_zero_occ_atoms.PDB_model_num 
_pdbx_unobs_or_zero_occ_atoms.polymer_flag 
_pdbx_unobs_or_zero_occ_atoms.occupancy_flag 
_pdbx_unobs_or_zero_occ_atoms.auth_asym_id 
_pdbx_unobs_or_zero_occ_atoms.auth_comp_id 
_pdbx_unobs_or_zero_occ_atoms.auth_seq_id 
_pdbx_unobs_or_zero_occ_atoms.PDB_ins_code 
_pdbx_unobs_or_zero_occ_atoms.auth_atom_id 
_pdbx_unobs_or_zero_occ_atoms.label_alt_id 
_pdbx_unobs_or_zero_occ_atoms.label_asym_id 
_pdbx_unobs_or_zero_occ_atoms.label_comp_id 
_pdbx_unobs_or_zero_occ_atoms.label_seq_id 
_pdbx_unobs_or_zero_occ_atoms.label_atom_id 
1 1 Y 0 A ASP 3 ? CB  ? A ASP 3 CB  
2 1 Y 0 A ASP 3 ? CG  ? A ASP 3 CG  
3 1 Y 0 A ASP 3 ? OD1 ? A ASP 3 OD1 
4 1 Y 0 A ASP 3 ? OD2 ? A ASP 3 OD2 
# 
loop_
_pdbx_unobs_or_zero_occ_residues.id 
_pdbx_unobs_or_zero_occ_residues.PDB_model_num 
_pdbx_unobs_or_zero_occ_residues.polymer_flag 
_pdbx_unobs_or_zero_occ_residues.occupancy_flag 
_pdbx_unobs_or_zero_occ_residues.auth_asym_id 
_pdbx_unobs_or_zero_occ_residues.auth_comp_id 
_pdbx_unobs_or_zero_occ_residues.auth_seq_id 
_pdbx_unobs_or_zero_occ_residues.PDB_ins_code 
_pdbx_unobs_or_zero_occ_residues.label_asym_id 
_pdbx_unobs_or_zero_occ_residues.label_comp_id 
_pdbx_unobs_or_zero_occ_residues.label_seq_id 
1 1 Y 1 A MET 1   ? A MET 1   
2 1 Y 1 A SER 2   ? A SER 2   
3 1 Y 1 A GLN 142 ? A GLN 142 
4 1 Y 1 A ASN 143 ? A ASN 143 
# 
loop_
_chem_comp_atom.comp_id 
_chem_comp_atom.atom_id 
_chem_comp_atom.type_symbol 
_chem_comp_atom.pdbx_aromatic_flag 
_chem_comp_atom.pdbx_stereo_config 
_chem_comp_atom.pdbx_ordinal 
ALA N      N N N 1   
ALA CA     C N S 2   
ALA C      C N N 3   
ALA O      O N N 4   
ALA CB     C N N 5   
ALA OXT    O N N 6   
ALA H      H N N 7   
ALA H2     H N N 8   
ALA HA     H N N 9   
ALA HB1    H N N 10  
ALA HB2    H N N 11  
ALA HB3    H N N 12  
ALA HXT    H N N 13  
ARG N      N N N 14  
ARG CA     C N S 15  
ARG C      C N N 16  
ARG O      O N N 17  
ARG CB     C N N 18  
ARG CG     C N N 19  
ARG CD     C N N 20  
ARG NE     N N N 21  
ARG CZ     C N N 22  
ARG NH1    N N N 23  
ARG NH2    N N N 24  
ARG OXT    O N N 25  
ARG H      H N N 26  
ARG H2     H N N 27  
ARG HA     H N N 28  
ARG HB2    H N N 29  
ARG HB3    H N N 30  
ARG HG2    H N N 31  
ARG HG3    H N N 32  
ARG HD2    H N N 33  
ARG HD3    H N N 34  
ARG HE     H N N 35  
ARG HH11   H N N 36  
ARG HH12   H N N 37  
ARG HH21   H N N 38  
ARG HH22   H N N 39  
ARG HXT    H N N 40  
ASN N      N N N 41  
ASN CA     C N S 42  
ASN C      C N N 43  
ASN O      O N N 44  
ASN CB     C N N 45  
ASN CG     C N N 46  
ASN OD1    O N N 47  
ASN ND2    N N N 48  
ASN OXT    O N N 49  
ASN H      H N N 50  
ASN H2     H N N 51  
ASN HA     H N N 52  
ASN HB2    H N N 53  
ASN HB3    H N N 54  
ASN HD21   H N N 55  
ASN HD22   H N N 56  
ASN HXT    H N N 57  
ASP N      N N N 58  
ASP CA     C N S 59  
ASP C      C N N 60  
ASP O      O N N 61  
ASP CB     C N N 62  
ASP CG     C N N 63  
ASP OD1    O N N 64  
ASP OD2    O N N 65  
ASP OXT    O N N 66  
ASP H      H N N 67  
ASP H2     H N N 68  
ASP HA     H N N 69  
ASP HB2    H N N 70  
ASP HB3    H N N 71  
ASP HD2    H N N 72  
ASP HXT    H N N 73  
CYS N      N N N 74  
CYS CA     C N R 75  
CYS C      C N N 76  
CYS O      O N N 77  
CYS CB     C N N 78  
CYS SG     S N N 79  
CYS OXT    O N N 80  
CYS H      H N N 81  
CYS H2     H N N 82  
CYS HA     H N N 83  
CYS HB2    H N N 84  
CYS HB3    H N N 85  
CYS HG     H N N 86  
CYS HXT    H N N 87  
DA  OP3    O N N 88  
DA  P      P N N 89  
DA  OP1    O N N 90  
DA  OP2    O N N 91  
DA  "O5'"  O N N 92  
DA  "C5'"  C N N 93  
DA  "C4'"  C N R 94  
DA  "O4'"  O N N 95  
DA  "C3'"  C N S 96  
DA  "O3'"  O N N 97  
DA  "C2'"  C N N 98  
DA  "C1'"  C N R 99  
DA  N9     N Y N 100 
DA  C8     C Y N 101 
DA  N7     N Y N 102 
DA  C5     C Y N 103 
DA  C6     C Y N 104 
DA  N6     N N N 105 
DA  N1     N Y N 106 
DA  C2     C Y N 107 
DA  N3     N Y N 108 
DA  C4     C Y N 109 
DA  HOP3   H N N 110 
DA  HOP2   H N N 111 
DA  "H5'"  H N N 112 
DA  "H5''" H N N 113 
DA  "H4'"  H N N 114 
DA  "H3'"  H N N 115 
DA  "HO3'" H N N 116 
DA  "H2'"  H N N 117 
DA  "H2''" H N N 118 
DA  "H1'"  H N N 119 
DA  H8     H N N 120 
DA  H61    H N N 121 
DA  H62    H N N 122 
DA  H2     H N N 123 
DC  OP3    O N N 124 
DC  P      P N N 125 
DC  OP1    O N N 126 
DC  OP2    O N N 127 
DC  "O5'"  O N N 128 
DC  "C5'"  C N N 129 
DC  "C4'"  C N R 130 
DC  "O4'"  O N N 131 
DC  "C3'"  C N S 132 
DC  "O3'"  O N N 133 
DC  "C2'"  C N N 134 
DC  "C1'"  C N R 135 
DC  N1     N N N 136 
DC  C2     C N N 137 
DC  O2     O N N 138 
DC  N3     N N N 139 
DC  C4     C N N 140 
DC  N4     N N N 141 
DC  C5     C N N 142 
DC  C6     C N N 143 
DC  HOP3   H N N 144 
DC  HOP2   H N N 145 
DC  "H5'"  H N N 146 
DC  "H5''" H N N 147 
DC  "H4'"  H N N 148 
DC  "H3'"  H N N 149 
DC  "HO3'" H N N 150 
DC  "H2'"  H N N 151 
DC  "H2''" H N N 152 
DC  "H1'"  H N N 153 
DC  H41    H N N 154 
DC  H42    H N N 155 
DC  H5     H N N 156 
DC  H6     H N N 157 
DG  OP3    O N N 158 
DG  P      P N N 159 
DG  OP1    O N N 160 
DG  OP2    O N N 161 
DG  "O5'"  O N N 162 
DG  "C5'"  C N N 163 
DG  "C4'"  C N R 164 
DG  "O4'"  O N N 165 
DG  "C3'"  C N S 166 
DG  "O3'"  O N N 167 
DG  "C2'"  C N N 168 
DG  "C1'"  C N R 169 
DG  N9     N Y N 170 
DG  C8     C Y N 171 
DG  N7     N Y N 172 
DG  C5     C Y N 173 
DG  C6     C N N 174 
DG  O6     O N N 175 
DG  N1     N N N 176 
DG  C2     C N N 177 
DG  N2     N N N 178 
DG  N3     N N N 179 
DG  C4     C Y N 180 
DG  HOP3   H N N 181 
DG  HOP2   H N N 182 
DG  "H5'"  H N N 183 
DG  "H5''" H N N 184 
DG  "H4'"  H N N 185 
DG  "H3'"  H N N 186 
DG  "HO3'" H N N 187 
DG  "H2'"  H N N 188 
DG  "H2''" H N N 189 
DG  "H1'"  H N N 190 
DG  H8     H N N 191 
DG  H1     H N N 192 
DG  H21    H N N 193 
DG  H22    H N N 194 
DT  OP3    O N N 195 
DT  P      P N N 196 
DT  OP1    O N N 197 
DT  OP2    O N N 198 
DT  "O5'"  O N N 199 
DT  "C5'"  C N N 200 
DT  "C4'"  C N R 201 
DT  "O4'"  O N N 202 
DT  "C3'"  C N S 203 
DT  "O3'"  O N N 204 
DT  "C2'"  C N N 205 
DT  "C1'"  C N R 206 
DT  N1     N N N 207 
DT  C2     C N N 208 
DT  O2     O N N 209 
DT  N3     N N N 210 
DT  C4     C N N 211 
DT  O4     O N N 212 
DT  C5     C N N 213 
DT  C7     C N N 214 
DT  C6     C N N 215 
DT  HOP3   H N N 216 
DT  HOP2   H N N 217 
DT  "H5'"  H N N 218 
DT  "H5''" H N N 219 
DT  "H4'"  H N N 220 
DT  "H3'"  H N N 221 
DT  "HO3'" H N N 222 
DT  "H2'"  H N N 223 
DT  "H2''" H N N 224 
DT  "H1'"  H N N 225 
DT  H3     H N N 226 
DT  H71    H N N 227 
DT  H72    H N N 228 
DT  H73    H N N 229 
DT  H6     H N N 230 
GLN N      N N N 231 
GLN CA     C N S 232 
GLN C      C N N 233 
GLN O      O N N 234 
GLN CB     C N N 235 
GLN CG     C N N 236 
GLN CD     C N N 237 
GLN OE1    O N N 238 
GLN NE2    N N N 239 
GLN OXT    O N N 240 
GLN H      H N N 241 
GLN H2     H N N 242 
GLN HA     H N N 243 
GLN HB2    H N N 244 
GLN HB3    H N N 245 
GLN HG2    H N N 246 
GLN HG3    H N N 247 
GLN HE21   H N N 248 
GLN HE22   H N N 249 
GLN HXT    H N N 250 
GLU N      N N N 251 
GLU CA     C N S 252 
GLU C      C N N 253 
GLU O      O N N 254 
GLU CB     C N N 255 
GLU CG     C N N 256 
GLU CD     C N N 257 
GLU OE1    O N N 258 
GLU OE2    O N N 259 
GLU OXT    O N N 260 
GLU H      H N N 261 
GLU H2     H N N 262 
GLU HA     H N N 263 
GLU HB2    H N N 264 
GLU HB3    H N N 265 
GLU HG2    H N N 266 
GLU HG3    H N N 267 
GLU HE2    H N N 268 
GLU HXT    H N N 269 
GLY N      N N N 270 
GLY CA     C N N 271 
GLY C      C N N 272 
GLY O      O N N 273 
GLY OXT    O N N 274 
GLY H      H N N 275 
GLY H2     H N N 276 
GLY HA2    H N N 277 
GLY HA3    H N N 278 
GLY HXT    H N N 279 
HIS N      N N N 280 
HIS CA     C N S 281 
HIS C      C N N 282 
HIS O      O N N 283 
HIS CB     C N N 284 
HIS CG     C Y N 285 
HIS ND1    N Y N 286 
HIS CD2    C Y N 287 
HIS CE1    C Y N 288 
HIS NE2    N Y N 289 
HIS OXT    O N N 290 
HIS H      H N N 291 
HIS H2     H N N 292 
HIS HA     H N N 293 
HIS HB2    H N N 294 
HIS HB3    H N N 295 
HIS HD1    H N N 296 
HIS HD2    H N N 297 
HIS HE1    H N N 298 
HIS HE2    H N N 299 
HIS HXT    H N N 300 
HOH O      O N N 301 
HOH H1     H N N 302 
HOH H2     H N N 303 
ILE N      N N N 304 
ILE CA     C N S 305 
ILE C      C N N 306 
ILE O      O N N 307 
ILE CB     C N S 308 
ILE CG1    C N N 309 
ILE CG2    C N N 310 
ILE CD1    C N N 311 
ILE OXT    O N N 312 
ILE H      H N N 313 
ILE H2     H N N 314 
ILE HA     H N N 315 
ILE HB     H N N 316 
ILE HG12   H N N 317 
ILE HG13   H N N 318 
ILE HG21   H N N 319 
ILE HG22   H N N 320 
ILE HG23   H N N 321 
ILE HD11   H N N 322 
ILE HD12   H N N 323 
ILE HD13   H N N 324 
ILE HXT    H N N 325 
LEU N      N N N 326 
LEU CA     C N S 327 
LEU C      C N N 328 
LEU O      O N N 329 
LEU CB     C N N 330 
LEU CG     C N N 331 
LEU CD1    C N N 332 
LEU CD2    C N N 333 
LEU OXT    O N N 334 
LEU H      H N N 335 
LEU H2     H N N 336 
LEU HA     H N N 337 
LEU HB2    H N N 338 
LEU HB3    H N N 339 
LEU HG     H N N 340 
LEU HD11   H N N 341 
LEU HD12   H N N 342 
LEU HD13   H N N 343 
LEU HD21   H N N 344 
LEU HD22   H N N 345 
LEU HD23   H N N 346 
LEU HXT    H N N 347 
LYS N      N N N 348 
LYS CA     C N S 349 
LYS C      C N N 350 
LYS O      O N N 351 
LYS CB     C N N 352 
LYS CG     C N N 353 
LYS CD     C N N 354 
LYS CE     C N N 355 
LYS NZ     N N N 356 
LYS OXT    O N N 357 
LYS H      H N N 358 
LYS H2     H N N 359 
LYS HA     H N N 360 
LYS HB2    H N N 361 
LYS HB3    H N N 362 
LYS HG2    H N N 363 
LYS HG3    H N N 364 
LYS HD2    H N N 365 
LYS HD3    H N N 366 
LYS HE2    H N N 367 
LYS HE3    H N N 368 
LYS HZ1    H N N 369 
LYS HZ2    H N N 370 
LYS HZ3    H N N 371 
LYS HXT    H N N 372 
MET N      N N N 373 
MET CA     C N S 374 
MET C      C N N 375 
MET O      O N N 376 
MET CB     C N N 377 
MET CG     C N N 378 
MET SD     S N N 379 
MET CE     C N N 380 
MET OXT    O N N 381 
MET H      H N N 382 
MET H2     H N N 383 
MET HA     H N N 384 
MET HB2    H N N 385 
MET HB3    H N N 386 
MET HG2    H N N 387 
MET HG3    H N N 388 
MET HE1    H N N 389 
MET HE2    H N N 390 
MET HE3    H N N 391 
MET HXT    H N N 392 
PHE N      N N N 393 
PHE CA     C N S 394 
PHE C      C N N 395 
PHE O      O N N 396 
PHE CB     C N N 397 
PHE CG     C Y N 398 
PHE CD1    C Y N 399 
PHE CD2    C Y N 400 
PHE CE1    C Y N 401 
PHE CE2    C Y N 402 
PHE CZ     C Y N 403 
PHE OXT    O N N 404 
PHE H      H N N 405 
PHE H2     H N N 406 
PHE HA     H N N 407 
PHE HB2    H N N 408 
PHE HB3    H N N 409 
PHE HD1    H N N 410 
PHE HD2    H N N 411 
PHE HE1    H N N 412 
PHE HE2    H N N 413 
PHE HZ     H N N 414 
PHE HXT    H N N 415 
PRO N      N N N 416 
PRO CA     C N S 417 
PRO C      C N N 418 
PRO O      O N N 419 
PRO CB     C N N 420 
PRO CG     C N N 421 
PRO CD     C N N 422 
PRO OXT    O N N 423 
PRO H      H N N 424 
PRO HA     H N N 425 
PRO HB2    H N N 426 
PRO HB3    H N N 427 
PRO HG2    H N N 428 
PRO HG3    H N N 429 
PRO HD2    H N N 430 
PRO HD3    H N N 431 
PRO HXT    H N N 432 
SER N      N N N 433 
SER CA     C N S 434 
SER C      C N N 435 
SER O      O N N 436 
SER CB     C N N 437 
SER OG     O N N 438 
SER OXT    O N N 439 
SER H      H N N 440 
SER H2     H N N 441 
SER HA     H N N 442 
SER HB2    H N N 443 
SER HB3    H N N 444 
SER HG     H N N 445 
SER HXT    H N N 446 
THR N      N N N 447 
THR CA     C N S 448 
THR C      C N N 449 
THR O      O N N 450 
THR CB     C N R 451 
THR OG1    O N N 452 
THR CG2    C N N 453 
THR OXT    O N N 454 
THR H      H N N 455 
THR H2     H N N 456 
THR HA     H N N 457 
THR HB     H N N 458 
THR HG1    H N N 459 
THR HG21   H N N 460 
THR HG22   H N N 461 
THR HG23   H N N 462 
THR HXT    H N N 463 
TRP N      N N N 464 
TRP CA     C N S 465 
TRP C      C N N 466 
TRP O      O N N 467 
TRP CB     C N N 468 
TRP CG     C Y N 469 
TRP CD1    C Y N 470 
TRP CD2    C Y N 471 
TRP NE1    N Y N 472 
TRP CE2    C Y N 473 
TRP CE3    C Y N 474 
TRP CZ2    C Y N 475 
TRP CZ3    C Y N 476 
TRP CH2    C Y N 477 
TRP OXT    O N N 478 
TRP H      H N N 479 
TRP H2     H N N 480 
TRP HA     H N N 481 
TRP HB2    H N N 482 
TRP HB3    H N N 483 
TRP HD1    H N N 484 
TRP HE1    H N N 485 
TRP HE3    H N N 486 
TRP HZ2    H N N 487 
TRP HZ3    H N N 488 
TRP HH2    H N N 489 
TRP HXT    H N N 490 
TYR N      N N N 491 
TYR CA     C N S 492 
TYR C      C N N 493 
TYR O      O N N 494 
TYR CB     C N N 495 
TYR CG     C Y N 496 
TYR CD1    C Y N 497 
TYR CD2    C Y N 498 
TYR CE1    C Y N 499 
TYR CE2    C Y N 500 
TYR CZ     C Y N 501 
TYR OH     O N N 502 
TYR OXT    O N N 503 
TYR H      H N N 504 
TYR H2     H N N 505 
TYR HA     H N N 506 
TYR HB2    H N N 507 
TYR HB3    H N N 508 
TYR HD1    H N N 509 
TYR HD2    H N N 510 
TYR HE1    H N N 511 
TYR HE2    H N N 512 
TYR HH     H N N 513 
TYR HXT    H N N 514 
VAL N      N N N 515 
VAL CA     C N S 516 
VAL C      C N N 517 
VAL O      O N N 518 
VAL CB     C N N 519 
VAL CG1    C N N 520 
VAL CG2    C N N 521 
VAL OXT    O N N 522 
VAL H      H N N 523 
VAL H2     H N N 524 
VAL HA     H N N 525 
VAL HB     H N N 526 
VAL HG11   H N N 527 
VAL HG12   H N N 528 
VAL HG13   H N N 529 
VAL HG21   H N N 530 
VAL HG22   H N N 531 
VAL HG23   H N N 532 
VAL HXT    H N N 533 
# 
loop_
_chem_comp_bond.comp_id 
_chem_comp_bond.atom_id_1 
_chem_comp_bond.atom_id_2 
_chem_comp_bond.value_order 
_chem_comp_bond.pdbx_aromatic_flag 
_chem_comp_bond.pdbx_stereo_config 
_chem_comp_bond.pdbx_ordinal 
ALA N     CA     sing N N 1   
ALA N     H      sing N N 2   
ALA N     H2     sing N N 3   
ALA CA    C      sing N N 4   
ALA CA    CB     sing N N 5   
ALA CA    HA     sing N N 6   
ALA C     O      doub N N 7   
ALA C     OXT    sing N N 8   
ALA CB    HB1    sing N N 9   
ALA CB    HB2    sing N N 10  
ALA CB    HB3    sing N N 11  
ALA OXT   HXT    sing N N 12  
ARG N     CA     sing N N 13  
ARG N     H      sing N N 14  
ARG N     H2     sing N N 15  
ARG CA    C      sing N N 16  
ARG CA    CB     sing N N 17  
ARG CA    HA     sing N N 18  
ARG C     O      doub N N 19  
ARG C     OXT    sing N N 20  
ARG CB    CG     sing N N 21  
ARG CB    HB2    sing N N 22  
ARG CB    HB3    sing N N 23  
ARG CG    CD     sing N N 24  
ARG CG    HG2    sing N N 25  
ARG CG    HG3    sing N N 26  
ARG CD    NE     sing N N 27  
ARG CD    HD2    sing N N 28  
ARG CD    HD3    sing N N 29  
ARG NE    CZ     sing N N 30  
ARG NE    HE     sing N N 31  
ARG CZ    NH1    sing N N 32  
ARG CZ    NH2    doub N N 33  
ARG NH1   HH11   sing N N 34  
ARG NH1   HH12   sing N N 35  
ARG NH2   HH21   sing N N 36  
ARG NH2   HH22   sing N N 37  
ARG OXT   HXT    sing N N 38  
ASN N     CA     sing N N 39  
ASN N     H      sing N N 40  
ASN N     H2     sing N N 41  
ASN CA    C      sing N N 42  
ASN CA    CB     sing N N 43  
ASN CA    HA     sing N N 44  
ASN C     O      doub N N 45  
ASN C     OXT    sing N N 46  
ASN CB    CG     sing N N 47  
ASN CB    HB2    sing N N 48  
ASN CB    HB3    sing N N 49  
ASN CG    OD1    doub N N 50  
ASN CG    ND2    sing N N 51  
ASN ND2   HD21   sing N N 52  
ASN ND2   HD22   sing N N 53  
ASN OXT   HXT    sing N N 54  
ASP N     CA     sing N N 55  
ASP N     H      sing N N 56  
ASP N     H2     sing N N 57  
ASP CA    C      sing N N 58  
ASP CA    CB     sing N N 59  
ASP CA    HA     sing N N 60  
ASP C     O      doub N N 61  
ASP C     OXT    sing N N 62  
ASP CB    CG     sing N N 63  
ASP CB    HB2    sing N N 64  
ASP CB    HB3    sing N N 65  
ASP CG    OD1    doub N N 66  
ASP CG    OD2    sing N N 67  
ASP OD2   HD2    sing N N 68  
ASP OXT   HXT    sing N N 69  
CYS N     CA     sing N N 70  
CYS N     H      sing N N 71  
CYS N     H2     sing N N 72  
CYS CA    C      sing N N 73  
CYS CA    CB     sing N N 74  
CYS CA    HA     sing N N 75  
CYS C     O      doub N N 76  
CYS C     OXT    sing N N 77  
CYS CB    SG     sing N N 78  
CYS CB    HB2    sing N N 79  
CYS CB    HB3    sing N N 80  
CYS SG    HG     sing N N 81  
CYS OXT   HXT    sing N N 82  
DA  OP3   P      sing N N 83  
DA  OP3   HOP3   sing N N 84  
DA  P     OP1    doub N N 85  
DA  P     OP2    sing N N 86  
DA  P     "O5'"  sing N N 87  
DA  OP2   HOP2   sing N N 88  
DA  "O5'" "C5'"  sing N N 89  
DA  "C5'" "C4'"  sing N N 90  
DA  "C5'" "H5'"  sing N N 91  
DA  "C5'" "H5''" sing N N 92  
DA  "C4'" "O4'"  sing N N 93  
DA  "C4'" "C3'"  sing N N 94  
DA  "C4'" "H4'"  sing N N 95  
DA  "O4'" "C1'"  sing N N 96  
DA  "C3'" "O3'"  sing N N 97  
DA  "C3'" "C2'"  sing N N 98  
DA  "C3'" "H3'"  sing N N 99  
DA  "O3'" "HO3'" sing N N 100 
DA  "C2'" "C1'"  sing N N 101 
DA  "C2'" "H2'"  sing N N 102 
DA  "C2'" "H2''" sing N N 103 
DA  "C1'" N9     sing N N 104 
DA  "C1'" "H1'"  sing N N 105 
DA  N9    C8     sing Y N 106 
DA  N9    C4     sing Y N 107 
DA  C8    N7     doub Y N 108 
DA  C8    H8     sing N N 109 
DA  N7    C5     sing Y N 110 
DA  C5    C6     sing Y N 111 
DA  C5    C4     doub Y N 112 
DA  C6    N6     sing N N 113 
DA  C6    N1     doub Y N 114 
DA  N6    H61    sing N N 115 
DA  N6    H62    sing N N 116 
DA  N1    C2     sing Y N 117 
DA  C2    N3     doub Y N 118 
DA  C2    H2     sing N N 119 
DA  N3    C4     sing Y N 120 
DC  OP3   P      sing N N 121 
DC  OP3   HOP3   sing N N 122 
DC  P     OP1    doub N N 123 
DC  P     OP2    sing N N 124 
DC  P     "O5'"  sing N N 125 
DC  OP2   HOP2   sing N N 126 
DC  "O5'" "C5'"  sing N N 127 
DC  "C5'" "C4'"  sing N N 128 
DC  "C5'" "H5'"  sing N N 129 
DC  "C5'" "H5''" sing N N 130 
DC  "C4'" "O4'"  sing N N 131 
DC  "C4'" "C3'"  sing N N 132 
DC  "C4'" "H4'"  sing N N 133 
DC  "O4'" "C1'"  sing N N 134 
DC  "C3'" "O3'"  sing N N 135 
DC  "C3'" "C2'"  sing N N 136 
DC  "C3'" "H3'"  sing N N 137 
DC  "O3'" "HO3'" sing N N 138 
DC  "C2'" "C1'"  sing N N 139 
DC  "C2'" "H2'"  sing N N 140 
DC  "C2'" "H2''" sing N N 141 
DC  "C1'" N1     sing N N 142 
DC  "C1'" "H1'"  sing N N 143 
DC  N1    C2     sing N N 144 
DC  N1    C6     sing N N 145 
DC  C2    O2     doub N N 146 
DC  C2    N3     sing N N 147 
DC  N3    C4     doub N N 148 
DC  C4    N4     sing N N 149 
DC  C4    C5     sing N N 150 
DC  N4    H41    sing N N 151 
DC  N4    H42    sing N N 152 
DC  C5    C6     doub N N 153 
DC  C5    H5     sing N N 154 
DC  C6    H6     sing N N 155 
DG  OP3   P      sing N N 156 
DG  OP3   HOP3   sing N N 157 
DG  P     OP1    doub N N 158 
DG  P     OP2    sing N N 159 
DG  P     "O5'"  sing N N 160 
DG  OP2   HOP2   sing N N 161 
DG  "O5'" "C5'"  sing N N 162 
DG  "C5'" "C4'"  sing N N 163 
DG  "C5'" "H5'"  sing N N 164 
DG  "C5'" "H5''" sing N N 165 
DG  "C4'" "O4'"  sing N N 166 
DG  "C4'" "C3'"  sing N N 167 
DG  "C4'" "H4'"  sing N N 168 
DG  "O4'" "C1'"  sing N N 169 
DG  "C3'" "O3'"  sing N N 170 
DG  "C3'" "C2'"  sing N N 171 
DG  "C3'" "H3'"  sing N N 172 
DG  "O3'" "HO3'" sing N N 173 
DG  "C2'" "C1'"  sing N N 174 
DG  "C2'" "H2'"  sing N N 175 
DG  "C2'" "H2''" sing N N 176 
DG  "C1'" N9     sing N N 177 
DG  "C1'" "H1'"  sing N N 178 
DG  N9    C8     sing Y N 179 
DG  N9    C4     sing Y N 180 
DG  C8    N7     doub Y N 181 
DG  C8    H8     sing N N 182 
DG  N7    C5     sing Y N 183 
DG  C5    C6     sing N N 184 
DG  C5    C4     doub Y N 185 
DG  C6    O6     doub N N 186 
DG  C6    N1     sing N N 187 
DG  N1    C2     sing N N 188 
DG  N1    H1     sing N N 189 
DG  C2    N2     sing N N 190 
DG  C2    N3     doub N N 191 
DG  N2    H21    sing N N 192 
DG  N2    H22    sing N N 193 
DG  N3    C4     sing N N 194 
DT  OP3   P      sing N N 195 
DT  OP3   HOP3   sing N N 196 
DT  P     OP1    doub N N 197 
DT  P     OP2    sing N N 198 
DT  P     "O5'"  sing N N 199 
DT  OP2   HOP2   sing N N 200 
DT  "O5'" "C5'"  sing N N 201 
DT  "C5'" "C4'"  sing N N 202 
DT  "C5'" "H5'"  sing N N 203 
DT  "C5'" "H5''" sing N N 204 
DT  "C4'" "O4'"  sing N N 205 
DT  "C4'" "C3'"  sing N N 206 
DT  "C4'" "H4'"  sing N N 207 
DT  "O4'" "C1'"  sing N N 208 
DT  "C3'" "O3'"  sing N N 209 
DT  "C3'" "C2'"  sing N N 210 
DT  "C3'" "H3'"  sing N N 211 
DT  "O3'" "HO3'" sing N N 212 
DT  "C2'" "C1'"  sing N N 213 
DT  "C2'" "H2'"  sing N N 214 
DT  "C2'" "H2''" sing N N 215 
DT  "C1'" N1     sing N N 216 
DT  "C1'" "H1'"  sing N N 217 
DT  N1    C2     sing N N 218 
DT  N1    C6     sing N N 219 
DT  C2    O2     doub N N 220 
DT  C2    N3     sing N N 221 
DT  N3    C4     sing N N 222 
DT  N3    H3     sing N N 223 
DT  C4    O4     doub N N 224 
DT  C4    C5     sing N N 225 
DT  C5    C7     sing N N 226 
DT  C5    C6     doub N N 227 
DT  C7    H71    sing N N 228 
DT  C7    H72    sing N N 229 
DT  C7    H73    sing N N 230 
DT  C6    H6     sing N N 231 
GLN N     CA     sing N N 232 
GLN N     H      sing N N 233 
GLN N     H2     sing N N 234 
GLN CA    C      sing N N 235 
GLN CA    CB     sing N N 236 
GLN CA    HA     sing N N 237 
GLN C     O      doub N N 238 
GLN C     OXT    sing N N 239 
GLN CB    CG     sing N N 240 
GLN CB    HB2    sing N N 241 
GLN CB    HB3    sing N N 242 
GLN CG    CD     sing N N 243 
GLN CG    HG2    sing N N 244 
GLN CG    HG3    sing N N 245 
GLN CD    OE1    doub N N 246 
GLN CD    NE2    sing N N 247 
GLN NE2   HE21   sing N N 248 
GLN NE2   HE22   sing N N 249 
GLN OXT   HXT    sing N N 250 
GLU N     CA     sing N N 251 
GLU N     H      sing N N 252 
GLU N     H2     sing N N 253 
GLU CA    C      sing N N 254 
GLU CA    CB     sing N N 255 
GLU CA    HA     sing N N 256 
GLU C     O      doub N N 257 
GLU C     OXT    sing N N 258 
GLU CB    CG     sing N N 259 
GLU CB    HB2    sing N N 260 
GLU CB    HB3    sing N N 261 
GLU CG    CD     sing N N 262 
GLU CG    HG2    sing N N 263 
GLU CG    HG3    sing N N 264 
GLU CD    OE1    doub N N 265 
GLU CD    OE2    sing N N 266 
GLU OE2   HE2    sing N N 267 
GLU OXT   HXT    sing N N 268 
GLY N     CA     sing N N 269 
GLY N     H      sing N N 270 
GLY N     H2     sing N N 271 
GLY CA    C      sing N N 272 
GLY CA    HA2    sing N N 273 
GLY CA    HA3    sing N N 274 
GLY C     O      doub N N 275 
GLY C     OXT    sing N N 276 
GLY OXT   HXT    sing N N 277 
HIS N     CA     sing N N 278 
HIS N     H      sing N N 279 
HIS N     H2     sing N N 280 
HIS CA    C      sing N N 281 
HIS CA    CB     sing N N 282 
HIS CA    HA     sing N N 283 
HIS C     O      doub N N 284 
HIS C     OXT    sing N N 285 
HIS CB    CG     sing N N 286 
HIS CB    HB2    sing N N 287 
HIS CB    HB3    sing N N 288 
HIS CG    ND1    sing Y N 289 
HIS CG    CD2    doub Y N 290 
HIS ND1   CE1    doub Y N 291 
HIS ND1   HD1    sing N N 292 
HIS CD2   NE2    sing Y N 293 
HIS CD2   HD2    sing N N 294 
HIS CE1   NE2    sing Y N 295 
HIS CE1   HE1    sing N N 296 
HIS NE2   HE2    sing N N 297 
HIS OXT   HXT    sing N N 298 
HOH O     H1     sing N N 299 
HOH O     H2     sing N N 300 
ILE N     CA     sing N N 301 
ILE N     H      sing N N 302 
ILE N     H2     sing N N 303 
ILE CA    C      sing N N 304 
ILE CA    CB     sing N N 305 
ILE CA    HA     sing N N 306 
ILE C     O      doub N N 307 
ILE C     OXT    sing N N 308 
ILE CB    CG1    sing N N 309 
ILE CB    CG2    sing N N 310 
ILE CB    HB     sing N N 311 
ILE CG1   CD1    sing N N 312 
ILE CG1   HG12   sing N N 313 
ILE CG1   HG13   sing N N 314 
ILE CG2   HG21   sing N N 315 
ILE CG2   HG22   sing N N 316 
ILE CG2   HG23   sing N N 317 
ILE CD1   HD11   sing N N 318 
ILE CD1   HD12   sing N N 319 
ILE CD1   HD13   sing N N 320 
ILE OXT   HXT    sing N N 321 
LEU N     CA     sing N N 322 
LEU N     H      sing N N 323 
LEU N     H2     sing N N 324 
LEU CA    C      sing N N 325 
LEU CA    CB     sing N N 326 
LEU CA    HA     sing N N 327 
LEU C     O      doub N N 328 
LEU C     OXT    sing N N 329 
LEU CB    CG     sing N N 330 
LEU CB    HB2    sing N N 331 
LEU CB    HB3    sing N N 332 
LEU CG    CD1    sing N N 333 
LEU CG    CD2    sing N N 334 
LEU CG    HG     sing N N 335 
LEU CD1   HD11   sing N N 336 
LEU CD1   HD12   sing N N 337 
LEU CD1   HD13   sing N N 338 
LEU CD2   HD21   sing N N 339 
LEU CD2   HD22   sing N N 340 
LEU CD2   HD23   sing N N 341 
LEU OXT   HXT    sing N N 342 
LYS N     CA     sing N N 343 
LYS N     H      sing N N 344 
LYS N     H2     sing N N 345 
LYS CA    C      sing N N 346 
LYS CA    CB     sing N N 347 
LYS CA    HA     sing N N 348 
LYS C     O      doub N N 349 
LYS C     OXT    sing N N 350 
LYS CB    CG     sing N N 351 
LYS CB    HB2    sing N N 352 
LYS CB    HB3    sing N N 353 
LYS CG    CD     sing N N 354 
LYS CG    HG2    sing N N 355 
LYS CG    HG3    sing N N 356 
LYS CD    CE     sing N N 357 
LYS CD    HD2    sing N N 358 
LYS CD    HD3    sing N N 359 
LYS CE    NZ     sing N N 360 
LYS CE    HE2    sing N N 361 
LYS CE    HE3    sing N N 362 
LYS NZ    HZ1    sing N N 363 
LYS NZ    HZ2    sing N N 364 
LYS NZ    HZ3    sing N N 365 
LYS OXT   HXT    sing N N 366 
MET N     CA     sing N N 367 
MET N     H      sing N N 368 
MET N     H2     sing N N 369 
MET CA    C      sing N N 370 
MET CA    CB     sing N N 371 
MET CA    HA     sing N N 372 
MET C     O      doub N N 373 
MET C     OXT    sing N N 374 
MET CB    CG     sing N N 375 
MET CB    HB2    sing N N 376 
MET CB    HB3    sing N N 377 
MET CG    SD     sing N N 378 
MET CG    HG2    sing N N 379 
MET CG    HG3    sing N N 380 
MET SD    CE     sing N N 381 
MET CE    HE1    sing N N 382 
MET CE    HE2    sing N N 383 
MET CE    HE3    sing N N 384 
MET OXT   HXT    sing N N 385 
PHE N     CA     sing N N 386 
PHE N     H      sing N N 387 
PHE N     H2     sing N N 388 
PHE CA    C      sing N N 389 
PHE CA    CB     sing N N 390 
PHE CA    HA     sing N N 391 
PHE C     O      doub N N 392 
PHE C     OXT    sing N N 393 
PHE CB    CG     sing N N 394 
PHE CB    HB2    sing N N 395 
PHE CB    HB3    sing N N 396 
PHE CG    CD1    doub Y N 397 
PHE CG    CD2    sing Y N 398 
PHE CD1   CE1    sing Y N 399 
PHE CD1   HD1    sing N N 400 
PHE CD2   CE2    doub Y N 401 
PHE CD2   HD2    sing N N 402 
PHE CE1   CZ     doub Y N 403 
PHE CE1   HE1    sing N N 404 
PHE CE2   CZ     sing Y N 405 
PHE CE2   HE2    sing N N 406 
PHE CZ    HZ     sing N N 407 
PHE OXT   HXT    sing N N 408 
PRO N     CA     sing N N 409 
PRO N     CD     sing N N 410 
PRO N     H      sing N N 411 
PRO CA    C      sing N N 412 
PRO CA    CB     sing N N 413 
PRO CA    HA     sing N N 414 
PRO C     O      doub N N 415 
PRO C     OXT    sing N N 416 
PRO CB    CG     sing N N 417 
PRO CB    HB2    sing N N 418 
PRO CB    HB3    sing N N 419 
PRO CG    CD     sing N N 420 
PRO CG    HG2    sing N N 421 
PRO CG    HG3    sing N N 422 
PRO CD    HD2    sing N N 423 
PRO CD    HD3    sing N N 424 
PRO OXT   HXT    sing N N 425 
SER N     CA     sing N N 426 
SER N     H      sing N N 427 
SER N     H2     sing N N 428 
SER CA    C      sing N N 429 
SER CA    CB     sing N N 430 
SER CA    HA     sing N N 431 
SER C     O      doub N N 432 
SER C     OXT    sing N N 433 
SER CB    OG     sing N N 434 
SER CB    HB2    sing N N 435 
SER CB    HB3    sing N N 436 
SER OG    HG     sing N N 437 
SER OXT   HXT    sing N N 438 
THR N     CA     sing N N 439 
THR N     H      sing N N 440 
THR N     H2     sing N N 441 
THR CA    C      sing N N 442 
THR CA    CB     sing N N 443 
THR CA    HA     sing N N 444 
THR C     O      doub N N 445 
THR C     OXT    sing N N 446 
THR CB    OG1    sing N N 447 
THR CB    CG2    sing N N 448 
THR CB    HB     sing N N 449 
THR OG1   HG1    sing N N 450 
THR CG2   HG21   sing N N 451 
THR CG2   HG22   sing N N 452 
THR CG2   HG23   sing N N 453 
THR OXT   HXT    sing N N 454 
TRP N     CA     sing N N 455 
TRP N     H      sing N N 456 
TRP N     H2     sing N N 457 
TRP CA    C      sing N N 458 
TRP CA    CB     sing N N 459 
TRP CA    HA     sing N N 460 
TRP C     O      doub N N 461 
TRP C     OXT    sing N N 462 
TRP CB    CG     sing N N 463 
TRP CB    HB2    sing N N 464 
TRP CB    HB3    sing N N 465 
TRP CG    CD1    doub Y N 466 
TRP CG    CD2    sing Y N 467 
TRP CD1   NE1    sing Y N 468 
TRP CD1   HD1    sing N N 469 
TRP CD2   CE2    doub Y N 470 
TRP CD2   CE3    sing Y N 471 
TRP NE1   CE2    sing Y N 472 
TRP NE1   HE1    sing N N 473 
TRP CE2   CZ2    sing Y N 474 
TRP CE3   CZ3    doub Y N 475 
TRP CE3   HE3    sing N N 476 
TRP CZ2   CH2    doub Y N 477 
TRP CZ2   HZ2    sing N N 478 
TRP CZ3   CH2    sing Y N 479 
TRP CZ3   HZ3    sing N N 480 
TRP CH2   HH2    sing N N 481 
TRP OXT   HXT    sing N N 482 
TYR N     CA     sing N N 483 
TYR N     H      sing N N 484 
TYR N     H2     sing N N 485 
TYR CA    C      sing N N 486 
TYR CA    CB     sing N N 487 
TYR CA    HA     sing N N 488 
TYR C     O      doub N N 489 
TYR C     OXT    sing N N 490 
TYR CB    CG     sing N N 491 
TYR CB    HB2    sing N N 492 
TYR CB    HB3    sing N N 493 
TYR CG    CD1    doub Y N 494 
TYR CG    CD2    sing Y N 495 
TYR CD1   CE1    sing Y N 496 
TYR CD1   HD1    sing N N 497 
TYR CD2   CE2    doub Y N 498 
TYR CD2   HD2    sing N N 499 
TYR CE1   CZ     doub Y N 500 
TYR CE1   HE1    sing N N 501 
TYR CE2   CZ     sing Y N 502 
TYR CE2   HE2    sing N N 503 
TYR CZ    OH     sing N N 504 
TYR OH    HH     sing N N 505 
TYR OXT   HXT    sing N N 506 
VAL N     CA     sing N N 507 
VAL N     H      sing N N 508 
VAL N     H2     sing N N 509 
VAL CA    C      sing N N 510 
VAL CA    CB     sing N N 511 
VAL CA    HA     sing N N 512 
VAL C     O      doub N N 513 
VAL C     OXT    sing N N 514 
VAL CB    CG1    sing N N 515 
VAL CB    CG2    sing N N 516 
VAL CB    HB     sing N N 517 
VAL CG1   HG11   sing N N 518 
VAL CG1   HG12   sing N N 519 
VAL CG1   HG13   sing N N 520 
VAL CG2   HG21   sing N N 521 
VAL CG2   HG22   sing N N 522 
VAL CG2   HG23   sing N N 523 
VAL OXT   HXT    sing N N 524 
# 
_ndb_struct_conf_na.entry_id   4HIO 
_ndb_struct_conf_na.feature    'double helix' 
# 
_ndb_struct_na_base_pair.model_number      1 
_ndb_struct_na_base_pair.i_label_asym_id   B 
_ndb_struct_na_base_pair.i_label_comp_id   DG 
_ndb_struct_na_base_pair.i_label_seq_id    2 
_ndb_struct_na_base_pair.i_symmetry        1_555 
_ndb_struct_na_base_pair.j_label_asym_id   B 
_ndb_struct_na_base_pair.j_label_comp_id   DA 
_ndb_struct_na_base_pair.j_label_seq_id    4 
_ndb_struct_na_base_pair.j_symmetry        1_555 
_ndb_struct_na_base_pair.shear             6.461 
_ndb_struct_na_base_pair.stretch           -3.616 
_ndb_struct_na_base_pair.stagger           1.145 
_ndb_struct_na_base_pair.buckle            59.477 
_ndb_struct_na_base_pair.propeller         5.232 
_ndb_struct_na_base_pair.opening           8.152 
_ndb_struct_na_base_pair.pair_number       1 
_ndb_struct_na_base_pair.pair_name         B_DG2:DA4_B 
_ndb_struct_na_base_pair.i_auth_asym_id    B 
_ndb_struct_na_base_pair.i_auth_seq_id     2 
_ndb_struct_na_base_pair.i_PDB_ins_code    ? 
_ndb_struct_na_base_pair.j_auth_asym_id    B 
_ndb_struct_na_base_pair.j_auth_seq_id     4 
_ndb_struct_na_base_pair.j_PDB_ins_code    ? 
_ndb_struct_na_base_pair.hbond_type_28     11 
_ndb_struct_na_base_pair.hbond_type_12     9 
# 
_pdbx_entity_nonpoly.entity_id   3 
_pdbx_entity_nonpoly.name        water 
_pdbx_entity_nonpoly.comp_id     HOH 
# 
_pdbx_initial_refinement_model.id               1 
_pdbx_initial_refinement_model.entity_id_list   ? 
_pdbx_initial_refinement_model.type             'experimental model' 
_pdbx_initial_refinement_model.source_name      PDB 
_pdbx_initial_refinement_model.accession_code   4HIK 
_pdbx_initial_refinement_model.details          ? 
# 
